data_6XFC
# 
_entry.id   6XFC 
# 
_audit_conform.dict_name       mmcif_pdbx.dic 
_audit_conform.dict_version    5.380 
_audit_conform.dict_location   http://mmcif.pdb.org/dictionaries/ascii/mmcif_pdbx.dic 
# 
loop_
_database_2.database_id 
_database_2.database_code 
_database_2.pdbx_database_accession 
_database_2.pdbx_DOI 
PDB   6XFC         pdb_00006xfc 10.2210/pdb6xfc/pdb 
WWPDB D_1000249235 ?            ?                   
# 
_pdbx_database_status.status_code                     REL 
_pdbx_database_status.status_code_sf                  REL 
_pdbx_database_status.status_code_mr                  ? 
_pdbx_database_status.entry_id                        6XFC 
_pdbx_database_status.recvd_initial_deposition_date   2020-06-15 
_pdbx_database_status.SG_entry                        N 
_pdbx_database_status.deposit_site                    RCSB 
_pdbx_database_status.process_site                    RCSB 
_pdbx_database_status.status_code_cs                  ? 
_pdbx_database_status.status_code_nmr_data            ? 
_pdbx_database_status.methods_development_category    ? 
_pdbx_database_status.pdb_format_compatible           Y 
# 
loop_
_audit_author.name 
_audit_author.pdbx_ordinal 
_audit_author.identifier_ORCID 
'Simmons, C.R.'      1 0000-0002-2290-6132 
'MacCulloch, T.'     2 0000-0001-5875-3361 
'Stephanopoulos, N.' 3 0000-0001-7859-410X 
'Yan, H.'            4 0000-0001-7397-9852 
# 
_citation.abstract                  ? 
_citation.abstract_id_CAS           ? 
_citation.book_id_ISBN              ? 
_citation.book_publisher            ? 
_citation.book_publisher_city       ? 
_citation.book_title                ? 
_citation.coordinate_linkage        ? 
_citation.country                   UK 
_citation.database_id_Medline       ? 
_citation.details                   ? 
_citation.id                        primary 
_citation.journal_abbrev            'Nat Commun' 
_citation.journal_id_ASTM           ? 
_citation.journal_id_CSD            ? 
_citation.journal_id_ISSN           2041-1723 
_citation.journal_full              ? 
_citation.journal_issue             ? 
_citation.journal_volume            13 
_citation.language                  ? 
_citation.page_first                3112 
_citation.page_last                 3112 
_citation.title                     'The influence of Holliday junction sequence and dynamics on DNA crystal self-assembly.' 
_citation.year                      2022 
_citation.database_id_CSD           ? 
_citation.pdbx_database_id_DOI      10.1038/s41467-022-30779-6 
_citation.pdbx_database_id_PubMed   35662248 
_citation.unpublished_flag          ? 
# 
loop_
_citation_author.citation_id 
_citation_author.name 
_citation_author.ordinal 
_citation_author.identifier_ORCID 
primary 'Simmons, C.R.'      1  ?                   
primary 'MacCulloch, T.'     2  ?                   
primary 'Krepl, M.'          3  0000-0002-9833-4281 
primary 'Matthies, M.'       4  ?                   
primary 'Buchberger, A.'     5  ?                   
primary 'Crawford, I.'       6  ?                   
primary 'Sponer, J.'         7  0000-0001-6558-6186 
primary 'Sulc, P.'           8  0000-0003-1565-6769 
primary 'Stephanopoulos, N.' 9  0000-0001-7859-410X 
primary 'Yan, H.'            10 0000-0001-7397-9852 
# 
_cell.angle_alpha                  90.000 
_cell.angle_alpha_esd              ? 
_cell.angle_beta                   90.000 
_cell.angle_beta_esd               ? 
_cell.angle_gamma                  120.000 
_cell.angle_gamma_esd              ? 
_cell.entry_id                     6XFC 
_cell.details                      ? 
_cell.formula_units_Z              ? 
_cell.length_a                     68.513 
_cell.length_a_esd                 ? 
_cell.length_b                     68.513 
_cell.length_b_esd                 ? 
_cell.length_c                     60.773 
_cell.length_c_esd                 ? 
_cell.volume                       ? 
_cell.volume_esd                   ? 
_cell.Z_PDB                        6 
_cell.reciprocal_angle_alpha       ? 
_cell.reciprocal_angle_beta        ? 
_cell.reciprocal_angle_gamma       ? 
_cell.reciprocal_angle_alpha_esd   ? 
_cell.reciprocal_angle_beta_esd    ? 
_cell.reciprocal_angle_gamma_esd   ? 
_cell.reciprocal_length_a          ? 
_cell.reciprocal_length_b          ? 
_cell.reciprocal_length_c          ? 
_cell.reciprocal_length_a_esd      ? 
_cell.reciprocal_length_b_esd      ? 
_cell.reciprocal_length_c_esd      ? 
_cell.pdbx_unique_axis             ? 
# 
_symmetry.entry_id                         6XFC 
_symmetry.cell_setting                     ? 
_symmetry.Int_Tables_number                154 
_symmetry.space_group_name_Hall            ? 
_symmetry.space_group_name_H-M             'P 32 2 1' 
_symmetry.pdbx_full_space_group_name_H-M   ? 
# 
loop_
_entity.id 
_entity.type 
_entity.src_method 
_entity.pdbx_description 
_entity.formula_weight 
_entity.pdbx_number_of_molecules 
_entity.pdbx_ec 
_entity.pdbx_mutation 
_entity.pdbx_fragment 
_entity.details 
1 polymer     syn 
;DNA (5'-D(*GP*AP*GP*CP*AP*GP*AP*CP*GP*AP*G)-3')
;
3432.262 1 ? ? ? ? 
2 polymer     syn 
;DNA (5'-D(P*AP*CP*TP*CP*CP*AP*CP*TP*CP*A)-3')
;
2948.958 1 ? ? ? ? 
3 polymer     syn 
;DNA (5'-D(P*CP*TP*AP*GP*T)-3')
;
1495.023 1 ? ? ? ? 
4 polymer     syn 
;DNA (5'-D(*TP*CP*TP*GP*AP*GP*TP*GP*GP*CP*GP*TP*CP*TP*GP*C)-3')
;
4921.175 1 ? ? ? ? 
5 non-polymer syn 'CACODYLATE ION'                                                 136.989  3 ? ? ? ? 
# 
loop_
_entity_poly.entity_id 
_entity_poly.type 
_entity_poly.nstd_linkage 
_entity_poly.nstd_monomer 
_entity_poly.pdbx_seq_one_letter_code 
_entity_poly.pdbx_seq_one_letter_code_can 
_entity_poly.pdbx_strand_id 
_entity_poly.pdbx_target_identifier 
1 polydeoxyribonucleotide no no '(DG)(DA)(DG)(DC)(DA)(DG)(DA)(DC)(DG)(DA)(DG)'                     GAGCAGACGAG      A ? 
2 polydeoxyribonucleotide no no '(DA)(DC)(DT)(DC)(DC)(DA)(DC)(DT)(DC)(DA)'                         ACTCCACTCA       B ? 
3 polydeoxyribonucleotide no no '(DC)(DT)(DA)(DG)(DT)'                                             CTAGT            C ? 
4 polydeoxyribonucleotide no no '(DT)(DC)(DT)(DG)(DA)(DG)(DT)(DG)(DG)(DC)(DG)(DT)(DC)(DT)(DG)(DC)' TCTGAGTGGCGTCTGC D ? 
# 
loop_
_entity_poly_seq.entity_id 
_entity_poly_seq.num 
_entity_poly_seq.mon_id 
_entity_poly_seq.hetero 
1 1  DG n 
1 2  DA n 
1 3  DG n 
1 4  DC n 
1 5  DA n 
1 6  DG n 
1 7  DA n 
1 8  DC n 
1 9  DG n 
1 10 DA n 
1 11 DG n 
2 1  DA n 
2 2  DC n 
2 3  DT n 
2 4  DC n 
2 5  DC n 
2 6  DA n 
2 7  DC n 
2 8  DT n 
2 9  DC n 
2 10 DA n 
3 1  DC n 
3 2  DT n 
3 3  DA n 
3 4  DG n 
3 5  DT n 
4 1  DT n 
4 2  DC n 
4 3  DT n 
4 4  DG n 
4 5  DA n 
4 6  DG n 
4 7  DT n 
4 8  DG n 
4 9  DG n 
4 10 DC n 
4 11 DG n 
4 12 DT n 
4 13 DC n 
4 14 DT n 
4 15 DG n 
4 16 DC n 
# 
loop_
_pdbx_entity_src_syn.entity_id 
_pdbx_entity_src_syn.pdbx_src_id 
_pdbx_entity_src_syn.pdbx_alt_source_flag 
_pdbx_entity_src_syn.pdbx_beg_seq_num 
_pdbx_entity_src_syn.pdbx_end_seq_num 
_pdbx_entity_src_syn.organism_scientific 
_pdbx_entity_src_syn.organism_common_name 
_pdbx_entity_src_syn.ncbi_taxonomy_id 
_pdbx_entity_src_syn.details 
1 1 sample 1 11 'synthetic construct' ? 32630 ? 
2 1 sample 1 10 'synthetic construct' ? 32630 ? 
3 1 sample 1 5  'synthetic construct' ? 32630 ? 
4 1 sample 1 16 'synthetic construct' ? 32630 ? 
# 
loop_
_struct_ref.id 
_struct_ref.db_name 
_struct_ref.db_code 
_struct_ref.pdbx_db_accession 
_struct_ref.pdbx_db_isoform 
_struct_ref.entity_id 
_struct_ref.pdbx_seq_one_letter_code 
_struct_ref.pdbx_align_begin 
1 PDB 6XFC 6XFC ? 1 ? 1 
2 PDB 6XFC 6XFC ? 2 ? 1 
3 PDB 6XFC 6XFC ? 3 ? 1 
4 PDB 6XFC 6XFC ? 4 ? 1 
# 
loop_
_struct_ref_seq.align_id 
_struct_ref_seq.ref_id 
_struct_ref_seq.pdbx_PDB_id_code 
_struct_ref_seq.pdbx_strand_id 
_struct_ref_seq.seq_align_beg 
_struct_ref_seq.pdbx_seq_align_beg_ins_code 
_struct_ref_seq.seq_align_end 
_struct_ref_seq.pdbx_seq_align_end_ins_code 
_struct_ref_seq.pdbx_db_accession 
_struct_ref_seq.db_align_beg 
_struct_ref_seq.pdbx_db_align_beg_ins_code 
_struct_ref_seq.db_align_end 
_struct_ref_seq.pdbx_db_align_end_ins_code 
_struct_ref_seq.pdbx_auth_seq_align_beg 
_struct_ref_seq.pdbx_auth_seq_align_end 
1 1 6XFC A 1 ? 11 ? 6XFC 1  ? 11 ? 1  11 
2 2 6XFC B 1 ? 10 ? 6XFC 12 ? 21 ? 12 21 
3 3 6XFC C 1 ? 5  ? 6XFC 1  ? 5  ? 1  5  
4 4 6XFC D 1 ? 16 ? 6XFC 1  ? 16 ? 1  16 
# 
loop_
_chem_comp.id 
_chem_comp.type 
_chem_comp.mon_nstd_flag 
_chem_comp.name 
_chem_comp.pdbx_synonyms 
_chem_comp.formula 
_chem_comp.formula_weight 
CAC non-polymer   . 'CACODYLATE ION'                     dimethylarsinate 'C2 H6 As O2 -1'  136.989 
DA  'DNA linking' y "2'-DEOXYADENOSINE-5'-MONOPHOSPHATE" ?                'C10 H14 N5 O6 P' 331.222 
DC  'DNA linking' y "2'-DEOXYCYTIDINE-5'-MONOPHOSPHATE"  ?                'C9 H14 N3 O7 P'  307.197 
DG  'DNA linking' y "2'-DEOXYGUANOSINE-5'-MONOPHOSPHATE" ?                'C10 H14 N5 O7 P' 347.221 
DT  'DNA linking' y "THYMIDINE-5'-MONOPHOSPHATE"         ?                'C10 H15 N2 O8 P' 322.208 
# 
_exptl.absorpt_coefficient_mu     ? 
_exptl.absorpt_correction_T_max   ? 
_exptl.absorpt_correction_T_min   ? 
_exptl.absorpt_correction_type    ? 
_exptl.absorpt_process_details    ? 
_exptl.entry_id                   6XFC 
_exptl.crystals_number            1 
_exptl.details                    ? 
_exptl.method                     'X-RAY DIFFRACTION' 
_exptl.method_details             ? 
# 
_exptl_crystal.colour                      ? 
_exptl_crystal.density_diffrn              ? 
_exptl_crystal.density_Matthews            3.22 
_exptl_crystal.density_method              ? 
_exptl_crystal.density_percent_sol         61.77 
_exptl_crystal.description                 ? 
_exptl_crystal.F_000                       ? 
_exptl_crystal.id                          1 
_exptl_crystal.preparation                 ? 
_exptl_crystal.size_max                    ? 
_exptl_crystal.size_mid                    ? 
_exptl_crystal.size_min                    ? 
_exptl_crystal.size_rad                    ? 
_exptl_crystal.colour_lustre               ? 
_exptl_crystal.colour_modifier             ? 
_exptl_crystal.colour_primary              ? 
_exptl_crystal.density_meas                ? 
_exptl_crystal.density_meas_esd            ? 
_exptl_crystal.density_meas_gt             ? 
_exptl_crystal.density_meas_lt             ? 
_exptl_crystal.density_meas_temp           ? 
_exptl_crystal.density_meas_temp_esd       ? 
_exptl_crystal.density_meas_temp_gt        ? 
_exptl_crystal.density_meas_temp_lt        ? 
_exptl_crystal.pdbx_crystal_image_url      ? 
_exptl_crystal.pdbx_crystal_image_format   ? 
_exptl_crystal.pdbx_mosaicity              ? 
_exptl_crystal.pdbx_mosaicity_esd          ? 
# 
_exptl_crystal_grow.apparatus       ? 
_exptl_crystal_grow.atmosphere      ? 
_exptl_crystal_grow.crystal_id      1 
_exptl_crystal_grow.details         ? 
_exptl_crystal_grow.method          'VAPOR DIFFUSION, SITTING DROP' 
_exptl_crystal_grow.method_ref      ? 
_exptl_crystal_grow.pH              ? 
_exptl_crystal_grow.pressure        ? 
_exptl_crystal_grow.pressure_esd    ? 
_exptl_crystal_grow.seeding         ? 
_exptl_crystal_grow.seeding_ref     ? 
_exptl_crystal_grow.temp            298 
_exptl_crystal_grow.temp_details    'temperature gradient generated from 60 to 25 C at 0.3 degrees per hour' 
_exptl_crystal_grow.temp_esd        ? 
_exptl_crystal_grow.time            ? 
_exptl_crystal_grow.pdbx_details    
;0.5 mL of 0.05 M Cacodylate pH 7.0 with 20 mM MgCl2, 1.0 mM spermine, 1.0 mM CoH18N6, and15% Ethanol was added to the reservoir with 2 uL added to the drop containing 4 uL of DNA stock
;
_exptl_crystal_grow.pdbx_pH_range   ? 
# 
_diffrn.ambient_environment              ? 
_diffrn.ambient_temp                     100 
_diffrn.ambient_temp_details             ? 
_diffrn.ambient_temp_esd                 ? 
_diffrn.crystal_id                       1 
_diffrn.crystal_support                  ? 
_diffrn.crystal_treatment                ? 
_diffrn.details                          ? 
_diffrn.id                               1 
_diffrn.ambient_pressure                 ? 
_diffrn.ambient_pressure_esd             ? 
_diffrn.ambient_pressure_gt              ? 
_diffrn.ambient_pressure_lt              ? 
_diffrn.ambient_temp_gt                  ? 
_diffrn.ambient_temp_lt                  ? 
_diffrn.pdbx_serial_crystal_experiment   N 
# 
_diffrn_detector.details                      ? 
_diffrn_detector.detector                     PIXEL 
_diffrn_detector.diffrn_id                    1 
_diffrn_detector.type                         'DECTRIS PILATUS3 6M' 
_diffrn_detector.area_resol_mean              ? 
_diffrn_detector.dtime                        ? 
_diffrn_detector.pdbx_frames_total            ? 
_diffrn_detector.pdbx_collection_time_total   ? 
_diffrn_detector.pdbx_collection_date         2017-10-15 
_diffrn_detector.pdbx_frequency               ? 
# 
_diffrn_radiation.collimation                      ? 
_diffrn_radiation.diffrn_id                        1 
_diffrn_radiation.filter_edge                      ? 
_diffrn_radiation.inhomogeneity                    ? 
_diffrn_radiation.monochromator                    ? 
_diffrn_radiation.polarisn_norm                    ? 
_diffrn_radiation.polarisn_ratio                   ? 
_diffrn_radiation.probe                            ? 
_diffrn_radiation.type                             ? 
_diffrn_radiation.xray_symbol                      ? 
_diffrn_radiation.wavelength_id                    1 
_diffrn_radiation.pdbx_monochromatic_or_laue_m_l   M 
_diffrn_radiation.pdbx_wavelength_list             ? 
_diffrn_radiation.pdbx_wavelength                  ? 
_diffrn_radiation.pdbx_diffrn_protocol             'SINGLE WAVELENGTH' 
_diffrn_radiation.pdbx_analyzer                    ? 
_diffrn_radiation.pdbx_scattering_type             x-ray 
# 
_diffrn_radiation_wavelength.id           1 
_diffrn_radiation_wavelength.wavelength   0.98 
_diffrn_radiation_wavelength.wt           1.0 
# 
_diffrn_source.current                     ? 
_diffrn_source.details                     ? 
_diffrn_source.diffrn_id                   1 
_diffrn_source.power                       ? 
_diffrn_source.size                        ? 
_diffrn_source.source                      SYNCHROTRON 
_diffrn_source.target                      ? 
_diffrn_source.type                        'APS BEAMLINE 19-ID' 
_diffrn_source.voltage                     ? 
_diffrn_source.take-off_angle              ? 
_diffrn_source.pdbx_wavelength_list        0.98 
_diffrn_source.pdbx_wavelength             ? 
_diffrn_source.pdbx_synchrotron_beamline   19-ID 
_diffrn_source.pdbx_synchrotron_site       APS 
# 
_reflns.B_iso_Wilson_estimate            96.870 
_reflns.entry_id                         6XFC 
_reflns.data_reduction_details           ? 
_reflns.data_reduction_method            ? 
_reflns.d_resolution_high                2.750 
_reflns.d_resolution_low                 50.000 
_reflns.details                          ? 
_reflns.limit_h_max                      ? 
_reflns.limit_h_min                      ? 
_reflns.limit_k_max                      ? 
_reflns.limit_k_min                      ? 
_reflns.limit_l_max                      ? 
_reflns.limit_l_min                      ? 
_reflns.number_all                       ? 
_reflns.number_obs                       4478 
_reflns.observed_criterion               ? 
_reflns.observed_criterion_F_max         ? 
_reflns.observed_criterion_F_min         ? 
_reflns.observed_criterion_I_max         ? 
_reflns.observed_criterion_I_min         ? 
_reflns.observed_criterion_sigma_F       ? 
_reflns.observed_criterion_sigma_I       ? 
_reflns.percent_possible_obs             99.600 
_reflns.R_free_details                   ? 
_reflns.Rmerge_F_all                     ? 
_reflns.Rmerge_F_obs                     ? 
_reflns.Friedel_coverage                 ? 
_reflns.number_gt                        ? 
_reflns.threshold_expression             ? 
_reflns.pdbx_redundancy                  11.300 
_reflns.pdbx_Rmerge_I_obs                0.112 
_reflns.pdbx_Rmerge_I_all                ? 
_reflns.pdbx_Rsym_value                  ? 
_reflns.pdbx_netI_over_av_sigmaI         ? 
_reflns.pdbx_netI_over_sigmaI            11.500 
_reflns.pdbx_res_netI_over_av_sigmaI_2   ? 
_reflns.pdbx_res_netI_over_sigmaI_2      ? 
_reflns.pdbx_chi_squared                 5.941 
_reflns.pdbx_scaling_rejects             ? 
_reflns.pdbx_d_res_high_opt              ? 
_reflns.pdbx_d_res_low_opt               ? 
_reflns.pdbx_d_res_opt_method            ? 
_reflns.phase_calculation_details        ? 
_reflns.pdbx_Rrim_I_all                  0.118 
_reflns.pdbx_Rpim_I_all                  0.036 
_reflns.pdbx_d_opt                       ? 
_reflns.pdbx_number_measured_all         ? 
_reflns.pdbx_diffrn_id                   1 
_reflns.pdbx_ordinal                     1 
_reflns.pdbx_CC_half                     0.957 
_reflns.pdbx_CC_star                     ? 
_reflns.pdbx_R_split                     ? 
# 
loop_
_reflns_shell.d_res_high 
_reflns_shell.d_res_low 
_reflns_shell.meanI_over_sigI_all 
_reflns_shell.meanI_over_sigI_obs 
_reflns_shell.number_measured_all 
_reflns_shell.number_measured_obs 
_reflns_shell.number_possible 
_reflns_shell.number_unique_all 
_reflns_shell.number_unique_obs 
_reflns_shell.percent_possible_all 
_reflns_shell.percent_possible_obs 
_reflns_shell.Rmerge_F_all 
_reflns_shell.Rmerge_F_obs 
_reflns_shell.Rmerge_I_all 
_reflns_shell.Rmerge_I_obs 
_reflns_shell.meanI_over_sigI_gt 
_reflns_shell.meanI_over_uI_all 
_reflns_shell.meanI_over_uI_gt 
_reflns_shell.number_measured_gt 
_reflns_shell.number_unique_gt 
_reflns_shell.percent_possible_gt 
_reflns_shell.Rmerge_F_gt 
_reflns_shell.Rmerge_I_gt 
_reflns_shell.pdbx_redundancy 
_reflns_shell.pdbx_Rsym_value 
_reflns_shell.pdbx_chi_squared 
_reflns_shell.pdbx_netI_over_sigmaI_all 
_reflns_shell.pdbx_netI_over_sigmaI_obs 
_reflns_shell.pdbx_Rrim_I_all 
_reflns_shell.pdbx_Rpim_I_all 
_reflns_shell.pdbx_rejects 
_reflns_shell.pdbx_ordinal 
_reflns_shell.pdbx_diffrn_id 
_reflns_shell.pdbx_CC_half 
_reflns_shell.pdbx_CC_star 
_reflns_shell.pdbx_R_split 
2.750 2.800  ? ? ? ? ? ? 205 98.600  ? ? ? ? 1.675 ? ? ? ? ? ? ? ? 9.300  ? 1.733  ? ? 1.758 0.526 ? 1  1 0.652 ? ? 
2.800 2.850  ? ? ? ? ? ? 237 100.000 ? ? ? ? 1.838 ? ? ? ? ? ? ? ? 10.300 ? 0.473  ? ? 1.924 0.563 ? 2  1 0.760 ? ? 
2.850 2.900  ? ? ? ? ? ? 209 100.000 ? ? ? ? 1.462 ? ? ? ? ? ? ? ? 10.900 ? 0.490  ? ? 1.529 0.443 ? 3  1 0.897 ? ? 
2.900 2.960  ? ? ? ? ? ? 225 100.000 ? ? ? ? 1.083 ? ? ? ? ? ? ? ? 11.600 ? 0.497  ? ? 1.130 0.321 ? 4  1 0.872 ? ? 
2.960 3.030  ? ? ? ? ? ? 226 100.000 ? ? ? ? 0.865 ? ? ? ? ? ? ? ? 11.700 ? 0.546  ? ? 0.903 0.257 ? 5  1 0.921 ? ? 
3.030 3.100  ? ? ? ? ? ? 217 100.000 ? ? ? ? 0.380 ? ? ? ? ? ? ? ? 11.900 ? 0.917  ? ? 0.396 0.111 ? 6  1 0.980 ? ? 
3.100 3.170  ? ? ? ? ? ? 214 100.000 ? ? ? ? 0.272 ? ? ? ? ? ? ? ? 11.500 ? 1.738  ? ? 0.284 0.081 ? 7  1 0.986 ? ? 
3.170 3.260  ? ? ? ? ? ? 220 98.700  ? ? ? ? 0.213 ? ? ? ? ? ? ? ? 10.300 ? 1.996  ? ? 0.232 0.087 ? 8  1 0.924 ? ? 
3.260 3.360  ? ? ? ? ? ? 216 100.000 ? ? ? ? 0.196 ? ? ? ? ? ? ? ? 12.300 ? 3.601  ? ? 0.204 0.056 ? 9  1 0.994 ? ? 
3.360 3.460  ? ? ? ? ? ? 223 100.000 ? ? ? ? 0.178 ? ? ? ? ? ? ? ? 12.200 ? 3.809  ? ? 0.186 0.054 ? 10 1 0.994 ? ? 
3.460 3.590  ? ? ? ? ? ? 223 100.000 ? ? ? ? 0.162 ? ? ? ? ? ? ? ? 12.200 ? 2.903  ? ? 0.168 0.046 ? 11 1 0.993 ? ? 
3.590 3.730  ? ? ? ? ? ? 219 100.000 ? ? ? ? 0.139 ? ? ? ? ? ? ? ? 11.900 ? 2.751  ? ? 0.145 0.042 ? 12 1 0.991 ? ? 
3.730 3.900  ? ? ? ? ? ? 222 100.000 ? ? ? ? 0.121 ? ? ? ? ? ? ? ? 11.500 ? 3.130  ? ? 0.127 0.037 ? 13 1 0.993 ? ? 
3.900 4.110  ? ? ? ? ? ? 226 100.000 ? ? ? ? 0.113 ? ? ? ? ? ? ? ? 10.900 ? 5.937  ? ? 0.119 0.035 ? 14 1 0.991 ? ? 
4.110 4.360  ? ? ? ? ? ? 230 100.000 ? ? ? ? 0.108 ? ? ? ? ? ? ? ? 12.200 ? 7.064  ? ? 0.114 0.033 ? 15 1 0.984 ? ? 
4.360 4.700  ? ? ? ? ? ? 216 100.000 ? ? ? ? 0.102 ? ? ? ? ? ? ? ? 12.000 ? 5.483  ? ? 0.107 0.031 ? 16 1 0.988 ? ? 
4.700 5.170  ? ? ? ? ? ? 237 100.000 ? ? ? ? 0.084 ? ? ? ? ? ? ? ? 11.500 ? 6.047  ? ? 0.089 0.027 ? 17 1 0.992 ? ? 
5.170 5.920  ? ? ? ? ? ? 225 100.000 ? ? ? ? 0.081 ? ? ? ? ? ? ? ? 11.300 ? 8.436  ? ? 0.085 0.026 ? 18 1 0.992 ? ? 
5.920 7.460  ? ? ? ? ? ? 241 100.000 ? ? ? ? 0.085 ? ? ? ? ? ? ? ? 11.200 ? 17.505 ? ? 0.090 0.028 ? 19 1 0.992 ? ? 
7.460 50.000 ? ? ? ? ? ? 247 95.400  ? ? ? ? 0.101 ? ? ? ? ? ? ? ? 10.300 ? 41.888 ? ? 0.108 0.034 ? 20 1 0.992 ? ? 
# 
_refine.aniso_B[1][1]                            ? 
_refine.aniso_B[1][2]                            ? 
_refine.aniso_B[1][3]                            ? 
_refine.aniso_B[2][2]                            ? 
_refine.aniso_B[2][3]                            ? 
_refine.aniso_B[3][3]                            ? 
_refine.B_iso_max                                195.620 
_refine.B_iso_mean                               100.8302 
_refine.B_iso_min                                61.170 
_refine.correlation_coeff_Fo_to_Fc               ? 
_refine.correlation_coeff_Fo_to_Fc_free          ? 
_refine.details                                  ? 
_refine.diff_density_max                         ? 
_refine.diff_density_max_esd                     ? 
_refine.diff_density_min                         ? 
_refine.diff_density_min_esd                     ? 
_refine.diff_density_rms                         ? 
_refine.diff_density_rms_esd                     ? 
_refine.entry_id                                 6XFC 
_refine.pdbx_refine_id                           'X-RAY DIFFRACTION' 
_refine.ls_abs_structure_details                 ? 
_refine.ls_abs_structure_Flack                   ? 
_refine.ls_abs_structure_Flack_esd               ? 
_refine.ls_abs_structure_Rogers                  ? 
_refine.ls_abs_structure_Rogers_esd              ? 
_refine.ls_d_res_high                            2.7560 
_refine.ls_d_res_low                             34.2570 
_refine.ls_extinction_coef                       ? 
_refine.ls_extinction_coef_esd                   ? 
_refine.ls_extinction_expression                 ? 
_refine.ls_extinction_method                     ? 
_refine.ls_goodness_of_fit_all                   ? 
_refine.ls_goodness_of_fit_all_esd               ? 
_refine.ls_goodness_of_fit_obs                   ? 
_refine.ls_goodness_of_fit_obs_esd               ? 
_refine.ls_hydrogen_treatment                    ? 
_refine.ls_matrix_type                           ? 
_refine.ls_number_constraints                    ? 
_refine.ls_number_parameters                     ? 
_refine.ls_number_reflns_all                     ? 
_refine.ls_number_reflns_obs                     4414 
_refine.ls_number_reflns_R_free                  234 
_refine.ls_number_reflns_R_work                  4180 
_refine.ls_number_restraints                     ? 
_refine.ls_percent_reflns_obs                    98.4200 
_refine.ls_percent_reflns_R_free                 5.3000 
_refine.ls_R_factor_all                          ? 
_refine.ls_R_factor_obs                          0.2194 
_refine.ls_R_factor_R_free                       0.2423 
_refine.ls_R_factor_R_free_error                 ? 
_refine.ls_R_factor_R_free_error_details         ? 
_refine.ls_R_factor_R_work                       0.2182 
_refine.ls_R_Fsqd_factor_obs                     ? 
_refine.ls_R_I_factor_obs                        ? 
_refine.ls_redundancy_reflns_all                 ? 
_refine.ls_redundancy_reflns_obs                 ? 
_refine.ls_restrained_S_all                      ? 
_refine.ls_restrained_S_obs                      ? 
_refine.ls_shift_over_esd_max                    ? 
_refine.ls_shift_over_esd_mean                   ? 
_refine.ls_structure_factor_coef                 ? 
_refine.ls_weighting_details                     ? 
_refine.ls_weighting_scheme                      ? 
_refine.ls_wR_factor_all                         ? 
_refine.ls_wR_factor_obs                         ? 
_refine.ls_wR_factor_R_free                      ? 
_refine.ls_wR_factor_R_work                      ? 
_refine.occupancy_max                            ? 
_refine.occupancy_min                            ? 
_refine.solvent_model_details                    'FLAT BULK SOLVENT MODEL' 
_refine.solvent_model_param_bsol                 ? 
_refine.solvent_model_param_ksol                 ? 
_refine.pdbx_R_complete                          ? 
_refine.ls_R_factor_gt                           ? 
_refine.ls_goodness_of_fit_gt                    ? 
_refine.ls_goodness_of_fit_ref                   ? 
_refine.ls_shift_over_su_max                     ? 
_refine.ls_shift_over_su_max_lt                  ? 
_refine.ls_shift_over_su_mean                    ? 
_refine.ls_shift_over_su_mean_lt                 ? 
_refine.pdbx_ls_sigma_I                          ? 
_refine.pdbx_ls_sigma_F                          1.380 
_refine.pdbx_ls_sigma_Fsqd                       ? 
_refine.pdbx_data_cutoff_high_absF               ? 
_refine.pdbx_data_cutoff_high_rms_absF           ? 
_refine.pdbx_data_cutoff_low_absF                ? 
_refine.pdbx_isotropic_thermal_model             ? 
_refine.pdbx_ls_cross_valid_method               THROUGHOUT 
_refine.pdbx_method_to_determine_struct          'MOLECULAR REPLACEMENT' 
_refine.pdbx_starting_model                      6x8c 
_refine.pdbx_stereochemistry_target_values       ML 
_refine.pdbx_R_Free_selection_details            ? 
_refine.pdbx_stereochem_target_val_spec_case     ? 
_refine.pdbx_overall_ESU_R                       ? 
_refine.pdbx_overall_ESU_R_Free                  ? 
_refine.pdbx_solvent_vdw_probe_radii             1.1100 
_refine.pdbx_solvent_ion_probe_radii             ? 
_refine.pdbx_solvent_shrinkage_radii             0.9000 
_refine.pdbx_real_space_R                        ? 
_refine.pdbx_density_correlation                 ? 
_refine.pdbx_pd_number_of_powder_patterns        ? 
_refine.pdbx_pd_number_of_points                 ? 
_refine.pdbx_pd_meas_number_of_points            ? 
_refine.pdbx_pd_proc_ls_prof_R_factor            ? 
_refine.pdbx_pd_proc_ls_prof_wR_factor           ? 
_refine.pdbx_pd_Marquardt_correlation_coeff      ? 
_refine.pdbx_pd_Fsqrd_R_factor                   ? 
_refine.pdbx_pd_ls_matrix_band_width             ? 
_refine.pdbx_overall_phase_error                 25.0600 
_refine.pdbx_overall_SU_R_free_Cruickshank_DPI   ? 
_refine.pdbx_overall_SU_R_free_Blow_DPI          ? 
_refine.pdbx_overall_SU_R_Blow_DPI               ? 
_refine.pdbx_TLS_residual_ADP_flag               ? 
_refine.pdbx_diffrn_id                           1 
_refine.overall_SU_B                             ? 
_refine.overall_SU_ML                            0.1100 
_refine.overall_SU_R_Cruickshank_DPI             ? 
_refine.overall_SU_R_free                        ? 
_refine.overall_FOM_free_R_set                   ? 
_refine.overall_FOM_work_R_set                   ? 
_refine.pdbx_average_fsc_overall                 ? 
_refine.pdbx_average_fsc_work                    ? 
_refine.pdbx_average_fsc_free                    ? 
# 
_refine_hist.pdbx_refine_id                   'X-RAY DIFFRACTION' 
_refine_hist.cycle_id                         final 
_refine_hist.details                          ? 
_refine_hist.d_res_high                       2.7560 
_refine_hist.d_res_low                        34.2570 
_refine_hist.number_atoms_solvent             0 
_refine_hist.number_atoms_total               858 
_refine_hist.number_reflns_all                ? 
_refine_hist.number_reflns_obs                ? 
_refine_hist.number_reflns_R_free             ? 
_refine_hist.number_reflns_R_work             ? 
_refine_hist.R_factor_all                     ? 
_refine_hist.R_factor_obs                     ? 
_refine_hist.R_factor_R_free                  ? 
_refine_hist.R_factor_R_work                  ? 
_refine_hist.pdbx_number_residues_total       42 
_refine_hist.pdbx_B_iso_mean_ligand           158.06 
_refine_hist.pdbx_B_iso_mean_solvent          ? 
_refine_hist.pdbx_number_atoms_protein        0 
_refine_hist.pdbx_number_atoms_nucleic_acid   855 
_refine_hist.pdbx_number_atoms_ligand         3 
_refine_hist.pdbx_number_atoms_lipid          ? 
_refine_hist.pdbx_number_atoms_carb           ? 
_refine_hist.pdbx_pseudo_atom_details         ? 
# 
loop_
_refine_ls_restr.pdbx_refine_id 
_refine_ls_restr.criterion 
_refine_ls_restr.dev_ideal 
_refine_ls_restr.dev_ideal_target 
_refine_ls_restr.number 
_refine_ls_restr.rejects 
_refine_ls_restr.type 
_refine_ls_restr.weight 
_refine_ls_restr.pdbx_restraint_function 
'X-RAY DIFFRACTION' ? 0.006  ? 956  ? f_bond_d           ? ? 
'X-RAY DIFFRACTION' ? 0.771  ? 1467 ? f_angle_d          ? ? 
'X-RAY DIFFRACTION' ? 0.035  ? 166  ? f_chiral_restr     ? ? 
'X-RAY DIFFRACTION' ? 0.005  ? 42   ? f_plane_restr      ? ? 
'X-RAY DIFFRACTION' ? 34.235 ? 406  ? f_dihedral_angle_d ? ? 
# 
loop_
_refine_ls_shell.pdbx_refine_id 
_refine_ls_shell.d_res_high 
_refine_ls_shell.d_res_low 
_refine_ls_shell.number_reflns_all 
_refine_ls_shell.number_reflns_obs 
_refine_ls_shell.number_reflns_R_free 
_refine_ls_shell.number_reflns_R_work 
_refine_ls_shell.percent_reflns_obs 
_refine_ls_shell.percent_reflns_R_free 
_refine_ls_shell.R_factor_all 
_refine_ls_shell.R_factor_obs 
_refine_ls_shell.R_factor_R_free 
_refine_ls_shell.R_factor_R_free_error 
_refine_ls_shell.R_factor_R_work 
_refine_ls_shell.redundancy_reflns_all 
_refine_ls_shell.redundancy_reflns_obs 
_refine_ls_shell.wR_factor_all 
_refine_ls_shell.wR_factor_obs 
_refine_ls_shell.wR_factor_R_free 
_refine_ls_shell.wR_factor_R_work 
_refine_ls_shell.pdbx_R_complete 
_refine_ls_shell.pdbx_total_number_of_bins_used 
_refine_ls_shell.pdbx_phase_error 
_refine_ls_shell.pdbx_fsc_work 
_refine_ls_shell.pdbx_fsc_free 
'X-RAY DIFFRACTION' 2.7564 3.4722 . . 123 2019 98.0000 . . . 0.3896 0.0000 0.3157 . . . . . . . . . . . 
'X-RAY DIFFRACTION' 3.4722 34.257 . . 111 2161 99.0000 . . . 0.2039 0.0000 0.1994 . . . . . . . . . . . 
# 
_struct.entry_id                     6XFC 
_struct.title                        
'Self-assembly of a 3D DNA crystal lattice (4x5 junction version) containing the J19 immobile Holliday junction' 
_struct.pdbx_model_details           ? 
_struct.pdbx_formula_weight          ? 
_struct.pdbx_formula_weight_method   ? 
_struct.pdbx_model_type_details      ? 
_struct.pdbx_CASP_flag               N 
# 
_struct_keywords.entry_id        6XFC 
_struct_keywords.text            
'Structural DNA nanotechnology, immobile Holliday junctions, 3D DNA self-assembly, designer DNA crystals, DNA' 
_struct_keywords.pdbx_keywords   DNA 
# 
loop_
_struct_asym.id 
_struct_asym.pdbx_blank_PDB_chainid_flag 
_struct_asym.pdbx_modified 
_struct_asym.entity_id 
_struct_asym.details 
A N N 1 ? 
B N N 2 ? 
C N N 3 ? 
D N N 4 ? 
E N N 5 ? 
F N N 5 ? 
G N N 5 ? 
# 
loop_
_struct_conn.id 
_struct_conn.conn_type_id 
_struct_conn.pdbx_leaving_atom_flag 
_struct_conn.pdbx_PDB_id 
_struct_conn.ptnr1_label_asym_id 
_struct_conn.ptnr1_label_comp_id 
_struct_conn.ptnr1_label_seq_id 
_struct_conn.ptnr1_label_atom_id 
_struct_conn.pdbx_ptnr1_label_alt_id 
_struct_conn.pdbx_ptnr1_PDB_ins_code 
_struct_conn.pdbx_ptnr1_standard_comp_id 
_struct_conn.ptnr1_symmetry 
_struct_conn.ptnr2_label_asym_id 
_struct_conn.ptnr2_label_comp_id 
_struct_conn.ptnr2_label_seq_id 
_struct_conn.ptnr2_label_atom_id 
_struct_conn.pdbx_ptnr2_label_alt_id 
_struct_conn.pdbx_ptnr2_PDB_ins_code 
_struct_conn.ptnr1_auth_asym_id 
_struct_conn.ptnr1_auth_comp_id 
_struct_conn.ptnr1_auth_seq_id 
_struct_conn.ptnr2_auth_asym_id 
_struct_conn.ptnr2_auth_comp_id 
_struct_conn.ptnr2_auth_seq_id 
_struct_conn.ptnr2_symmetry 
_struct_conn.pdbx_ptnr3_label_atom_id 
_struct_conn.pdbx_ptnr3_label_seq_id 
_struct_conn.pdbx_ptnr3_label_comp_id 
_struct_conn.pdbx_ptnr3_label_asym_id 
_struct_conn.pdbx_ptnr3_label_alt_id 
_struct_conn.pdbx_ptnr3_PDB_ins_code 
_struct_conn.details 
_struct_conn.pdbx_dist_value 
_struct_conn.pdbx_value_order 
_struct_conn.pdbx_role 
hydrog1  hydrog ? ? A DG 3  N2 ? ? ? 1_555 D DC 16 O2 ? ? A DG 3  D DC 16 1_555 ? ? ? ? ? ? 'DG-DC PAIR' ? ? ? 
hydrog2  hydrog ? ? A DC 4  N3 ? ? ? 1_555 D DG 15 N1 ? ? A DC 4  D DG 15 1_555 ? ? ? ? ? ? WATSON-CRICK ? ? ? 
hydrog3  hydrog ? ? A DC 4  N4 ? ? ? 1_555 D DG 15 O6 ? ? A DC 4  D DG 15 1_555 ? ? ? ? ? ? WATSON-CRICK ? ? ? 
hydrog4  hydrog ? ? A DC 4  O2 ? ? ? 1_555 D DG 15 N2 ? ? A DC 4  D DG 15 1_555 ? ? ? ? ? ? WATSON-CRICK ? ? ? 
hydrog5  hydrog ? ? A DA 5  N1 ? ? ? 1_555 D DT 14 N3 ? ? A DA 5  D DT 14 1_555 ? ? ? ? ? ? WATSON-CRICK ? ? ? 
hydrog6  hydrog ? ? A DA 5  N6 ? ? ? 1_555 D DT 14 O4 ? ? A DA 5  D DT 14 1_555 ? ? ? ? ? ? WATSON-CRICK ? ? ? 
hydrog7  hydrog ? ? A DG 6  N1 ? ? ? 1_555 D DC 13 N3 ? ? A DG 6  D DC 13 1_555 ? ? ? ? ? ? WATSON-CRICK ? ? ? 
hydrog8  hydrog ? ? A DG 6  N2 ? ? ? 1_555 D DC 13 O2 ? ? A DG 6  D DC 13 1_555 ? ? ? ? ? ? WATSON-CRICK ? ? ? 
hydrog9  hydrog ? ? A DG 6  O6 ? ? ? 1_555 D DC 13 N4 ? ? A DG 6  D DC 13 1_555 ? ? ? ? ? ? WATSON-CRICK ? ? ? 
hydrog10 hydrog ? ? A DA 7  N1 ? ? ? 1_555 D DT 12 N3 ? ? A DA 7  D DT 12 1_555 ? ? ? ? ? ? WATSON-CRICK ? ? ? 
hydrog11 hydrog ? ? A DA 7  N6 ? ? ? 1_555 D DT 12 O4 ? ? A DA 7  D DT 12 1_555 ? ? ? ? ? ? WATSON-CRICK ? ? ? 
hydrog12 hydrog ? ? A DC 8  N3 ? ? ? 1_555 D DG 11 N1 ? ? A DC 8  D DG 11 1_555 ? ? ? ? ? ? WATSON-CRICK ? ? ? 
hydrog13 hydrog ? ? A DC 8  N4 ? ? ? 1_555 D DG 11 O6 ? ? A DC 8  D DG 11 1_555 ? ? ? ? ? ? WATSON-CRICK ? ? ? 
hydrog14 hydrog ? ? A DC 8  O2 ? ? ? 1_555 D DG 11 N2 ? ? A DC 8  D DG 11 1_555 ? ? ? ? ? ? WATSON-CRICK ? ? ? 
hydrog15 hydrog ? ? A DG 9  N1 ? ? ? 1_555 D DC 10 N3 ? ? A DG 9  D DC 10 1_555 ? ? ? ? ? ? WATSON-CRICK ? ? ? 
hydrog16 hydrog ? ? A DG 9  N2 ? ? ? 1_555 D DC 10 O2 ? ? A DG 9  D DC 10 1_555 ? ? ? ? ? ? WATSON-CRICK ? ? ? 
hydrog17 hydrog ? ? A DG 9  O6 ? ? ? 1_555 D DC 10 N4 ? ? A DG 9  D DC 10 1_555 ? ? ? ? ? ? WATSON-CRICK ? ? ? 
hydrog18 hydrog ? ? A DA 10 N1 ? ? ? 1_555 C DT 2  N3 ? ? A DA 10 C DT 2  1_555 ? ? ? ? ? ? WATSON-CRICK ? ? ? 
hydrog19 hydrog ? ? A DA 10 N6 ? ? ? 1_555 C DT 2  O4 ? ? A DA 10 C DT 2  1_555 ? ? ? ? ? ? WATSON-CRICK ? ? ? 
hydrog20 hydrog ? ? A DG 11 N1 ? ? ? 1_555 C DC 1  N3 ? ? A DG 11 C DC 1  1_555 ? ? ? ? ? ? WATSON-CRICK ? ? ? 
hydrog21 hydrog ? ? A DG 11 N2 ? ? ? 1_555 C DC 1  O2 ? ? A DG 11 C DC 1  1_555 ? ? ? ? ? ? WATSON-CRICK ? ? ? 
hydrog22 hydrog ? ? A DG 11 O6 ? ? ? 1_555 C DC 1  N4 ? ? A DG 11 C DC 1  1_555 ? ? ? ? ? ? WATSON-CRICK ? ? ? 
hydrog23 hydrog ? ? B DA 1  N1 ? ? ? 1_555 C DT 5  N3 ? ? B DA 12 C DT 5  1_555 ? ? ? ? ? ? WATSON-CRICK ? ? ? 
hydrog24 hydrog ? ? B DA 1  N6 ? ? ? 1_555 C DT 5  O4 ? ? B DA 12 C DT 5  1_555 ? ? ? ? ? ? WATSON-CRICK ? ? ? 
hydrog25 hydrog ? ? B DC 2  N3 ? ? ? 1_555 C DG 4  N1 ? ? B DC 13 C DG 4  1_555 ? ? ? ? ? ? WATSON-CRICK ? ? ? 
hydrog26 hydrog ? ? B DC 2  N4 ? ? ? 1_555 C DG 4  O6 ? ? B DC 13 C DG 4  1_555 ? ? ? ? ? ? WATSON-CRICK ? ? ? 
hydrog27 hydrog ? ? B DC 2  O2 ? ? ? 1_555 C DG 4  N2 ? ? B DC 13 C DG 4  1_555 ? ? ? ? ? ? WATSON-CRICK ? ? ? 
hydrog28 hydrog ? ? B DT 3  N3 ? ? ? 1_555 C DA 3  N1 ? ? B DT 14 C DA 3  1_555 ? ? ? ? ? ? WATSON-CRICK ? ? ? 
hydrog29 hydrog ? ? B DT 3  O4 ? ? ? 1_555 C DA 3  N6 ? ? B DT 14 C DA 3  1_555 ? ? ? ? ? ? WATSON-CRICK ? ? ? 
hydrog30 hydrog ? ? B DC 4  N3 ? ? ? 1_555 D DG 9  N1 ? ? B DC 15 D DG 9  1_555 ? ? ? ? ? ? WATSON-CRICK ? ? ? 
hydrog31 hydrog ? ? B DC 4  N4 ? ? ? 1_555 D DG 9  O6 ? ? B DC 15 D DG 9  1_555 ? ? ? ? ? ? WATSON-CRICK ? ? ? 
hydrog32 hydrog ? ? B DC 4  O2 ? ? ? 1_555 D DG 9  N2 ? ? B DC 15 D DG 9  1_555 ? ? ? ? ? ? WATSON-CRICK ? ? ? 
hydrog33 hydrog ? ? B DC 5  N3 ? ? ? 1_555 D DG 8  N1 ? ? B DC 16 D DG 8  1_555 ? ? ? ? ? ? WATSON-CRICK ? ? ? 
hydrog34 hydrog ? ? B DC 5  N4 ? ? ? 1_555 D DG 8  O6 ? ? B DC 16 D DG 8  1_555 ? ? ? ? ? ? WATSON-CRICK ? ? ? 
hydrog35 hydrog ? ? B DC 5  O2 ? ? ? 1_555 D DG 8  N2 ? ? B DC 16 D DG 8  1_555 ? ? ? ? ? ? WATSON-CRICK ? ? ? 
hydrog36 hydrog ? ? B DA 6  N1 ? ? ? 1_555 D DT 7  N3 ? ? B DA 17 D DT 7  1_555 ? ? ? ? ? ? WATSON-CRICK ? ? ? 
hydrog37 hydrog ? ? B DA 6  N6 ? ? ? 1_555 D DT 7  O4 ? ? B DA 17 D DT 7  1_555 ? ? ? ? ? ? WATSON-CRICK ? ? ? 
hydrog38 hydrog ? ? B DC 7  N3 ? ? ? 1_555 D DG 6  N1 ? ? B DC 18 D DG 6  1_555 ? ? ? ? ? ? WATSON-CRICK ? ? ? 
hydrog39 hydrog ? ? B DC 7  N4 ? ? ? 1_555 D DG 6  O6 ? ? B DC 18 D DG 6  1_555 ? ? ? ? ? ? WATSON-CRICK ? ? ? 
hydrog40 hydrog ? ? B DC 7  O2 ? ? ? 1_555 D DG 6  N2 ? ? B DC 18 D DG 6  1_555 ? ? ? ? ? ? WATSON-CRICK ? ? ? 
hydrog41 hydrog ? ? B DT 8  N3 ? ? ? 1_555 D DA 5  N1 ? ? B DT 19 D DA 5  1_555 ? ? ? ? ? ? 'DT-DA PAIR' ? ? ? 
hydrog42 hydrog ? ? B DC 9  O2 ? ? ? 1_555 D DG 4  N2 ? ? B DC 20 D DG 4  1_555 ? ? ? ? ? ? 'DC-DG PAIR' ? ? ? 
hydrog43 hydrog ? ? B DA 10 N1 ? ? ? 1_555 D DT 3  N3 ? ? B DA 21 D DT 3  1_555 ? ? ? ? ? ? 'DA-DT PAIR' ? ? ? 
# 
_struct_conn_type.id          hydrog 
_struct_conn_type.criteria    ? 
_struct_conn_type.reference   ? 
# 
_struct_site.id                   AC1 
_struct_site.pdbx_evidence_code   Software 
_struct_site.pdbx_auth_asym_id    D 
_struct_site.pdbx_auth_comp_id    CAC 
_struct_site.pdbx_auth_seq_id     102 
_struct_site.pdbx_auth_ins_code   ? 
_struct_site.pdbx_num_residues    1 
_struct_site.details              'binding site for residue CAC D 102' 
# 
_struct_site_gen.id                   1 
_struct_site_gen.site_id              AC1 
_struct_site_gen.pdbx_num_res         1 
_struct_site_gen.label_comp_id        DG 
_struct_site_gen.label_asym_id        D 
_struct_site_gen.label_seq_id         8 
_struct_site_gen.pdbx_auth_ins_code   ? 
_struct_site_gen.auth_comp_id         DG 
_struct_site_gen.auth_asym_id         D 
_struct_site_gen.auth_seq_id          8 
_struct_site_gen.label_atom_id        . 
_struct_site_gen.label_alt_id         ? 
_struct_site_gen.symmetry             1_555 
_struct_site_gen.details              ? 
# 
_atom_sites.entry_id                    6XFC 
_atom_sites.Cartn_transf_matrix[1][1]   ? 
_atom_sites.Cartn_transf_matrix[1][2]   ? 
_atom_sites.Cartn_transf_matrix[1][3]   ? 
_atom_sites.Cartn_transf_matrix[2][1]   ? 
_atom_sites.Cartn_transf_matrix[2][2]   ? 
_atom_sites.Cartn_transf_matrix[2][3]   ? 
_atom_sites.Cartn_transf_matrix[3][1]   ? 
_atom_sites.Cartn_transf_matrix[3][2]   ? 
_atom_sites.Cartn_transf_matrix[3][3]   ? 
_atom_sites.Cartn_transf_vector[1]      ? 
_atom_sites.Cartn_transf_vector[2]      ? 
_atom_sites.Cartn_transf_vector[3]      ? 
_atom_sites.fract_transf_matrix[1][1]   -0.00600482 
_atom_sites.fract_transf_matrix[1][2]   0.01376851 
_atom_sites.fract_transf_matrix[1][3]   -0.00764381 
_atom_sites.fract_transf_matrix[2][1]   -0.01135194 
_atom_sites.fract_transf_matrix[2][2]   0.00970246 
_atom_sites.fract_transf_matrix[2][3]   0.00781365 
_atom_sites.fract_transf_matrix[3][1]   0.01215699 
_atom_sites.fract_transf_matrix[3][2]   0.00894263 
_atom_sites.fract_transf_matrix[3][3]   0.00655773 
_atom_sites.fract_transf_vector[1]      0.197332 
_atom_sites.fract_transf_vector[2]      0.380474 
_atom_sites.fract_transf_vector[3]      0.149332 
_atom_sites.solution_primary            ? 
_atom_sites.solution_secondary          ? 
_atom_sites.solution_hydrogens          ? 
_atom_sites.special_details             ? 
# 
loop_
_atom_type.symbol 
AS 
C  
N  
O  
P  
# 
loop_
_atom_site.group_PDB 
_atom_site.id 
_atom_site.type_symbol 
_atom_site.label_atom_id 
_atom_site.label_alt_id 
_atom_site.label_comp_id 
_atom_site.label_asym_id 
_atom_site.label_entity_id 
_atom_site.label_seq_id 
_atom_site.pdbx_PDB_ins_code 
_atom_site.Cartn_x 
_atom_site.Cartn_y 
_atom_site.Cartn_z 
_atom_site.occupancy 
_atom_site.B_iso_or_equiv 
_atom_site.pdbx_formal_charge 
_atom_site.auth_seq_id 
_atom_site.auth_comp_id 
_atom_site.auth_asym_id 
_atom_site.auth_atom_id 
_atom_site.pdbx_PDB_model_num 
ATOM   1   O  "O5'" . DG  A 1 1  ? 15.543  13.791  -15.908 1.00 144.50 ? 1   DG  A "O5'" 1 
ATOM   2   C  "C5'" . DG  A 1 1  ? 16.818  13.184  -15.714 1.00 135.56 ? 1   DG  A "C5'" 1 
ATOM   3   C  "C4'" . DG  A 1 1  ? 16.795  11.735  -16.160 1.00 135.65 ? 1   DG  A "C4'" 1 
ATOM   4   O  "O4'" . DG  A 1 1  ? 18.079  11.135  -15.909 1.00 127.99 ? 1   DG  A "O4'" 1 
ATOM   5   C  "C3'" . DG  A 1 1  ? 15.817  10.853  -15.407 1.00 141.51 ? 1   DG  A "C3'" 1 
ATOM   6   O  "O3'" . DG  A 1 1  ? 14.535  10.933  -16.013 1.00 147.33 ? 1   DG  A "O3'" 1 
ATOM   7   C  "C2'" . DG  A 1 1  ? 16.423  9.458   -15.571 1.00 133.27 ? 1   DG  A "C2'" 1 
ATOM   8   C  "C1'" . DG  A 1 1  ? 17.915  9.739   -15.757 1.00 119.88 ? 1   DG  A "C1'" 1 
ATOM   9   N  N9    . DG  A 1 1  ? 18.745  9.291   -14.650 1.00 113.73 ? 1   DG  A N9    1 
ATOM   10  C  C8    . DG  A 1 1  ? 19.561  10.066  -13.862 1.00 120.22 ? 1   DG  A C8    1 
ATOM   11  N  N7    . DG  A 1 1  ? 20.204  9.387   -12.953 1.00 121.31 ? 1   DG  A N7    1 
ATOM   12  C  C5    . DG  A 1 1  ? 19.790  8.076   -13.153 1.00 115.53 ? 1   DG  A C5    1 
ATOM   13  C  C6    . DG  A 1 1  ? 20.150  6.893   -12.467 1.00 112.07 ? 1   DG  A C6    1 
ATOM   14  O  O6    . DG  A 1 1  ? 20.932  6.766   -11.514 1.00 118.11 ? 1   DG  A O6    1 
ATOM   15  N  N1    . DG  A 1 1  ? 19.501  5.776   -12.989 1.00 117.44 ? 1   DG  A N1    1 
ATOM   16  C  C2    . DG  A 1 1  ? 18.615  5.799   -14.041 1.00 117.58 ? 1   DG  A C2    1 
ATOM   17  N  N2    . DG  A 1 1  ? 18.090  4.619   -14.401 1.00 112.36 ? 1   DG  A N2    1 
ATOM   18  N  N3    . DG  A 1 1  ? 18.269  6.902   -14.695 1.00 120.38 ? 1   DG  A N3    1 
ATOM   19  C  C4    . DG  A 1 1  ? 18.893  8.000   -14.197 1.00 119.70 ? 1   DG  A C4    1 
ATOM   20  P  P     . DA  A 1 2  ? 13.215  11.020  -15.102 1.00 157.80 ? 2   DA  A P     1 
ATOM   21  O  OP1   . DA  A 1 2  ? 12.567  12.316  -15.406 1.00 166.82 ? 2   DA  A OP1   1 
ATOM   22  O  OP2   . DA  A 1 2  ? 13.602  10.689  -13.713 1.00 143.43 ? 2   DA  A OP2   1 
ATOM   23  O  "O5'" . DA  A 1 2  ? 12.292  9.829   -15.644 1.00 146.03 ? 2   DA  A "O5'" 1 
ATOM   24  C  "C5'" . DA  A 1 2  ? 12.851  8.815   -16.466 1.00 140.67 ? 2   DA  A "C5'" 1 
ATOM   25  C  "C4'" . DA  A 1 2  ? 12.910  7.488   -15.729 1.00 139.91 ? 2   DA  A "C4'" 1 
ATOM   26  O  "O4'" . DA  A 1 2  ? 14.158  7.383   -14.997 1.00 130.23 ? 2   DA  A "O4'" 1 
ATOM   27  C  "C3'" . DA  A 1 2  ? 11.793  7.258   -14.707 1.00 137.10 ? 2   DA  A "C3'" 1 
ATOM   28  O  "O3'" . DA  A 1 2  ? 11.185  5.994   -14.944 1.00 136.56 ? 2   DA  A "O3'" 1 
ATOM   29  C  "C2'" . DA  A 1 2  ? 12.520  7.297   -13.358 1.00 134.99 ? 2   DA  A "C2'" 1 
ATOM   30  C  "C1'" . DA  A 1 2  ? 13.906  6.813   -13.741 1.00 127.12 ? 2   DA  A "C1'" 1 
ATOM   31  N  N9    . DA  A 1 2  ? 14.952  7.244   -12.819 1.00 124.12 ? 2   DA  A N9    1 
ATOM   32  C  C8    . DA  A 1 2  ? 15.339  8.527   -12.554 1.00 126.63 ? 2   DA  A C8    1 
ATOM   33  N  N7    . DA  A 1 2  ? 16.313  8.619   -11.681 1.00 119.52 ? 2   DA  A N7    1 
ATOM   34  C  C5    . DA  A 1 2  ? 16.585  7.302   -11.349 1.00 120.55 ? 2   DA  A C5    1 
ATOM   35  C  C6    . DA  A 1 2  ? 17.517  6.721   -10.468 1.00 117.97 ? 2   DA  A C6    1 
ATOM   36  N  N6    . DA  A 1 2  ? 18.380  7.434   -9.735  1.00 121.23 ? 2   DA  A N6    1 
ATOM   37  N  N1    . DA  A 1 2  ? 17.530  5.374   -10.369 1.00 110.59 ? 2   DA  A N1    1 
ATOM   38  C  C2    . DA  A 1 2  ? 16.666  4.667   -11.104 1.00 116.41 ? 2   DA  A C2    1 
ATOM   39  N  N3    . DA  A 1 2  ? 15.745  5.100   -11.965 1.00 122.41 ? 2   DA  A N3    1 
ATOM   40  C  C4    . DA  A 1 2  ? 15.756  6.441   -12.041 1.00 120.45 ? 2   DA  A C4    1 
ATOM   41  P  P     . DG  A 1 3  ? 10.078  5.417   -13.933 1.00 144.38 ? 3   DG  A P     1 
ATOM   42  O  OP1   . DG  A 1 3  ? 9.189   4.532   -14.720 1.00 138.01 ? 3   DG  A OP1   1 
ATOM   43  O  OP2   . DG  A 1 3  ? 9.512   6.550   -13.164 1.00 142.55 ? 3   DG  A OP2   1 
ATOM   44  O  "O5'" . DG  A 1 3  ? 10.913  4.494   -12.936 1.00 127.87 ? 3   DG  A "O5'" 1 
ATOM   45  C  "C5'" . DG  A 1 3  ? 11.483  3.290   -13.413 1.00 131.08 ? 3   DG  A "C5'" 1 
ATOM   46  C  "C4'" . DG  A 1 3  ? 11.794  2.347   -12.267 1.00 134.13 ? 3   DG  A "C4'" 1 
ATOM   47  O  "O4'" . DG  A 1 3  ? 12.908  2.866   -11.498 1.00 131.07 ? 3   DG  A "O4'" 1 
ATOM   48  C  "C3'" . DG  A 1 3  ? 10.655  2.128   -11.277 1.00 134.25 ? 3   DG  A "C3'" 1 
ATOM   49  O  "O3'" . DG  A 1 3  ? 10.660  0.778   -10.837 1.00 135.18 ? 3   DG  A "O3'" 1 
ATOM   50  C  "C2'" . DG  A 1 3  ? 10.986  3.094   -10.141 1.00 134.63 ? 3   DG  A "C2'" 1 
ATOM   51  C  "C1'" . DG  A 1 3  ? 12.513  3.116   -10.163 1.00 128.98 ? 3   DG  A "C1'" 1 
ATOM   52  N  N9    . DG  A 1 3  ? 13.085  4.399   -9.757  1.00 126.01 ? 3   DG  A N9    1 
ATOM   53  C  C8    . DG  A 1 3  ? 12.740  5.646   -10.226 1.00 129.55 ? 3   DG  A C8    1 
ATOM   54  N  N7    . DG  A 1 3  ? 13.427  6.615   -9.685  1.00 121.51 ? 3   DG  A N7    1 
ATOM   55  C  C5    . DG  A 1 3  ? 14.287  5.970   -8.807  1.00 116.01 ? 3   DG  A C5    1 
ATOM   56  C  C6    . DG  A 1 3  ? 15.270  6.502   -7.943  1.00 116.24 ? 3   DG  A C6    1 
ATOM   57  O  O6    . DG  A 1 3  ? 15.586  7.692   -7.776  1.00 117.94 ? 3   DG  A O6    1 
ATOM   58  N  N1    . DG  A 1 3  ? 15.918  5.500   -7.222  1.00 115.11 ? 3   DG  A N1    1 
ATOM   59  C  C2    . DG  A 1 3  ? 15.650  4.156   -7.327  1.00 112.57 ? 3   DG  A C2    1 
ATOM   60  N  N2    . DG  A 1 3  ? 16.380  3.344   -6.551  1.00 110.17 ? 3   DG  A N2    1 
ATOM   61  N  N3    . DG  A 1 3  ? 14.731  3.644   -8.133  1.00 117.61 ? 3   DG  A N3    1 
ATOM   62  C  C4    . DG  A 1 3  ? 14.091  4.605   -8.841  1.00 119.16 ? 3   DG  A C4    1 
ATOM   63  P  P     . DC  A 1 4  ? 9.448   0.208   -9.951  1.00 144.75 ? 4   DC  A P     1 
ATOM   64  O  OP1   . DC  A 1 4  ? 9.174   -1.175  -10.402 1.00 136.31 ? 4   DC  A OP1   1 
ATOM   65  O  OP2   . DC  A 1 4  ? 8.369   1.225   -9.944  1.00 131.85 ? 4   DC  A OP2   1 
ATOM   66  O  "O5'" . DC  A 1 4  ? 10.073  0.120   -8.489  1.00 126.22 ? 4   DC  A "O5'" 1 
ATOM   67  C  "C5'" . DC  A 1 4  ? 11.351  -0.454  -8.311  1.00 125.66 ? 4   DC  A "C5'" 1 
ATOM   68  C  "C4'" . DC  A 1 4  ? 11.854  -0.190  -6.911  1.00 126.81 ? 4   DC  A "C4'" 1 
ATOM   69  O  "O4'" . DC  A 1 4  ? 12.479  1.116   -6.855  1.00 122.61 ? 4   DC  A "O4'" 1 
ATOM   70  C  "C3'" . DC  A 1 4  ? 10.763  -0.188  -5.837  1.00 128.13 ? 4   DC  A "C3'" 1 
ATOM   71  O  "O3'" . DC  A 1 4  ? 11.049  -1.159  -4.854  1.00 130.72 ? 4   DC  A "O3'" 1 
ATOM   72  C  "C2'" . DC  A 1 4  ? 10.802  1.233   -5.258  1.00 124.68 ? 4   DC  A "C2'" 1 
ATOM   73  C  "C1'" . DC  A 1 4  ? 12.215  1.677   -5.597  1.00 122.69 ? 4   DC  A "C1'" 1 
ATOM   74  N  N1    . DC  A 1 4  ? 12.370  3.158   -5.687  1.00 116.05 ? 4   DC  A N1    1 
ATOM   75  C  C2    . DC  A 1 4  ? 13.318  3.804   -4.886  1.00 112.90 ? 4   DC  A C2    1 
ATOM   76  O  O2    . DC  A 1 4  ? 14.023  3.132   -4.121  1.00 109.83 ? 4   DC  A O2    1 
ATOM   77  N  N3    . DC  A 1 4  ? 13.441  5.152   -4.974  1.00 112.48 ? 4   DC  A N3    1 
ATOM   78  C  C4    . DC  A 1 4  ? 12.662  5.840   -5.810  1.00 117.10 ? 4   DC  A C4    1 
ATOM   79  N  N4    . DC  A 1 4  ? 12.818  7.167   -5.863  1.00 118.73 ? 4   DC  A N4    1 
ATOM   80  C  C5    . DC  A 1 4  ? 11.687  5.200   -6.629  1.00 118.28 ? 4   DC  A C5    1 
ATOM   81  C  C6    . DC  A 1 4  ? 11.576  3.871   -6.535  1.00 119.85 ? 4   DC  A C6    1 
ATOM   82  P  P     . DA  A 1 5  ? 9.854   -2.018  -4.215  1.00 152.25 ? 5   DA  A P     1 
ATOM   83  O  OP1   . DA  A 1 5  ? 10.030  -3.423  -4.653  1.00 153.60 ? 5   DA  A OP1   1 
ATOM   84  O  OP2   . DA  A 1 5  ? 8.593   -1.300  -4.517  1.00 137.54 ? 5   DA  A OP2   1 
ATOM   85  O  "O5'" . DA  A 1 5  ? 10.128  -1.940  -2.641  1.00 138.52 ? 5   DA  A "O5'" 1 
ATOM   86  C  "C5'" . DA  A 1 5  ? 11.282  -2.557  -2.100  1.00 131.78 ? 5   DA  A "C5'" 1 
ATOM   87  C  "C4'" . DA  A 1 5  ? 11.788  -1.796  -0.889  1.00 130.15 ? 5   DA  A "C4'" 1 
ATOM   88  O  "O4'" . DA  A 1 5  ? 12.088  -0.423  -1.257  1.00 126.08 ? 5   DA  A "O4'" 1 
ATOM   89  C  "C3'" . DA  A 1 5  ? 10.818  -1.724  0.287   1.00 125.83 ? 5   DA  A "C3'" 1 
ATOM   90  O  "O3'" . DA  A 1 5  ? 11.528  -1.986  1.487   1.00 128.66 ? 5   DA  A "O3'" 1 
ATOM   91  C  "C2'" . DA  A 1 5  ? 10.292  -0.284  0.232   1.00 119.88 ? 5   DA  A "C2'" 1 
ATOM   92  C  "C1'" . DA  A 1 5  ? 11.492  0.461   -0.331  1.00 119.23 ? 5   DA  A "C1'" 1 
ATOM   93  N  N9    . DA  A 1 5  ? 11.155  1.693   -1.045  1.00 110.13 ? 5   DA  A N9    1 
ATOM   94  C  C8    . DA  A 1 5  ? 10.169  1.863   -1.976  1.00 117.68 ? 5   DA  A C8    1 
ATOM   95  N  N7    . DA  A 1 5  ? 10.111  3.080   -2.473  1.00 104.74 ? 5   DA  A N7    1 
ATOM   96  C  C5    . DA  A 1 5  ? 11.136  3.747   -1.832  1.00 98.82  ? 5   DA  A C5    1 
ATOM   97  C  C6    . DA  A 1 5  ? 11.601  5.075   -1.916  1.00 103.93 ? 5   DA  A C6    1 
ATOM   98  N  N6    . DA  A 1 5  ? 11.060  5.995   -2.723  1.00 100.39 ? 5   DA  A N6    1 
ATOM   99  N  N1    . DA  A 1 5  ? 12.648  5.421   -1.135  1.00 101.65 ? 5   DA  A N1    1 
ATOM   100 C  C2    . DA  A 1 5  ? 13.188  4.494   -0.329  1.00 102.57 ? 5   DA  A C2    1 
ATOM   101 N  N3    . DA  A 1 5  ? 12.836  3.218   -0.163  1.00 104.84 ? 5   DA  A N3    1 
ATOM   102 C  C4    . DA  A 1 5  ? 11.795  2.905   -0.951  1.00 101.49 ? 5   DA  A C4    1 
ATOM   103 P  P     . DG  A 1 6  ? 10.747  -2.364  2.839   1.00 149.39 ? 6   DG  A P     1 
ATOM   104 O  OP1   . DG  A 1 6  ? 11.319  -3.627  3.364   1.00 131.54 ? 6   DG  A OP1   1 
ATOM   105 O  OP2   . DG  A 1 6  ? 9.294   -2.265  2.570   1.00 136.91 ? 6   DG  A OP2   1 
ATOM   106 O  "O5'" . DG  A 1 6  ? 11.162  -1.181  3.825   1.00 137.33 ? 6   DG  A "O5'" 1 
ATOM   107 C  "C5'" . DG  A 1 6  ? 12.524  -0.787  3.896   1.00 130.75 ? 6   DG  A "C5'" 1 
ATOM   108 C  "C4'" . DG  A 1 6  ? 12.650  0.653   4.351   1.00 124.59 ? 6   DG  A "C4'" 1 
ATOM   109 O  "O4'" . DG  A 1 6  ? 12.253  1.548   3.281   1.00 120.17 ? 6   DG  A "O4'" 1 
ATOM   110 C  "C3'" . DG  A 1 6  ? 11.793  1.023   5.563   1.00 124.71 ? 6   DG  A "C3'" 1 
ATOM   111 O  "O3'" . DG  A 1 6  ? 12.608  1.638   6.545   1.00 129.21 ? 6   DG  A "O3'" 1 
ATOM   112 C  "C2'" . DG  A 1 6  ? 10.758  2.001   4.994   1.00 119.18 ? 6   DG  A "C2'" 1 
ATOM   113 C  "C1'" . DG  A 1 6  ? 11.521  2.611   3.836   1.00 112.12 ? 6   DG  A "C1'" 1 
ATOM   114 N  N9    . DG  A 1 6  ? 10.662  3.177   2.803   1.00 104.10 ? 6   DG  A N9    1 
ATOM   115 C  C8    . DG  A 1 6  ? 9.617   2.557   2.163   1.00 105.48 ? 6   DG  A C8    1 
ATOM   116 N  N7    . DG  A 1 6  ? 9.030   3.314   1.278   1.00 103.30 ? 6   DG  A N7    1 
ATOM   117 C  C5    . DG  A 1 6  ? 9.730   4.513   1.337   1.00 93.26  ? 6   DG  A C5    1 
ATOM   118 C  C6    . DG  A 1 6  ? 9.549   5.713   0.607   1.00 90.98  ? 6   DG  A C6    1 
ATOM   119 O  O6    . DG  A 1 6  ? 8.705   5.962   -0.265  1.00 96.54  ? 6   DG  A O6    1 
ATOM   120 N  N1    . DG  A 1 6  ? 10.476  6.685   0.973   1.00 92.68  ? 6   DG  A N1    1 
ATOM   121 C  C2    . DG  A 1 6  ? 11.454  6.517   1.930   1.00 99.62  ? 6   DG  A C2    1 
ATOM   122 N  N2    . DG  A 1 6  ? 12.259  7.567   2.152   1.00 93.62  ? 6   DG  A N2    1 
ATOM   123 N  N3    . DG  A 1 6  ? 11.632  5.397   2.621   1.00 99.66  ? 6   DG  A N3    1 
ATOM   124 C  C4    . DG  A 1 6  ? 10.738  4.443   2.273   1.00 95.26  ? 6   DG  A C4    1 
ATOM   125 P  P     . DA  A 1 7  ? 12.122  1.735   8.073   1.00 149.17 ? 7   DA  A P     1 
ATOM   126 O  OP1   . DA  A 1 7  ? 12.957  0.805   8.871   1.00 136.59 ? 7   DA  A OP1   1 
ATOM   127 O  OP2   . DA  A 1 7  ? 10.646  1.614   8.116   1.00 137.61 ? 7   DA  A OP2   1 
ATOM   128 O  "O5'" . DA  A 1 7  ? 12.478  3.240   8.462   1.00 130.25 ? 7   DA  A "O5'" 1 
ATOM   129 C  "C5'" . DA  A 1 7  ? 13.406  3.963   7.669   1.00 127.68 ? 7   DA  A "C5'" 1 
ATOM   130 C  "C4'" . DA  A 1 7  ? 12.972  5.406   7.531   1.00 122.48 ? 7   DA  A "C4'" 1 
ATOM   131 O  "O4'" . DA  A 1 7  ? 12.160  5.566   6.346   1.00 117.74 ? 7   DA  A "O4'" 1 
ATOM   132 C  "C3'" . DA  A 1 7  ? 12.133  5.931   8.697   1.00 121.32 ? 7   DA  A "C3'" 1 
ATOM   133 O  "O3'" . DA  A 1 7  ? 12.821  6.995   9.332   1.00 127.17 ? 7   DA  A "O3'" 1 
ATOM   134 C  "C2'" . DA  A 1 7  ? 10.816  6.395   8.048   1.00 116.63 ? 7   DA  A "C2'" 1 
ATOM   135 C  "C1'" . DA  A 1 7  ? 11.208  6.567   6.590   1.00 107.27 ? 7   DA  A "C1'" 1 
ATOM   136 N  N9    . DA  A 1 7  ? 10.102  6.383   5.654   1.00 97.71  ? 7   DA  A N9    1 
ATOM   137 C  C8    . DA  A 1 7  ? 9.349   5.259   5.482   1.00 95.56  ? 7   DA  A C8    1 
ATOM   138 N  N7    . DA  A 1 7  ? 8.427   5.377   4.555   1.00 92.11  ? 7   DA  A N7    1 
ATOM   139 C  C5    . DA  A 1 7  ? 8.588   6.666   4.083   1.00 85.97  ? 7   DA  A C5    1 
ATOM   140 C  C6    . DA  A 1 7  ? 7.913   7.407   3.089   1.00 89.25  ? 7   DA  A C6    1 
ATOM   141 N  N6    . DA  A 1 7  ? 6.897   6.921   2.369   1.00 79.74  ? 7   DA  A N6    1 
ATOM   142 N  N1    . DA  A 1 7  ? 8.325   8.672   2.865   1.00 90.49  ? 7   DA  A N1    1 
ATOM   143 C  C2    . DA  A 1 7  ? 9.343   9.155   3.587   1.00 93.43  ? 7   DA  A C2    1 
ATOM   144 N  N3    . DA  A 1 7  ? 10.051  8.555   4.544   1.00 97.65  ? 7   DA  A N3    1 
ATOM   145 C  C4    . DA  A 1 7  ? 9.619   7.301   4.746   1.00 93.50  ? 7   DA  A C4    1 
ATOM   146 P  P     . DC  A 1 8  ? 12.160  7.773   10.571  1.00 135.25 ? 8   DC  A P     1 
ATOM   147 O  OP1   . DC  A 1 8  ? 13.259  8.458   11.289  1.00 132.35 ? 8   DC  A OP1   1 
ATOM   148 O  OP2   . DC  A 1 8  ? 11.255  6.841   11.288  1.00 128.05 ? 8   DC  A OP2   1 
ATOM   149 O  "O5'" . DC  A 1 8  ? 11.271  8.895   9.873   1.00 125.29 ? 8   DC  A "O5'" 1 
ATOM   150 C  "C5'" . DC  A 1 8  ? 11.840  9.712   8.864   1.00 121.00 ? 8   DC  A "C5'" 1 
ATOM   151 C  "C4'" . DC  A 1 8  ? 10.799  10.660  8.320   1.00 107.91 ? 8   DC  A "C4'" 1 
ATOM   152 O  "O4'" . DC  A 1 8  ? 9.956   9.963   7.374   1.00 109.47 ? 8   DC  A "O4'" 1 
ATOM   153 C  "C3'" . DC  A 1 8  ? 9.857   11.235  9.383   1.00 112.72 ? 8   DC  A "C3'" 1 
ATOM   154 O  "O3'" . DC  A 1 8  ? 9.903   12.647  9.348   1.00 119.09 ? 8   DC  A "O3'" 1 
ATOM   155 C  "C2'" . DC  A 1 8  ? 8.475   10.704  8.985   1.00 114.97 ? 8   DC  A "C2'" 1 
ATOM   156 C  "C1'" . DC  A 1 8  ? 8.652   10.459  7.502   1.00 106.18 ? 8   DC  A "C1'" 1 
ATOM   157 N  N1    . DC  A 1 8  ? 7.698   9.464   6.952   1.00 92.59  ? 8   DC  A N1    1 
ATOM   158 C  C2    . DC  A 1 8  ? 6.930   9.797   5.838   1.00 95.89  ? 8   DC  A C2    1 
ATOM   159 O  O2    . DC  A 1 8  ? 7.074   10.914  5.326   1.00 97.98  ? 8   DC  A O2    1 
ATOM   160 N  N3    . DC  A 1 8  ? 6.056   8.886   5.343   1.00 89.66  ? 8   DC  A N3    1 
ATOM   161 C  C4    . DC  A 1 8  ? 5.936   7.695   5.927   1.00 87.78  ? 8   DC  A C4    1 
ATOM   162 N  N4    . DC  A 1 8  ? 5.059   6.827   5.403   1.00 81.42  ? 8   DC  A N4    1 
ATOM   163 C  C5    . DC  A 1 8  ? 6.710   7.339   7.072   1.00 90.34  ? 8   DC  A C5    1 
ATOM   164 C  C6    . DC  A 1 8  ? 7.568   8.248   7.548   1.00 87.16  ? 8   DC  A C6    1 
ATOM   165 P  P     . DG  A 1 9  ? 9.085   13.511  10.428  1.00 138.39 ? 9   DG  A P     1 
ATOM   166 O  OP1   . DG  A 1 9  ? 10.008  14.567  10.909  1.00 135.83 ? 9   DG  A OP1   1 
ATOM   167 O  OP2   . DG  A 1 9  ? 8.448   12.596  11.411  1.00 106.90 ? 9   DG  A OP2   1 
ATOM   168 O  "O5'" . DG  A 1 9  ? 7.940   14.192  9.547   1.00 118.04 ? 9   DG  A "O5'" 1 
ATOM   169 C  "C5'" . DG  A 1 9  ? 8.270   14.735  8.272   1.00 112.67 ? 9   DG  A "C5'" 1 
ATOM   170 C  "C4'" . DG  A 1 9  ? 7.032   15.256  7.573   1.00 106.26 ? 9   DG  A "C4'" 1 
ATOM   171 O  "O4'" . DG  A 1 9  ? 6.352   14.164  6.901   1.00 107.30 ? 9   DG  A "O4'" 1 
ATOM   172 C  "C3'" . DG  A 1 9  ? 5.997   15.910  8.489   1.00 102.23 ? 9   DG  A "C3'" 1 
ATOM   173 O  "O3'" . DG  A 1 9  ? 5.474   17.078  7.843   1.00 106.75 ? 9   DG  A "O3'" 1 
ATOM   174 C  "C2'" . DG  A 1 9  ? 4.943   14.809  8.666   1.00 103.35 ? 9   DG  A "C2'" 1 
ATOM   175 C  "C1'" . DG  A 1 9  ? 5.000   14.108  7.316   1.00 102.77 ? 9   DG  A "C1'" 1 
ATOM   176 N  N9    . DG  A 1 9  ? 4.582   12.700  7.341   1.00 94.55  ? 9   DG  A N9    1 
ATOM   177 C  C8    . DG  A 1 9  ? 5.107   11.691  8.114   1.00 97.21  ? 9   DG  A C8    1 
ATOM   178 N  N7    . DG  A 1 9  ? 4.548   10.527  7.903   1.00 90.72  ? 9   DG  A N7    1 
ATOM   179 C  C5    . DG  A 1 9  ? 3.599   10.777  6.923   1.00 84.96  ? 9   DG  A C5    1 
ATOM   180 C  C6    . DG  A 1 9  ? 2.682   9.895   6.290   1.00 82.98  ? 9   DG  A C6    1 
ATOM   181 O  O6    . DG  A 1 9  ? 2.525   8.671   6.484   1.00 73.54  ? 9   DG  A O6    1 
ATOM   182 N  N1    . DG  A 1 9  ? 1.896   10.560  5.354   1.00 69.70  ? 9   DG  A N1    1 
ATOM   183 C  C2    . DG  A 1 9  ? 1.980   11.901  5.060   1.00 76.91  ? 9   DG  A C2    1 
ATOM   184 N  N2    . DG  A 1 9  ? 1.134   12.354  4.124   1.00 71.46  ? 9   DG  A N2    1 
ATOM   185 N  N3    . DG  A 1 9  ? 2.832   12.740  5.643   1.00 83.29  ? 9   DG  A N3    1 
ATOM   186 C  C4    . DG  A 1 9  ? 3.607   12.112  6.560   1.00 84.11  ? 9   DG  A C4    1 
ATOM   187 P  P     . DA  A 1 10 ? 4.242   17.908  8.460   1.00 110.93 ? 10  DA  A P     1 
ATOM   188 O  OP1   . DA  A 1 10 ? 4.326   19.290  7.932   1.00 115.08 ? 10  DA  A OP1   1 
ATOM   189 O  OP2   . DA  A 1 10 ? 4.163   17.663  9.922   1.00 101.48 ? 10  DA  A OP2   1 
ATOM   190 O  "O5'" . DA  A 1 10 ? 2.978   17.234  7.770   1.00 108.21 ? 10  DA  A "O5'" 1 
ATOM   191 C  "C5'" . DA  A 1 10 ? 3.013   16.943  6.384   1.00 101.14 ? 10  DA  A "C5'" 1 
ATOM   192 C  "C4'" . DA  A 1 10 ? 1.838   17.583  5.682   1.00 98.44  ? 10  DA  A "C4'" 1 
ATOM   193 O  "O4'" . DA  A 1 10 ? 0.908   16.563  5.265   1.00 98.34  ? 10  DA  A "O4'" 1 
ATOM   194 C  "C3'" . DA  A 1 10 ? 1.027   18.534  6.533   1.00 94.46  ? 10  DA  A "C3'" 1 
ATOM   195 O  "O3'" . DA  A 1 10 ? 0.453   19.533  5.685   1.00 104.41 ? 10  DA  A "O3'" 1 
ATOM   196 C  "C2'" . DA  A 1 10 ? -0.022  17.610  7.193   1.00 91.58  ? 10  DA  A "C2'" 1 
ATOM   197 C  "C1'" . DA  A 1 10 ? -0.113  16.414  6.232   1.00 90.06  ? 10  DA  A "C1'" 1 
ATOM   198 N  N9    . DA  A 1 10 ? 0.048   15.092  6.860   1.00 81.55  ? 10  DA  A N9    1 
ATOM   199 C  C8    . DA  A 1 10 ? 0.973   14.716  7.793   1.00 82.41  ? 10  DA  A C8    1 
ATOM   200 N  N7    . DA  A 1 10 ? 0.889   13.449  8.145   1.00 81.26  ? 10  DA  A N7    1 
ATOM   201 C  C5    . DA  A 1 10 ? -0.153  12.962  7.384   1.00 71.41  ? 10  DA  A C5    1 
ATOM   202 C  C6    . DA  A 1 10 ? -0.742  11.688  7.288   1.00 65.89  ? 10  DA  A C6    1 
ATOM   203 N  N6    . DA  A 1 10 ? -0.342  10.633  7.999   1.00 64.68  ? 10  DA  A N6    1 
ATOM   204 N  N1    . DA  A 1 10 ? -1.765  11.538  6.428   1.00 67.20  ? 10  DA  A N1    1 
ATOM   205 C  C2    . DA  A 1 10 ? -2.167  12.594  5.714   1.00 72.45  ? 10  DA  A C2    1 
ATOM   206 N  N3    . DA  A 1 10 ? -1.691  13.839  5.714   1.00 74.04  ? 10  DA  A N3    1 
ATOM   207 C  C4    . DA  A 1 10 ? -0.678  13.957  6.579   1.00 78.65  ? 10  DA  A C4    1 
ATOM   208 P  P     . DG  A 1 11 ? -0.820  20.402  6.139   1.00 116.80 ? 11  DG  A P     1 
ATOM   209 O  OP1   . DG  A 1 11 ? -0.875  21.616  5.293   1.00 113.36 ? 11  DG  A OP1   1 
ATOM   210 O  OP2   . DG  A 1 11 ? -0.824  20.523  7.616   1.00 96.89  ? 11  DG  A OP2   1 
ATOM   211 O  "O5'" . DG  A 1 11 ? -2.042  19.501  5.687   1.00 100.06 ? 11  DG  A "O5'" 1 
ATOM   212 C  "C5'" . DG  A 1 11 ? -3.293  19.711  6.245   1.00 101.44 ? 11  DG  A "C5'" 1 
ATOM   213 C  "C4'" . DG  A 1 11 ? -4.200  18.568  5.886   1.00 94.23  ? 11  DG  A "C4'" 1 
ATOM   214 O  "O4'" . DG  A 1 11 ? -3.603  17.316  6.314   1.00 96.41  ? 11  DG  A "O4'" 1 
ATOM   215 C  "C3'" . DG  A 1 11 ? -5.559  18.632  6.539   1.00 91.16  ? 11  DG  A "C3'" 1 
ATOM   216 O  "O3'" . DG  A 1 11 ? -6.543  18.333  5.570   1.00 96.53  ? 11  DG  A "O3'" 1 
ATOM   217 C  "C2'" . DG  A 1 11 ? -5.485  17.575  7.645   1.00 91.87  ? 11  DG  A "C2'" 1 
ATOM   218 C  "C1'" . DG  A 1 11 ? -4.563  16.558  7.008   1.00 87.55  ? 11  DG  A "C1'" 1 
ATOM   219 N  N9    . DG  A 1 11 ? -3.864  15.683  7.951   1.00 80.30  ? 11  DG  A N9    1 
ATOM   220 C  C8    . DG  A 1 11 ? -2.838  16.022  8.795   1.00 77.30  ? 11  DG  A C8    1 
ATOM   221 N  N7    . DG  A 1 11 ? -2.391  15.013  9.496   1.00 82.80  ? 11  DG  A N7    1 
ATOM   222 C  C5    . DG  A 1 11 ? -3.167  13.939  9.082   1.00 73.57  ? 11  DG  A C5    1 
ATOM   223 C  C6    . DG  A 1 11 ? -3.144  12.581  9.486   1.00 70.84  ? 11  DG  A C6    1 
ATOM   224 O  O6    . DG  A 1 11 ? -2.413  12.046  10.324  1.00 73.80  ? 11  DG  A O6    1 
ATOM   225 N  N1    . DG  A 1 11 ? -4.104  11.823  8.824   1.00 74.13  ? 11  DG  A N1    1 
ATOM   226 C  C2    . DG  A 1 11 ? -4.970  12.317  7.877   1.00 76.51  ? 11  DG  A C2    1 
ATOM   227 N  N2    . DG  A 1 11 ? -5.823  11.438  7.333   1.00 77.96  ? 11  DG  A N2    1 
ATOM   228 N  N3    . DG  A 1 11 ? -4.998  13.586  7.486   1.00 69.79  ? 11  DG  A N3    1 
ATOM   229 C  C4    . DG  A 1 11 ? -4.076  14.333  8.129   1.00 73.17  ? 11  DG  A C4    1 
ATOM   230 P  P     . DA  B 2 1  ? -23.819 0.899   10.825  1.00 134.60 ? 12  DA  B P     1 
ATOM   231 O  OP1   . DA  B 2 1  ? -24.077 2.184   11.514  1.00 110.87 ? 12  DA  B OP1   1 
ATOM   232 O  OP2   . DA  B 2 1  ? -24.659 -0.269  11.181  1.00 134.47 ? 12  DA  B OP2   1 
ATOM   233 O  "O5'" . DA  B 2 1  ? -23.856 1.039   9.227   1.00 111.67 ? 12  DA  B "O5'" 1 
ATOM   234 C  "C5'" . DA  B 2 1  ? -25.015 0.621   8.503   1.00 101.88 ? 12  DA  B "C5'" 1 
ATOM   235 C  "C4'" . DA  B 2 1  ? -24.656 0.151   7.105   1.00 93.55  ? 12  DA  B "C4'" 1 
ATOM   236 O  "O4'" . DA  B 2 1  ? -23.932 1.186   6.396   1.00 86.11  ? 12  DA  B "O4'" 1 
ATOM   237 C  "C3'" . DA  B 2 1  ? -23.762 -1.097  7.049   1.00 95.97  ? 12  DA  B "C3'" 1 
ATOM   238 O  "O3'" . DA  B 2 1  ? -24.438 -2.163  6.379   1.00 99.48  ? 12  DA  B "O3'" 1 
ATOM   239 C  "C2'" . DA  B 2 1  ? -22.533 -0.633  6.263   1.00 90.10  ? 12  DA  B "C2'" 1 
ATOM   240 C  "C1'" . DA  B 2 1  ? -23.085 0.543   5.485   1.00 86.37  ? 12  DA  B "C1'" 1 
ATOM   241 N  N9    . DA  B 2 1  ? -22.048 1.463   5.018   1.00 83.40  ? 12  DA  B N9    1 
ATOM   242 C  C8    . DA  B 2 1  ? -21.149 2.145   5.781   1.00 79.63  ? 12  DA  B C8    1 
ATOM   243 N  N7    . DA  B 2 1  ? -20.319 2.884   5.086   1.00 82.55  ? 12  DA  B N7    1 
ATOM   244 C  C5    . DA  B 2 1  ? -20.686 2.662   3.774   1.00 71.02  ? 12  DA  B C5    1 
ATOM   245 C  C6    . DA  B 2 1  ? -20.186 3.151   2.555   1.00 72.54  ? 12  DA  B C6    1 
ATOM   246 N  N6    . DA  B 2 1  ? -19.173 4.008   2.470   1.00 67.44  ? 12  DA  B N6    1 
ATOM   247 N  N1    . DA  B 2 1  ? -20.777 2.734   1.419   1.00 77.73  ? 12  DA  B N1    1 
ATOM   248 C  C2    . DA  B 2 1  ? -21.799 1.881   1.508   1.00 74.80  ? 12  DA  B C2    1 
ATOM   249 N  N3    . DA  B 2 1  ? -22.354 1.346   2.597   1.00 80.49  ? 12  DA  B N3    1 
ATOM   250 C  C4    . DA  B 2 1  ? -21.744 1.785   3.709   1.00 78.59  ? 12  DA  B C4    1 
ATOM   251 P  P     . DC  B 2 2  ? -23.975 -3.688  6.605   1.00 112.75 ? 13  DC  B P     1 
ATOM   252 O  OP1   . DC  B 2 2  ? -24.800 -4.554  5.731   1.00 110.73 ? 13  DC  B OP1   1 
ATOM   253 O  OP2   . DC  B 2 2  ? -23.946 -3.929  8.066   1.00 105.96 ? 13  DC  B OP2   1 
ATOM   254 O  "O5'" . DC  B 2 2  ? -22.462 -3.710  6.075   1.00 101.73 ? 13  DC  B "O5'" 1 
ATOM   255 C  "C5'" . DC  B 2 2  ? -22.100 -4.535  4.973   1.00 105.00 ? 13  DC  B "C5'" 1 
ATOM   256 C  "C4'" . DC  B 2 2  ? -22.258 -3.803  3.645   1.00 102.25 ? 13  DC  B "C4'" 1 
ATOM   257 O  "O4'" . DC  B 2 2  ? -21.944 -2.401  3.805   1.00 96.16  ? 13  DC  B "O4'" 1 
ATOM   258 C  "C3'" . DC  B 2 2  ? -21.311 -4.272  2.559   1.00 101.87 ? 13  DC  B "C3'" 1 
ATOM   259 O  "O3'" . DC  B 2 2  ? -21.837 -5.418  1.913   1.00 101.68 ? 13  DC  B "O3'" 1 
ATOM   260 C  "C2'" . DC  B 2 2  ? -21.250 -3.068  1.621   1.00 91.02  ? 13  DC  B "C2'" 1 
ATOM   261 C  "C1'" . DC  B 2 2  ? -21.467 -1.879  2.570   1.00 91.10  ? 13  DC  B "C1'" 1 
ATOM   262 N  N1    . DC  B 2 2  ? -20.232 -1.031  2.836   1.00 82.99  ? 13  DC  B N1    1 
ATOM   263 C  C2    . DC  B 2 2  ? -19.507 -0.452  1.771   1.00 82.55  ? 13  DC  B C2    1 
ATOM   264 O  O2    . DC  B 2 2  ? -19.864 -0.650  0.602   1.00 88.99  ? 13  DC  B O2    1 
ATOM   265 N  N3    . DC  B 2 2  ? -18.425 0.313   2.052   1.00 78.25  ? 13  DC  B N3    1 
ATOM   266 C  C4    . DC  B 2 2  ? -18.061 0.516   3.317   1.00 79.74  ? 13  DC  B C4    1 
ATOM   267 N  N4    . DC  B 2 2  ? -16.986 1.273   3.543   1.00 68.57  ? 13  DC  B N4    1 
ATOM   268 C  C5    . DC  B 2 2  ? -18.784 -0.048  4.408   1.00 76.83  ? 13  DC  B C5    1 
ATOM   269 C  C6    . DC  B 2 2  ? -19.848 -0.805  4.124   1.00 79.03  ? 13  DC  B C6    1 
ATOM   270 P  P     . DT  B 2 3  ? -20.842 -6.583  1.426   1.00 119.43 ? 14  DT  B P     1 
ATOM   271 O  OP1   . DT  B 2 3  ? -21.651 -7.771  1.074   1.00 115.03 ? 14  DT  B OP1   1 
ATOM   272 O  OP2   . DT  B 2 3  ? -19.754 -6.692  2.430   1.00 96.55  ? 14  DT  B OP2   1 
ATOM   273 O  "O5'" . DT  B 2 3  ? -20.220 -5.999  0.082   1.00 98.25  ? 14  DT  B "O5'" 1 
ATOM   274 C  "C5'" . DT  B 2 3  ? -21.081 -5.479  -0.919  1.00 94.19  ? 14  DT  B "C5'" 1 
ATOM   275 C  "C4'" . DT  B 2 3  ? -20.276 -4.852  -2.033  1.00 99.64  ? 14  DT  B "C4'" 1 
ATOM   276 O  "O4'" . DT  B 2 3  ? -19.559 -3.694  -1.521  1.00 99.90  ? 14  DT  B "O4'" 1 
ATOM   277 C  "C3'" . DT  B 2 3  ? -19.220 -5.770  -2.649  1.00 93.37  ? 14  DT  B "C3'" 1 
ATOM   278 O  "O3'" . DT  B 2 3  ? -19.196 -5.588  -4.045  1.00 98.69  ? 14  DT  B "O3'" 1 
ATOM   279 C  "C2'" . DT  B 2 3  ? -17.926 -5.291  -2.003  1.00 89.77  ? 14  DT  B "C2'" 1 
ATOM   280 C  "C1'" . DT  B 2 3  ? -18.196 -3.801  -1.867  1.00 92.78  ? 14  DT  B "C1'" 1 
ATOM   281 N  N1    . DT  B 2 3  ? -17.365 -3.135  -0.811  1.00 86.04  ? 14  DT  B N1    1 
ATOM   282 C  C2    . DT  B 2 3  ? -16.339 -2.301  -1.198  1.00 80.51  ? 14  DT  B C2    1 
ATOM   283 O  O2    . DT  B 2 3  ? -16.075 -2.062  -2.365  1.00 81.96  ? 14  DT  B O2    1 
ATOM   284 N  N3    . DT  B 2 3  ? -15.632 -1.750  -0.166  1.00 76.00  ? 14  DT  B N3    1 
ATOM   285 C  C4    . DT  B 2 3  ? -15.841 -1.942  1.188   1.00 81.18  ? 14  DT  B C4    1 
ATOM   286 O  O4    . DT  B 2 3  ? -15.155 -1.395  2.043   1.00 83.40  ? 14  DT  B O4    1 
ATOM   287 C  C5    . DT  B 2 3  ? -16.926 -2.828  1.527   1.00 78.43  ? 14  DT  B C5    1 
ATOM   288 C  C7    . DT  B 2 3  ? -17.241 -3.108  2.965   1.00 76.21  ? 14  DT  B C7    1 
ATOM   289 C  C6    . DT  B 2 3  ? -17.626 -3.380  0.524   1.00 82.59  ? 14  DT  B C6    1 
ATOM   290 P  P     . DC  B 2 4  ? -18.357 -6.593  -4.974  1.00 114.02 ? 15  DC  B P     1 
ATOM   291 O  OP1   . DC  B 2 4  ? -18.998 -6.612  -6.310  1.00 103.14 ? 15  DC  B OP1   1 
ATOM   292 O  OP2   . DC  B 2 4  ? -18.160 -7.836  -4.193  1.00 97.23  ? 15  DC  B OP2   1 
ATOM   293 O  "O5'" . DC  B 2 4  ? -16.934 -5.883  -5.124  1.00 96.15  ? 15  DC  B "O5'" 1 
ATOM   294 C  "C5'" . DC  B 2 4  ? -16.857 -4.519  -5.492  1.00 92.74  ? 15  DC  B "C5'" 1 
ATOM   295 C  "C4'" . DC  B 2 4  ? -15.432 -4.146  -5.852  1.00 99.38  ? 15  DC  B "C4'" 1 
ATOM   296 O  "O4'" . DC  B 2 4  ? -14.776 -3.511  -4.722  1.00 86.49  ? 15  DC  B "O4'" 1 
ATOM   297 C  "C3'" . DC  B 2 4  ? -14.544 -5.316  -6.254  1.00 103.30 ? 15  DC  B "C3'" 1 
ATOM   298 O  "O3'" . DC  B 2 4  ? -13.718 -4.914  -7.320  1.00 113.98 ? 15  DC  B "O3'" 1 
ATOM   299 C  "C2'" . DC  B 2 4  ? -13.730 -5.591  -4.983  1.00 99.16  ? 15  DC  B "C2'" 1 
ATOM   300 C  "C1'" . DC  B 2 4  ? -13.573 -4.186  -4.417  1.00 87.01  ? 15  DC  B "C1'" 1 
ATOM   301 N  N1    . DC  B 2 4  ? -13.392 -4.126  -2.935  1.00 85.66  ? 15  DC  B N1    1 
ATOM   302 C  C2    . DC  B 2 4  ? -12.387 -3.318  -2.396  1.00 79.41  ? 15  DC  B C2    1 
ATOM   303 O  O2    . DC  B 2 4  ? -11.639 -2.691  -3.161  1.00 74.00  ? 15  DC  B O2    1 
ATOM   304 N  N3    . DC  B 2 4  ? -12.250 -3.252  -1.047  1.00 78.59  ? 15  DC  B N3    1 
ATOM   305 C  C4    . DC  B 2 4  ? -13.076 -3.944  -0.257  1.00 77.82  ? 15  DC  B C4    1 
ATOM   306 N  N4    . DC  B 2 4  ? -12.903 -3.844  1.065   1.00 79.47  ? 15  DC  B N4    1 
ATOM   307 C  C5    . DC  B 2 4  ? -14.114 -4.766  -0.787  1.00 73.41  ? 15  DC  B C5    1 
ATOM   308 C  C6    . DC  B 2 4  ? -14.238 -4.823  -2.117  1.00 78.47  ? 15  DC  B C6    1 
ATOM   309 P  P     . DC  B 2 5  ? -13.119 -6.000  -8.333  1.00 114.20 ? 16  DC  B P     1 
ATOM   310 O  OP1   . DC  B 2 5  ? -13.318 -5.452  -9.696  1.00 106.48 ? 16  DC  B OP1   1 
ATOM   311 O  OP2   . DC  B 2 5  ? -13.659 -7.329  -7.942  1.00 88.49  ? 16  DC  B OP2   1 
ATOM   312 O  "O5'" . DC  B 2 5  ? -11.558 -5.954  -8.025  1.00 100.01 ? 16  DC  B "O5'" 1 
ATOM   313 C  "C5'" . DC  B 2 5  ? -10.866 -4.723  -8.142  1.00 95.63  ? 16  DC  B "C5'" 1 
ATOM   314 C  "C4'" . DC  B 2 5  ? -9.450  -4.852  -7.622  1.00 97.65  ? 16  DC  B "C4'" 1 
ATOM   315 O  "O4'" . DC  B 2 5  ? -9.433  -4.681  -6.178  1.00 97.30  ? 16  DC  B "O4'" 1 
ATOM   316 C  "C3'" . DC  B 2 5  ? -8.792  -6.205  -7.876  1.00 93.13  ? 16  DC  B "C3'" 1 
ATOM   317 O  "O3'" . DC  B 2 5  ? -7.414  -6.010  -8.071  1.00 97.17  ? 16  DC  B "O3'" 1 
ATOM   318 C  "C2'" . DC  B 2 5  ? -9.052  -6.934  -6.566  1.00 82.67  ? 16  DC  B "C2'" 1 
ATOM   319 C  "C1'" . DC  B 2 5  ? -8.803  -5.798  -5.598  1.00 85.49  ? 16  DC  B "C1'" 1 
ATOM   320 N  N1    . DC  B 2 5  ? -9.362  -6.013  -4.253  1.00 86.31  ? 16  DC  B N1    1 
ATOM   321 C  C2    . DC  B 2 5  ? -8.865  -5.261  -3.190  1.00 80.17  ? 16  DC  B C2    1 
ATOM   322 O  O2    . DC  B 2 5  ? -7.971  -4.435  -3.412  1.00 85.46  ? 16  DC  B O2    1 
ATOM   323 N  N3    . DC  B 2 5  ? -9.374  -5.461  -1.950  1.00 69.85  ? 16  DC  B N3    1 
ATOM   324 C  C4    . DC  B 2 5  ? -10.335 -6.364  -1.764  1.00 78.09  ? 16  DC  B C4    1 
ATOM   325 N  N4    . DC  B 2 5  ? -10.810 -6.524  -0.527  1.00 77.89  ? 16  DC  B N4    1 
ATOM   326 C  C5    . DC  B 2 5  ? -10.853 -7.146  -2.839  1.00 73.16  ? 16  DC  B C5    1 
ATOM   327 C  C6    . DC  B 2 5  ? -10.341 -6.940  -4.057  1.00 83.61  ? 16  DC  B C6    1 
ATOM   328 P  P     . DA  B 2 6  ? -6.732  -6.381  -9.472  1.00 113.64 ? 17  DA  B P     1 
ATOM   329 O  OP1   . DA  B 2 6  ? -7.411  -5.599  -10.532 1.00 95.79  ? 17  DA  B OP1   1 
ATOM   330 O  OP2   . DA  B 2 6  ? -6.697  -7.860  -9.543  1.00 112.90 ? 17  DA  B OP2   1 
ATOM   331 O  "O5'" . DA  B 2 6  ? -5.238  -5.842  -9.300  1.00 103.38 ? 17  DA  B "O5'" 1 
ATOM   332 C  "C5'" . DA  B 2 6  ? -5.014  -4.462  -9.078  1.00 95.68  ? 17  DA  B "C5'" 1 
ATOM   333 C  "C4'" . DA  B 2 6  ? -4.087  -4.231  -7.894  1.00 93.18  ? 17  DA  B "C4'" 1 
ATOM   334 O  "O4'" . DA  B 2 6  ? -4.715  -4.674  -6.666  1.00 92.84  ? 17  DA  B "O4'" 1 
ATOM   335 C  "C3'" . DA  B 2 6  ? -2.742  -4.935  -7.956  1.00 97.59  ? 17  DA  B "C3'" 1 
ATOM   336 O  "O3'" . DA  B 2 6  ? -1.760  -4.053  -7.457  1.00 97.93  ? 17  DA  B "O3'" 1 
ATOM   337 C  "C2'" . DA  B 2 6  ? -2.940  -6.161  -7.049  1.00 97.34  ? 17  DA  B "C2'" 1 
ATOM   338 C  "C1'" . DA  B 2 6  ? -3.904  -5.625  -6.003  1.00 89.07  ? 17  DA  B "C1'" 1 
ATOM   339 N  N9    . DA  B 2 6  ? -4.815  -6.611  -5.433  1.00 84.26  ? 17  DA  B N9    1 
ATOM   340 C  C8    . DA  B 2 6  ? -5.540  -7.555  -6.107  1.00 84.72  ? 17  DA  B C8    1 
ATOM   341 N  N7    . DA  B 2 6  ? -6.326  -8.269  -5.331  1.00 85.47  ? 17  DA  B N7    1 
ATOM   342 C  C5    . DA  B 2 6  ? -6.124  -7.735  -4.068  1.00 80.50  ? 17  DA  B C5    1 
ATOM   343 C  C6    . DA  B 2 6  ? -6.663  -8.048  -2.803  1.00 74.26  ? 17  DA  B C6    1 
ATOM   344 N  N6    . DA  B 2 6  ? -7.556  -9.014  -2.604  1.00 74.85  ? 17  DA  B N6    1 
ATOM   345 N  N1    . DA  B 2 6  ? -6.244  -7.326  -1.749  1.00 76.11  ? 17  DA  B N1    1 
ATOM   346 C  C2    . DA  B 2 6  ? -5.349  -6.356  -1.949  1.00 78.04  ? 17  DA  B C2    1 
ATOM   347 N  N3    . DA  B 2 6  ? -4.773  -5.968  -3.084  1.00 84.49  ? 17  DA  B N3    1 
ATOM   348 C  C4    . DA  B 2 6  ? -5.206  -6.706  -4.117  1.00 82.71  ? 17  DA  B C4    1 
ATOM   349 P  P     . DC  B 2 7  ? -0.213  -4.464  -7.432  1.00 109.44 ? 18  DC  B P     1 
ATOM   350 O  OP1   . DC  B 2 7  ? 0.555   -3.201  -7.537  1.00 90.99  ? 18  DC  B OP1   1 
ATOM   351 O  OP2   . DC  B 2 7  ? 0.003   -5.544  -8.421  1.00 105.67 ? 18  DC  B OP2   1 
ATOM   352 O  "O5'" . DC  B 2 7  ? -0.033  -5.055  -5.958  1.00 103.98 ? 18  DC  B "O5'" 1 
ATOM   353 C  "C5'" . DC  B 2 7  ? -0.660  -4.385  -4.884  1.00 100.24 ? 18  DC  B "C5'" 1 
ATOM   354 C  "C4'" . DC  B 2 7  ? -0.326  -5.021  -3.552  1.00 101.56 ? 18  DC  B "C4'" 1 
ATOM   355 O  "O4'" . DC  B 2 7  ? -1.423  -5.858  -3.117  1.00 98.97  ? 18  DC  B "O4'" 1 
ATOM   356 C  "C3'" . DC  B 2 7  ? 0.926   -5.895  -3.520  1.00 100.23 ? 18  DC  B "C3'" 1 
ATOM   357 O  "O3'" . DC  B 2 7  ? 1.685   -5.536  -2.370  1.00 99.70  ? 18  DC  B "O3'" 1 
ATOM   358 C  "C2'" . DC  B 2 7  ? 0.356   -7.319  -3.418  1.00 96.06  ? 18  DC  B "C2'" 1 
ATOM   359 C  "C1'" . DC  B 2 7  ? -0.913  -7.070  -2.620  1.00 97.74  ? 18  DC  B "C1'" 1 
ATOM   360 N  N1    . DC  B 2 7  ? -1.981  -8.101  -2.786  1.00 93.07  ? 18  DC  B N1    1 
ATOM   361 C  C2    . DC  B 2 7  ? -2.774  -8.446  -1.687  1.00 91.64  ? 18  DC  B C2    1 
ATOM   362 O  O2    . DC  B 2 7  ? -2.550  -7.917  -0.592  1.00 95.57  ? 18  DC  B O2    1 
ATOM   363 N  N3    . DC  B 2 7  ? -3.762  -9.361  -1.848  1.00 89.22  ? 18  DC  B N3    1 
ATOM   364 C  C4    . DC  B 2 7  ? -3.973  -9.907  -3.043  1.00 84.67  ? 18  DC  B C4    1 
ATOM   365 N  N4    . DC  B 2 7  ? -4.958  -10.804 -3.151  1.00 87.09  ? 18  DC  B N4    1 
ATOM   366 C  C5    . DC  B 2 7  ? -3.187  -9.556  -4.181  1.00 83.94  ? 18  DC  B C5    1 
ATOM   367 C  C6    . DC  B 2 7  ? -2.214  -8.653  -4.010  1.00 90.36  ? 18  DC  B C6    1 
ATOM   368 P  P     . DT  B 2 8  ? 3.098   -6.223  -2.034  1.00 115.62 ? 19  DT  B P     1 
ATOM   369 O  OP1   . DT  B 2 8  ? 4.050   -5.114  -1.792  1.00 106.39 ? 19  DT  B OP1   1 
ATOM   370 O  OP2   . DT  B 2 8  ? 3.414   -7.252  -3.052  1.00 109.78 ? 19  DT  B OP2   1 
ATOM   371 O  "O5'" . DT  B 2 8  ? 2.816   -6.953  -0.642  1.00 100.97 ? 19  DT  B "O5'" 1 
ATOM   372 C  "C5'" . DT  B 2 8  ? 1.798   -6.444  0.202   1.00 102.27 ? 19  DT  B "C5'" 1 
ATOM   373 C  "C4'" . DT  B 2 8  ? 1.613   -7.312  1.428   1.00 106.18 ? 19  DT  B "C4'" 1 
ATOM   374 O  "O4'" . DT  B 2 8  ? 0.506   -8.232  1.228   1.00 108.08 ? 19  DT  B "O4'" 1 
ATOM   375 C  "C3'" . DT  B 2 8  ? 2.806   -8.171  1.799   1.00 115.56 ? 19  DT  B "C3'" 1 
ATOM   376 O  "O3'" . DT  B 2 8  ? 2.860   -8.296  3.205   1.00 121.71 ? 19  DT  B "O3'" 1 
ATOM   377 C  "C2'" . DT  B 2 8  ? 2.482   -9.506  1.123   1.00 116.89 ? 19  DT  B "C2'" 1 
ATOM   378 C  "C1'" . DT  B 2 8  ? 0.965   -9.570  1.274   1.00 110.81 ? 19  DT  B "C1'" 1 
ATOM   379 N  N1    . DT  B 2 8  ? 0.267   -10.333 0.182   1.00 103.91 ? 19  DT  B N1    1 
ATOM   380 C  C2    . DT  B 2 8  ? -0.908  -10.996 0.470   1.00 101.50 ? 19  DT  B C2    1 
ATOM   381 O  O2    . DT  B 2 8  ? -1.407  -11.020 1.580   1.00 107.53 ? 19  DT  B O2    1 
ATOM   382 N  N3    . DT  B 2 8  ? -1.478  -11.639 -0.594  1.00 102.49 ? 19  DT  B N3    1 
ATOM   383 C  C4    . DT  B 2 8  ? -1.008  -11.686 -1.895  1.00 106.07 ? 19  DT  B C4    1 
ATOM   384 O  O4    . DT  B 2 8  ? -1.597  -12.296 -2.787  1.00 105.95 ? 19  DT  B O4    1 
ATOM   385 C  C5    . DT  B 2 8  ? 0.226   -10.966 -2.132  1.00 101.51 ? 19  DT  B C5    1 
ATOM   386 C  C7    . DT  B 2 8  ? 0.837   -10.943 -3.503  1.00 94.12  ? 19  DT  B C7    1 
ATOM   387 C  C6    . DT  B 2 8  ? 0.794   -10.330 -1.094  1.00 103.74 ? 19  DT  B C6    1 
ATOM   388 P  P     . DC  B 2 9  ? 4.266   -8.261  3.976   1.00 129.75 ? 20  DC  B P     1 
ATOM   389 O  OP1   . DC  B 2 9  ? 4.274   -7.034  4.805   1.00 122.84 ? 20  DC  B OP1   1 
ATOM   390 O  OP2   . DC  B 2 9  ? 5.350   -8.491  2.986   1.00 113.18 ? 20  DC  B OP2   1 
ATOM   391 O  "O5'" . DC  B 2 9  ? 4.151   -9.515  4.956   1.00 125.23 ? 20  DC  B "O5'" 1 
ATOM   392 C  "C5'" . DC  B 2 9  ? 2.922   -9.752  5.638   1.00 122.00 ? 20  DC  B "C5'" 1 
ATOM   393 C  "C4'" . DC  B 2 9  ? 2.611   -11.238 5.713   1.00 128.16 ? 20  DC  B "C4'" 1 
ATOM   394 O  "O4'" . DC  B 2 9  ? 2.099   -11.712 4.437   1.00 126.89 ? 20  DC  B "O4'" 1 
ATOM   395 C  "C3'" . DC  B 2 9  ? 3.806   -12.138 6.049   1.00 133.00 ? 20  DC  B "C3'" 1 
ATOM   396 O  "O3'" . DC  B 2 9  ? 3.425   -13.062 7.048   1.00 136.70 ? 20  DC  B "O3'" 1 
ATOM   397 C  "C2'" . DC  B 2 9  ? 4.099   -12.845 4.724   1.00 123.00 ? 20  DC  B "C2'" 1 
ATOM   398 C  "C1'" . DC  B 2 9  ? 2.698   -12.955 4.149   1.00 123.17 ? 20  DC  B "C1'" 1 
ATOM   399 N  N1    . DC  B 2 9  ? 2.659   -13.189 2.670   1.00 119.12 ? 20  DC  B N1    1 
ATOM   400 C  C2    . DC  B 2 9  ? 1.539   -13.811 2.099   1.00 114.03 ? 20  DC  B C2    1 
ATOM   401 O  O2    . DC  B 2 9  ? 0.596   -14.152 2.829   1.00 113.06 ? 20  DC  B O2    1 
ATOM   402 N  N3    . DC  B 2 9  ? 1.518   -14.016 0.758   1.00 107.66 ? 20  DC  B N3    1 
ATOM   403 C  C4    . DC  B 2 9  ? 2.553   -13.634 0.006   1.00 109.24 ? 20  DC  B C4    1 
ATOM   404 N  N4    . DC  B 2 9  ? 2.486   -13.858 -1.311  1.00 109.50 ? 20  DC  B N4    1 
ATOM   405 C  C5    . DC  B 2 9  ? 3.703   -13.004 0.571   1.00 106.92 ? 20  DC  B C5    1 
ATOM   406 C  C6    . DC  B 2 9  ? 3.715   -12.805 1.893   1.00 114.83 ? 20  DC  B C6    1 
ATOM   407 P  P     . DA  B 2 10 ? 4.526   -13.691 8.033   1.00 144.18 ? 21  DA  B P     1 
ATOM   408 O  OP1   . DA  B 2 10 ? 4.667   -12.769 9.185   1.00 144.93 ? 21  DA  B OP1   1 
ATOM   409 O  OP2   . DA  B 2 10 ? 5.713   -14.026 7.208   1.00 127.55 ? 21  DA  B OP2   1 
ATOM   410 O  "O5'" . DA  B 2 10 ? 3.836   -15.047 8.540   1.00 136.34 ? 21  DA  B "O5'" 1 
ATOM   411 C  "C5'" . DA  B 2 10 ? 2.518   -15.017 9.092   1.00 128.68 ? 21  DA  B "C5'" 1 
ATOM   412 C  "C4'" . DA  B 2 10 ? 1.631   -16.069 8.443   1.00 128.45 ? 21  DA  B "C4'" 1 
ATOM   413 O  "O4'" . DA  B 2 10 ? 1.707   -15.946 6.997   1.00 131.79 ? 21  DA  B "O4'" 1 
ATOM   414 C  "C3'" . DA  B 2 10 ? 1.992   -17.519 8.768   1.00 128.48 ? 21  DA  B "C3'" 1 
ATOM   415 O  "O3'" . DA  B 2 10 ? 0.805   -18.277 8.997   1.00 128.87 ? 21  DA  B "O3'" 1 
ATOM   416 C  "C2'" . DA  B 2 10 ? 2.729   -17.989 7.514   1.00 126.55 ? 21  DA  B "C2'" 1 
ATOM   417 C  "C1'" . DA  B 2 10 ? 2.029   -17.195 6.422   1.00 122.13 ? 21  DA  B "C1'" 1 
ATOM   418 N  N9    . DA  B 2 10 ? 2.868   -16.957 5.249   1.00 120.76 ? 21  DA  B N9    1 
ATOM   419 C  C8    . DA  B 2 10 ? 4.131   -16.429 5.235   1.00 120.23 ? 21  DA  B C8    1 
ATOM   420 N  N7    . DA  B 2 10 ? 4.651   -16.326 4.032   1.00 117.43 ? 21  DA  B N7    1 
ATOM   421 C  C5    . DA  B 2 10 ? 3.659   -16.820 3.198   1.00 118.46 ? 21  DA  B C5    1 
ATOM   422 C  C6    . DA  B 2 10 ? 3.588   -16.982 1.799   1.00 115.16 ? 21  DA  B C6    1 
ATOM   423 N  N6    . DA  B 2 10 ? 4.582   -16.645 0.969   1.00 108.95 ? 21  DA  B N6    1 
ATOM   424 N  N1    . DA  B 2 10 ? 2.451   -17.507 1.283   1.00 114.35 ? 21  DA  B N1    1 
ATOM   425 C  C2    . DA  B 2 10 ? 1.457   -17.844 2.120   1.00 114.92 ? 21  DA  B C2    1 
ATOM   426 N  N3    . DA  B 2 10 ? 1.407   -17.737 3.450   1.00 117.13 ? 21  DA  B N3    1 
ATOM   427 C  C4    . DA  B 2 10 ? 2.551   -17.214 3.932   1.00 120.58 ? 21  DA  B C4    1 
ATOM   428 P  P     . DC  C 3 1  ? -6.312  2.242   12.017  1.00 82.22  ? 1   DC  C P     1 
ATOM   429 O  OP1   . DC  C 3 1  ? -6.268  0.783   11.775  1.00 110.23 ? 1   DC  C OP1   1 
ATOM   430 O  OP2   . DC  C 3 1  ? -6.793  2.762   13.312  1.00 86.86  ? 1   DC  C OP2   1 
ATOM   431 O  "O5'" . DC  C 3 1  ? -7.172  2.985   10.899  1.00 78.45  ? 1   DC  C "O5'" 1 
ATOM   432 C  "C5'" . DC  C 3 1  ? -7.162  4.379   10.858  1.00 71.81  ? 1   DC  C "C5'" 1 
ATOM   433 C  "C4'" . DC  C 3 1  ? -7.954  4.913   9.696   1.00 71.92  ? 1   DC  C "C4'" 1 
ATOM   434 O  "O4'" . DC  C 3 1  ? -7.638  6.317   9.536   1.00 79.77  ? 1   DC  C "O4'" 1 
ATOM   435 C  "C3'" . DC  C 3 1  ? -7.638  4.298   8.346   1.00 72.34  ? 1   DC  C "C3'" 1 
ATOM   436 O  "O3'" . DC  C 3 1  ? -8.713  4.562   7.462   1.00 79.58  ? 1   DC  C "O3'" 1 
ATOM   437 C  "C2'" . DC  C 3 1  ? -6.398  5.078   7.939   1.00 76.18  ? 1   DC  C "C2'" 1 
ATOM   438 C  "C1'" . DC  C 3 1  ? -6.730  6.482   8.460   1.00 76.02  ? 1   DC  C "C1'" 1 
ATOM   439 N  N1    . DC  C 3 1  ? -5.547  7.237   8.966   1.00 64.84  ? 1   DC  C N1    1 
ATOM   440 C  C2    . DC  C 3 1  ? -5.388  8.580   8.619   1.00 66.11  ? 1   DC  C C2    1 
ATOM   441 O  O2    . DC  C 3 1  ? -6.230  9.114   7.893   1.00 74.66  ? 1   DC  C O2    1 
ATOM   442 N  N3    . DC  C 3 1  ? -4.314  9.257   9.088   1.00 63.60  ? 1   DC  C N3    1 
ATOM   443 C  C4    . DC  C 3 1  ? -3.429  8.638   9.871   1.00 67.97  ? 1   DC  C C4    1 
ATOM   444 N  N4    . DC  C 3 1  ? -2.382  9.341   10.316  1.00 69.01  ? 1   DC  C N4    1 
ATOM   445 C  C5    . DC  C 3 1  ? -3.577  7.267   10.232  1.00 63.00  ? 1   DC  C C5    1 
ATOM   446 C  C6    . DC  C 3 1  ? -4.641  6.613   9.763   1.00 61.17  ? 1   DC  C C6    1 
ATOM   447 P  P     . DT  C 3 2  ? -8.761  3.915   5.999   1.00 75.29  ? 2   DT  C P     1 
ATOM   448 O  OP1   . DT  C 3 2  ? -10.196 3.748   5.661   1.00 84.21  ? 2   DT  C OP1   1 
ATOM   449 O  OP2   . DT  C 3 2  ? -7.796  2.790   5.982   1.00 68.34  ? 2   DT  C OP2   1 
ATOM   450 O  "O5'" . DT  C 3 2  ? -8.201  5.062   5.044   1.00 72.20  ? 2   DT  C "O5'" 1 
ATOM   451 C  "C5'" . DT  C 3 2  ? -8.800  6.329   5.061   1.00 67.16  ? 2   DT  C "C5'" 1 
ATOM   452 C  "C4'" . DT  C 3 2  ? -8.023  7.293   4.191   1.00 70.24  ? 2   DT  C "C4'" 1 
ATOM   453 O  "O4'" . DT  C 3 2  ? -6.903  7.844   4.933   1.00 78.28  ? 2   DT  C "O4'" 1 
ATOM   454 C  "C3'" . DT  C 3 2  ? -7.430  6.682   2.925   1.00 68.40  ? 2   DT  C "C3'" 1 
ATOM   455 O  "O3'" . DT  C 3 2  ? -7.686  7.540   1.822   1.00 73.63  ? 2   DT  C "O3'" 1 
ATOM   456 C  "C2'" . DT  C 3 2  ? -5.934  6.618   3.246   1.00 71.38  ? 2   DT  C "C2'" 1 
ATOM   457 C  "C1'" . DT  C 3 2  ? -5.782  7.863   4.094   1.00 71.48  ? 2   DT  C "C1'" 1 
ATOM   458 N  N1    . DT  C 3 2  ? -4.550  7.898   4.942   1.00 67.54  ? 2   DT  C N1    1 
ATOM   459 C  C2    . DT  C 3 2  ? -3.857  9.075   5.059   1.00 70.22  ? 2   DT  C C2    1 
ATOM   460 O  O2    . DT  C 3 2  ? -4.187  10.101  4.500   1.00 78.86  ? 2   DT  C O2    1 
ATOM   461 N  N3    . DT  C 3 2  ? -2.750  9.012   5.859   1.00 65.14  ? 2   DT  C N3    1 
ATOM   462 C  C4    . DT  C 3 2  ? -2.280  7.911   6.548   1.00 66.56  ? 2   DT  C C4    1 
ATOM   463 O  O4    . DT  C 3 2  ? -1.268  7.952   7.252   1.00 66.89  ? 2   DT  C O4    1 
ATOM   464 C  C5    . DT  C 3 2  ? -3.054  6.709   6.381   1.00 62.97  ? 2   DT  C C5    1 
ATOM   465 C  C7    . DT  C 3 2  ? -2.639  5.446   7.078   1.00 66.41  ? 2   DT  C C7    1 
ATOM   466 C  C6    . DT  C 3 2  ? -4.141  6.760   5.597   1.00 66.65  ? 2   DT  C C6    1 
ATOM   467 P  P     . DA  C 3 3  ? -9.080  7.442   1.031   1.00 75.12  ? 3   DA  C P     1 
ATOM   468 O  OP1   . DA  C 3 3  ? -9.137  8.603   0.108   1.00 81.54  ? 3   DA  C OP1   1 
ATOM   469 O  OP2   . DA  C 3 3  ? -10.146 7.159   2.012   1.00 76.93  ? 3   DA  C OP2   1 
ATOM   470 O  "O5'" . DA  C 3 3  ? -8.955  6.123   0.144   1.00 77.23  ? 3   DA  C "O5'" 1 
ATOM   471 C  "C5'" . DA  C 3 3  ? -8.215  6.142   -1.073  1.00 75.39  ? 3   DA  C "C5'" 1 
ATOM   472 C  "C4'" . DA  C 3 3  ? -8.697  5.046   -2.006  1.00 69.79  ? 3   DA  C "C4'" 1 
ATOM   473 O  "O4'" . DA  C 3 3  ? -8.725  3.787   -1.290  1.00 72.01  ? 3   DA  C "O4'" 1 
ATOM   474 C  "C3'" . DA  C 3 3  ? -10.110 5.229   -2.501  1.00 70.86  ? 3   DA  C "C3'" 1 
ATOM   475 O  "O3'" . DA  C 3 3  ? -10.118 6.069   -3.642  1.00 78.38  ? 3   DA  C "O3'" 1 
ATOM   476 C  "C2'" . DA  C 3 3  ? -10.518 3.801   -2.841  1.00 69.94  ? 3   DA  C "C2'" 1 
ATOM   477 C  "C1'" . DA  C 3 3  ? -9.782  2.984   -1.780  1.00 68.61  ? 3   DA  C "C1'" 1 
ATOM   478 N  N9    . DA  C 3 3  ? -10.628 2.567   -0.661  1.00 64.43  ? 3   DA  C N9    1 
ATOM   479 C  C8    . DA  C 3 3  ? -10.534 2.964   0.643   1.00 69.72  ? 3   DA  C C8    1 
ATOM   480 N  N7    . DA  C 3 3  ? -11.430 2.410   1.434   1.00 63.64  ? 3   DA  C N7    1 
ATOM   481 C  C5    . DA  C 3 3  ? -12.160 1.602   0.588   1.00 63.50  ? 3   DA  C C5    1 
ATOM   482 C  C6    . DA  C 3 3  ? -13.256 0.743   0.809   1.00 68.34  ? 3   DA  C C6    1 
ATOM   483 N  N6    . DA  C 3 3  ? -13.821 0.562   2.005   1.00 65.34  ? 3   DA  C N6    1 
ATOM   484 N  N1    . DA  C 3 3  ? -13.751 0.075   -0.253  1.00 71.23  ? 3   DA  C N1    1 
ATOM   485 C  C2    . DA  C 3 3  ? -13.176 0.257   -1.453  1.00 75.07  ? 3   DA  C C2    1 
ATOM   486 N  N3    . DA  C 3 3  ? -12.141 1.034   -1.780  1.00 68.97  ? 3   DA  C N3    1 
ATOM   487 C  C4    . DA  C 3 3  ? -11.676 1.684   -0.706  1.00 65.65  ? 3   DA  C C4    1 
ATOM   488 P  P     . DG  C 3 4  ? -11.402 6.984   -3.956  1.00 86.98  ? 4   DG  C P     1 
ATOM   489 O  OP1   . DG  C 3 4  ? -11.074 7.844   -5.113  1.00 80.17  ? 4   DG  C OP1   1 
ATOM   490 O  OP2   . DG  C 3 4  ? -11.860 7.601   -2.690  1.00 83.53  ? 4   DG  C OP2   1 
ATOM   491 O  "O5'" . DG  C 3 4  ? -12.517 5.922   -4.381  1.00 85.85  ? 4   DG  C "O5'" 1 
ATOM   492 C  "C5'" . DG  C 3 4  ? -12.282 5.045   -5.475  1.00 77.65  ? 4   DG  C "C5'" 1 
ATOM   493 C  "C4'" . DG  C 3 4  ? -13.382 4.009   -5.573  1.00 75.56  ? 4   DG  C "C4'" 1 
ATOM   494 O  "O4'" . DG  C 3 4  ? -13.379 3.175   -4.394  1.00 81.94  ? 4   DG  C "O4'" 1 
ATOM   495 C  "C3'" . DG  C 3 4  ? -14.770 4.592   -5.661  1.00 75.61  ? 4   DG  C "C3'" 1 
ATOM   496 O  "O3'" . DG  C 3 4  ? -15.105 4.745   -7.040  1.00 94.80  ? 4   DG  C "O3'" 1 
ATOM   497 C  "C2'" . DG  C 3 4  ? -15.652 3.543   -4.965  1.00 77.18  ? 4   DG  C "C2'" 1 
ATOM   498 C  "C1'" . DG  C 3 4  ? -14.695 2.771   -4.068  1.00 64.72  ? 4   DG  C "C1'" 1 
ATOM   499 N  N9    . DG  C 3 4  ? -14.892 3.012   -2.645  1.00 63.83  ? 4   DG  C N9    1 
ATOM   500 C  C8    . DG  C 3 4  ? -14.178 3.885   -1.867  1.00 69.59  ? 4   DG  C C8    1 
ATOM   501 N  N7    . DG  C 3 4  ? -14.541 3.888   -0.619  1.00 68.70  ? 4   DG  C N7    1 
ATOM   502 C  C5    . DG  C 3 4  ? -15.563 2.953   -0.559  1.00 66.81  ? 4   DG  C C5    1 
ATOM   503 C  C6    . DG  C 3 4  ? -16.342 2.534   0.545   1.00 68.85  ? 4   DG  C C6    1 
ATOM   504 O  O6    . DG  C 3 4  ? -16.278 2.921   1.717   1.00 68.45  ? 4   DG  C O6    1 
ATOM   505 N  N1    . DG  C 3 4  ? -17.275 1.566   0.184   1.00 65.88  ? 4   DG  C N1    1 
ATOM   506 C  C2    . DG  C 3 4  ? -17.434 1.067   -1.083  1.00 68.32  ? 4   DG  C C2    1 
ATOM   507 N  N2    . DG  C 3 4  ? -18.389 0.136   -1.233  1.00 70.62  ? 4   DG  C N2    1 
ATOM   508 N  N3    . DG  C 3 4  ? -16.707 1.454   -2.135  1.00 69.09  ? 4   DG  C N3    1 
ATOM   509 C  C4    . DG  C 3 4  ? -15.794 2.398   -1.797  1.00 66.29  ? 4   DG  C C4    1 
ATOM   510 P  P     . DT  C 3 5  ? -16.434 5.525   -7.499  1.00 115.36 ? 5   DT  C P     1 
ATOM   511 O  OP1   . DT  C 3 5  ? -16.490 5.412   -8.974  1.00 102.54 ? 5   DT  C OP1   1 
ATOM   512 O  OP2   . DT  C 3 5  ? -16.493 6.854   -6.844  1.00 105.47 ? 5   DT  C OP2   1 
ATOM   513 O  "O5'" . DT  C 3 5  ? -17.614 4.650   -6.900  1.00 77.56  ? 5   DT  C "O5'" 1 
ATOM   514 C  "C5'" . DT  C 3 5  ? -17.870 3.357   -7.405  1.00 82.61  ? 5   DT  C "C5'" 1 
ATOM   515 C  "C4'" . DT  C 3 5  ? -19.203 2.908   -6.885  1.00 86.46  ? 5   DT  C "C4'" 1 
ATOM   516 O  "O4'" . DT  C 3 5  ? -19.042 2.392   -5.552  1.00 82.26  ? 5   DT  C "O4'" 1 
ATOM   517 C  "C3'" . DT  C 3 5  ? -20.174 4.055   -6.738  1.00 90.83  ? 5   DT  C "C3'" 1 
ATOM   518 O  "O3'" . DT  C 3 5  ? -20.886 4.249   -7.958  1.00 102.66 ? 5   DT  C "O3'" 1 
ATOM   519 C  "C2'" . DT  C 3 5  ? -21.086 3.599   -5.610  1.00 79.32  ? 5   DT  C "C2'" 1 
ATOM   520 C  "C1'" . DT  C 3 5  ? -20.211 2.650   -4.801  1.00 76.81  ? 5   DT  C "C1'" 1 
ATOM   521 N  N1    . DT  C 3 5  ? -19.830 3.206   -3.477  1.00 66.58  ? 5   DT  C N1    1 
ATOM   522 C  C2    . DT  C 3 5  ? -20.475 2.747   -2.357  1.00 66.47  ? 5   DT  C C2    1 
ATOM   523 O  O2    . DT  C 3 5  ? -21.341 1.896   -2.396  1.00 68.41  ? 5   DT  C O2    1 
ATOM   524 N  N3    . DT  C 3 5  ? -20.066 3.317   -1.183  1.00 64.02  ? 5   DT  C N3    1 
ATOM   525 C  C4    . DT  C 3 5  ? -19.094 4.284   -1.019  1.00 63.52  ? 5   DT  C C4    1 
ATOM   526 O  O4    . DT  C 3 5  ? -18.797 4.734   0.078   1.00 68.09  ? 5   DT  C O4    1 
ATOM   527 C  C5    . DT  C 3 5  ? -18.458 4.727   -2.233  1.00 62.97  ? 5   DT  C C5    1 
ATOM   528 C  C7    . DT  C 3 5  ? -17.392 5.777   -2.173  1.00 69.85  ? 5   DT  C C7    1 
ATOM   529 C  C6    . DT  C 3 5  ? -18.852 4.177   -3.393  1.00 67.83  ? 5   DT  C C6    1 
ATOM   530 O  "O5'" . DT  D 4 1  ? 11.148  -20.826 -8.235  1.00 131.85 ? 1   DT  D "O5'" 1 
ATOM   531 C  "C5'" . DT  D 4 1  ? 10.685  -21.254 -6.957  1.00 123.45 ? 1   DT  D "C5'" 1 
ATOM   532 C  "C4'" . DT  D 4 1  ? 9.274   -21.804 -7.050  1.00 123.86 ? 1   DT  D "C4'" 1 
ATOM   533 O  "O4'" . DT  D 4 1  ? 8.865   -22.296 -5.747  1.00 119.36 ? 1   DT  D "O4'" 1 
ATOM   534 C  "C3'" . DT  D 4 1  ? 8.214   -20.786 -7.454  1.00 125.78 ? 1   DT  D "C3'" 1 
ATOM   535 O  "O3'" . DT  D 4 1  ? 7.158   -21.430 -8.158  1.00 132.27 ? 1   DT  D "O3'" 1 
ATOM   536 C  "C2'" . DT  D 4 1  ? 7.744   -20.260 -6.110  1.00 118.82 ? 1   DT  D "C2'" 1 
ATOM   537 C  "C1'" . DT  D 4 1  ? 7.788   -21.524 -5.260  1.00 115.12 ? 1   DT  D "C1'" 1 
ATOM   538 N  N1    . DT  D 4 1  ? 8.021   -21.245 -3.822  1.00 117.65 ? 1   DT  D N1    1 
ATOM   539 C  C2    . DT  D 4 1  ? 7.260   -21.894 -2.879  1.00 118.66 ? 1   DT  D C2    1 
ATOM   540 O  O2    . DT  D 4 1  ? 6.401   -22.709 -3.161  1.00 117.73 ? 1   DT  D O2    1 
ATOM   541 N  N3    . DT  D 4 1  ? 7.546   -21.555 -1.581  1.00 114.70 ? 1   DT  D N3    1 
ATOM   542 C  C4    . DT  D 4 1  ? 8.494   -20.651 -1.142  1.00 115.03 ? 1   DT  D C4    1 
ATOM   543 O  O4    . DT  D 4 1  ? 8.677   -20.417 0.050   1.00 116.60 ? 1   DT  D O4    1 
ATOM   544 C  C5    . DT  D 4 1  ? 9.255   -20.001 -2.186  1.00 116.14 ? 1   DT  D C5    1 
ATOM   545 C  C7    . DT  D 4 1  ? 10.313  -18.997 -1.834  1.00 118.06 ? 1   DT  D C7    1 
ATOM   546 C  C6    . DT  D 4 1  ? 8.983   -20.324 -3.460  1.00 118.71 ? 1   DT  D C6    1 
ATOM   547 P  P     . DC  D 4 2  ? 6.185   -20.578 -9.114  1.00 140.84 ? 2   DC  D P     1 
ATOM   548 O  OP1   . DC  D 4 2  ? 6.318   -21.115 -10.490 1.00 128.27 ? 2   DC  D OP1   1 
ATOM   549 O  OP2   . DC  D 4 2  ? 6.444   -19.142 -8.866  1.00 136.51 ? 2   DC  D OP2   1 
ATOM   550 O  "O5'" . DC  D 4 2  ? 4.723   -20.934 -8.576  1.00 125.72 ? 2   DC  D "O5'" 1 
ATOM   551 C  "C5'" . DC  D 4 2  ? 4.213   -22.241 -8.744  1.00 120.49 ? 2   DC  D "C5'" 1 
ATOM   552 C  "C4'" . DC  D 4 2  ? 3.312   -22.617 -7.587  1.00 120.31 ? 2   DC  D "C4'" 1 
ATOM   553 O  "O4'" . DC  D 4 2  ? 3.958   -22.279 -6.338  1.00 113.13 ? 2   DC  D "O4'" 1 
ATOM   554 C  "C3'" . DC  D 4 2  ? 1.949   -21.912 -7.565  1.00 125.04 ? 2   DC  D "C3'" 1 
ATOM   555 O  "O3'" . DC  D 4 2  ? 0.912   -22.883 -7.489  1.00 129.72 ? 2   DC  D "O3'" 1 
ATOM   556 C  "C2'" . DC  D 4 2  ? 2.004   -21.042 -6.304  1.00 123.71 ? 2   DC  D "C2'" 1 
ATOM   557 C  "C1'" . DC  D 4 2  ? 2.978   -21.823 -5.443  1.00 119.52 ? 2   DC  D "C1'" 1 
ATOM   558 N  N1    . DC  D 4 2  ? 3.639   -21.011 -4.369  1.00 121.06 ? 2   DC  D N1    1 
ATOM   559 C  C2    . DC  D 4 2  ? 3.268   -21.199 -3.030  1.00 116.08 ? 2   DC  D C2    1 
ATOM   560 O  O2    . DC  D 4 2  ? 2.398   -22.032 -2.756  1.00 122.51 ? 2   DC  D O2    1 
ATOM   561 N  N3    . DC  D 4 2  ? 3.875   -20.462 -2.070  1.00 107.54 ? 2   DC  D N3    1 
ATOM   562 C  C4    . DC  D 4 2  ? 4.813   -19.576 -2.404  1.00 114.00 ? 2   DC  D C4    1 
ATOM   563 N  N4    . DC  D 4 2  ? 5.386   -18.875 -1.422  1.00 117.07 ? 2   DC  D N4    1 
ATOM   564 C  C5    . DC  D 4 2  ? 5.205   -19.369 -3.760  1.00 116.62 ? 2   DC  D C5    1 
ATOM   565 C  C6    . DC  D 4 2  ? 4.597   -20.101 -4.701  1.00 119.45 ? 2   DC  D C6    1 
ATOM   566 P  P     . DT  D 4 3  ? -0.630  -22.438 -7.587  1.00 139.30 ? 3   DT  D P     1 
ATOM   567 O  OP1   . DT  D 4 3  ? -1.426  -23.627 -7.974  1.00 125.49 ? 3   DT  D OP1   1 
ATOM   568 O  OP2   . DT  D 4 3  ? -0.688  -21.209 -8.407  1.00 145.48 ? 3   DT  D OP2   1 
ATOM   569 O  "O5'" . DT  D 4 3  ? -1.017  -22.081 -6.081  1.00 121.85 ? 3   DT  D "O5'" 1 
ATOM   570 C  "C5'" . DT  D 4 3  ? -0.968  -23.089 -5.089  1.00 121.42 ? 3   DT  D "C5'" 1 
ATOM   571 C  "C4'" . DT  D 4 3  ? -1.614  -22.607 -3.810  1.00 121.23 ? 3   DT  D "C4'" 1 
ATOM   572 O  "O4'" . DT  D 4 3  ? -0.674  -21.790 -3.067  1.00 126.20 ? 3   DT  D "O4'" 1 
ATOM   573 C  "C3'" . DT  D 4 3  ? -2.860  -21.747 -4.008  1.00 132.42 ? 3   DT  D "C3'" 1 
ATOM   574 O  "O3'" . DT  D 4 3  ? -3.848  -22.133 -3.078  1.00 133.80 ? 3   DT  D "O3'" 1 
ATOM   575 C  "C2'" . DT  D 4 3  ? -2.358  -20.328 -3.733  1.00 129.83 ? 3   DT  D "C2'" 1 
ATOM   576 C  "C1'" . DT  D 4 3  ? -1.303  -20.592 -2.673  1.00 122.27 ? 3   DT  D "C1'" 1 
ATOM   577 N  N1    . DT  D 4 3  ? -0.263  -19.521 -2.567  1.00 119.47 ? 3   DT  D N1    1 
ATOM   578 C  C2    . DT  D 4 3  ? 0.072   -19.028 -1.323  1.00 119.20 ? 3   DT  D C2    1 
ATOM   579 O  O2    . DT  D 4 3  ? -0.442  -19.417 -0.286  1.00 119.90 ? 3   DT  D O2    1 
ATOM   580 N  N3    . DT  D 4 3  ? 1.039   -18.057 -1.332  1.00 117.30 ? 3   DT  D N3    1 
ATOM   581 C  C4    . DT  D 4 3  ? 1.693   -17.537 -2.437  1.00 120.31 ? 3   DT  D C4    1 
ATOM   582 O  O4    . DT  D 4 3  ? 2.548   -16.663 -2.342  1.00 117.84 ? 3   DT  D O4    1 
ATOM   583 C  C5    . DT  D 4 3  ? 1.294   -18.096 -3.709  1.00 120.20 ? 3   DT  D C5    1 
ATOM   584 C  C7    . DT  D 4 3  ? 1.933   -17.608 -4.976  1.00 112.51 ? 3   DT  D C7    1 
ATOM   585 C  C6    . DT  D 4 3  ? 0.348   -19.051 -3.713  1.00 121.30 ? 3   DT  D C6    1 
ATOM   586 P  P     . DG  D 4 4  ? -5.398  -22.102 -3.489  1.00 129.71 ? 4   DG  D P     1 
ATOM   587 O  OP1   . DG  D 4 4  ? -5.788  -23.483 -3.860  1.00 135.26 ? 4   DG  D OP1   1 
ATOM   588 O  OP2   . DG  D 4 4  ? -5.571  -20.991 -4.455  1.00 123.41 ? 4   DG  D OP2   1 
ATOM   589 O  "O5'" . DG  D 4 4  ? -6.130  -21.716 -2.124  1.00 125.61 ? 4   DG  D "O5'" 1 
ATOM   590 C  "C5'" . DG  D 4 4  ? -5.806  -22.415 -0.927  1.00 126.88 ? 4   DG  D "C5'" 1 
ATOM   591 C  "C4'" . DG  D 4 4  ? -5.904  -21.503 0.287   1.00 130.16 ? 4   DG  D "C4'" 1 
ATOM   592 O  "O4'" . DG  D 4 4  ? -4.819  -20.536 0.270   1.00 133.35 ? 4   DG  D "O4'" 1 
ATOM   593 C  "C3'" . DG  D 4 4  ? -7.189  -20.686 0.386   1.00 128.98 ? 4   DG  D "C3'" 1 
ATOM   594 O  "O3'" . DG  D 4 4  ? -7.564  -20.569 1.744   1.00 132.45 ? 4   DG  D "O3'" 1 
ATOM   595 C  "C2'" . DG  D 4 4  ? -6.781  -19.336 -0.198  1.00 122.41 ? 4   DG  D "C2'" 1 
ATOM   596 C  "C1'" . DG  D 4 4  ? -5.344  -19.221 0.288   1.00 123.97 ? 4   DG  D "C1'" 1 
ATOM   597 N  N9    . DG  D 4 4  ? -4.501  -18.383 -0.560  1.00 117.26 ? 4   DG  D N9    1 
ATOM   598 C  C8    . DG  D 4 4  ? -4.542  -18.281 -1.933  1.00 122.84 ? 4   DG  D C8    1 
ATOM   599 N  N7    . DG  D 4 4  ? -3.651  -17.458 -2.423  1.00 120.72 ? 4   DG  D N7    1 
ATOM   600 C  C5    . DG  D 4 4  ? -2.973  -16.989 -1.305  1.00 118.42 ? 4   DG  D C5    1 
ATOM   601 C  C6    . DG  D 4 4  ? -1.897  -16.072 -1.207  1.00 112.11 ? 4   DG  D C6    1 
ATOM   602 O  O6    . DG  D 4 4  ? -1.314  -15.472 -2.123  1.00 108.37 ? 4   DG  D O6    1 
ATOM   603 N  N1    . DG  D 4 4  ? -1.509  -15.873 0.117   1.00 112.68 ? 4   DG  D N1    1 
ATOM   604 C  C2    . DG  D 4 4  ? -2.083  -16.485 1.211   1.00 117.20 ? 4   DG  D C2    1 
ATOM   605 N  N2    . DG  D 4 4  ? -1.568  -16.166 2.411   1.00 114.58 ? 4   DG  D N2    1 
ATOM   606 N  N3    . DG  D 4 4  ? -3.092  -17.349 1.135   1.00 116.51 ? 4   DG  D N3    1 
ATOM   607 C  C4    . DG  D 4 4  ? -3.484  -17.552 -0.149  1.00 118.44 ? 4   DG  D C4    1 
ATOM   608 P  P     . DA  D 4 5  ? -9.088  -20.260 2.140   1.00 132.92 ? 5   DA  D P     1 
ATOM   609 O  OP1   . DA  D 4 5  ? -9.681  -21.506 2.673   1.00 129.01 ? 5   DA  D OP1   1 
ATOM   610 O  OP2   . DA  D 4 5  ? -9.719  -19.570 0.992   1.00 132.08 ? 5   DA  D OP2   1 
ATOM   611 O  "O5'" . DA  D 4 5  ? -8.957  -19.216 3.343   1.00 134.27 ? 5   DA  D "O5'" 1 
ATOM   612 C  "C5'" . DA  D 4 5  ? -8.274  -19.592 4.532   1.00 130.44 ? 5   DA  D "C5'" 1 
ATOM   613 C  "C4'" . DA  D 4 5  ? -7.722  -18.371 5.244   1.00 127.77 ? 5   DA  D "C4'" 1 
ATOM   614 O  "O4'" . DA  D 4 5  ? -6.776  -17.690 4.377   1.00 119.25 ? 5   DA  D "O4'" 1 
ATOM   615 C  "C3'" . DA  D 4 5  ? -8.762  -17.332 5.643   1.00 129.69 ? 5   DA  D "C3'" 1 
ATOM   616 O  "O3'" . DA  D 4 5  ? -8.441  -16.798 6.924   1.00 131.25 ? 5   DA  D "O3'" 1 
ATOM   617 C  "C2'" . DA  D 4 5  ? -8.659  -16.282 4.533   1.00 120.51 ? 5   DA  D "C2'" 1 
ATOM   618 C  "C1'" . DA  D 4 5  ? -7.186  -16.358 4.149   1.00 117.53 ? 5   DA  D "C1'" 1 
ATOM   619 N  N9    . DA  D 4 5  ? -6.939  -16.045 2.744   1.00 117.14 ? 5   DA  D N9    1 
ATOM   620 C  C8    . DA  D 4 5  ? -7.600  -16.560 1.664   1.00 116.74 ? 5   DA  D C8    1 
ATOM   621 N  N7    . DA  D 4 5  ? -7.167  -16.105 0.512   1.00 115.39 ? 5   DA  D N7    1 
ATOM   622 C  C5    . DA  D 4 5  ? -6.149  -15.231 0.858   1.00 109.75 ? 5   DA  D C5    1 
ATOM   623 C  C6    . DA  D 4 5  ? -5.286  -14.421 0.086   1.00 100.90 ? 5   DA  D C6    1 
ATOM   624 N  N6    . DA  D 4 5  ? -5.325  -14.369 -1.248  1.00 103.09 ? 5   DA  D N6    1 
ATOM   625 N  N1    . DA  D 4 5  ? -4.380  -13.667 0.743   1.00 94.23  ? 5   DA  D N1    1 
ATOM   626 C  C2    . DA  D 4 5  ? -4.348  -13.722 2.082   1.00 103.69 ? 5   DA  D C2    1 
ATOM   627 N  N3    . DA  D 4 5  ? -5.106  -14.443 2.915   1.00 104.51 ? 5   DA  D N3    1 
ATOM   628 C  C4    . DA  D 4 5  ? -5.994  -15.182 2.233   1.00 109.40 ? 5   DA  D C4    1 
ATOM   629 P  P     . DG  D 4 6  ? -9.264  -15.553 7.521   1.00 144.39 ? 6   DG  D P     1 
ATOM   630 O  OP1   . DG  D 4 6  ? -9.067  -15.547 8.990   1.00 141.38 ? 6   DG  D OP1   1 
ATOM   631 O  OP2   . DG  D 4 6  ? -10.638 -15.591 6.962   1.00 134.65 ? 6   DG  D OP2   1 
ATOM   632 O  "O5'" . DG  D 4 6  ? -8.504  -14.284 6.916   1.00 129.09 ? 6   DG  D "O5'" 1 
ATOM   633 C  "C5'" . DG  D 4 6  ? -7.085  -14.198 7.005   1.00 118.15 ? 6   DG  D "C5'" 1 
ATOM   634 C  "C4'" . DG  D 4 6  ? -6.628  -12.775 6.776   1.00 111.33 ? 6   DG  D "C4'" 1 
ATOM   635 O  "O4'" . DG  D 4 6  ? -6.286  -12.591 5.386   1.00 106.61 ? 6   DG  D "O4'" 1 
ATOM   636 C  "C3'" . DG  D 4 6  ? -7.668  -11.710 7.118   1.00 111.70 ? 6   DG  D "C3'" 1 
ATOM   637 O  "O3'" . DG  D 4 6  ? -7.104  -10.789 8.035   1.00 114.89 ? 6   DG  D "O3'" 1 
ATOM   638 C  "C2'" . DG  D 4 6  ? -8.018  -11.063 5.767   1.00 96.83  ? 6   DG  D "C2'" 1 
ATOM   639 C  "C1'" . DG  D 4 6  ? -6.788  -11.359 4.925   1.00 101.54 ? 6   DG  D "C1'" 1 
ATOM   640 N  N9    . DG  D 4 6  ? -7.067  -11.520 3.502   1.00 95.03  ? 6   DG  D N9    1 
ATOM   641 C  C8    . DG  D 4 6  ? -8.079  -12.255 2.941   1.00 96.56  ? 6   DG  D C8    1 
ATOM   642 N  N7    . DG  D 4 6  ? -8.063  -12.247 1.638   1.00 94.83  ? 6   DG  D N7    1 
ATOM   643 C  C5    . DG  D 4 6  ? -6.963  -11.463 1.315   1.00 88.86  ? 6   DG  D C5    1 
ATOM   644 C  C6    . DG  D 4 6  ? -6.443  -11.097 0.047   1.00 90.09  ? 6   DG  D C6    1 
ATOM   645 O  O6    . DG  D 4 6  ? -6.867  -11.405 -1.070  1.00 90.67  ? 6   DG  D O6    1 
ATOM   646 N  N1    . DG  D 4 6  ? -5.312  -10.295 0.163   1.00 81.37  ? 6   DG  D N1    1 
ATOM   647 C  C2    . DG  D 4 6  ? -4.758  -9.898  1.354   1.00 87.94  ? 6   DG  D C2    1 
ATOM   648 N  N2    . DG  D 4 6  ? -3.669  -9.123  1.273   1.00 94.08  ? 6   DG  D N2    1 
ATOM   649 N  N3    . DG  D 4 6  ? -5.236  -10.237 2.546   1.00 87.65  ? 6   DG  D N3    1 
ATOM   650 C  C4    . DG  D 4 6  ? -6.336  -11.015 2.449   1.00 85.74  ? 6   DG  D C4    1 
ATOM   651 P  P     . DT  D 4 7  ? -7.906  -9.476  8.484   1.00 118.62 ? 7   DT  D P     1 
ATOM   652 O  OP1   . DT  D 4 7  ? -7.453  -9.139  9.854   1.00 106.02 ? 7   DT  D OP1   1 
ATOM   653 O  OP2   . DT  D 4 7  ? -9.353  -9.691  8.226   1.00 90.99  ? 7   DT  D OP2   1 
ATOM   654 O  "O5'" . DT  D 4 7  ? -7.331  -8.364  7.489   1.00 113.70 ? 7   DT  D "O5'" 1 
ATOM   655 C  "C5'" . DT  D 4 7  ? -5.942  -8.349  7.187   1.00 92.58  ? 7   DT  D "C5'" 1 
ATOM   656 C  "C4'" . DT  D 4 7  ? -5.561  -7.117  6.381   1.00 95.53  ? 7   DT  D "C4'" 1 
ATOM   657 O  "O4'" . DT  D 4 7  ? -5.653  -7.399  4.957   1.00 97.70  ? 7   DT  D "O4'" 1 
ATOM   658 C  "C3'" . DT  D 4 7  ? -6.438  -5.881  6.584   1.00 100.01 ? 7   DT  D "C3'" 1 
ATOM   659 O  "O3'" . DT  D 4 7  ? -5.650  -4.742  6.310   1.00 97.88  ? 7   DT  D "O3'" 1 
ATOM   660 C  "C2'" . DT  D 4 7  ? -7.463  -6.061  5.474   1.00 85.30  ? 7   DT  D "C2'" 1 
ATOM   661 C  "C1'" . DT  D 4 7  ? -6.495  -6.422  4.372   1.00 89.81  ? 7   DT  D "C1'" 1 
ATOM   662 N  N1    . DT  D 4 7  ? -7.100  -6.979  3.157   1.00 85.40  ? 7   DT  D N1    1 
ATOM   663 C  C2    . DT  D 4 7  ? -6.481  -6.752  1.952   1.00 86.73  ? 7   DT  D C2    1 
ATOM   664 O  O2    . DT  D 4 7  ? -5.457  -6.091  1.842   1.00 94.17  ? 7   DT  D O2    1 
ATOM   665 N  N3    . DT  D 4 7  ? -7.096  -7.322  0.875   1.00 76.85  ? 7   DT  D N3    1 
ATOM   666 C  C4    . DT  D 4 7  ? -8.245  -8.083  0.884   1.00 85.11  ? 7   DT  D C4    1 
ATOM   667 O  O4    . DT  D 4 7  ? -8.723  -8.554  -0.142  1.00 89.14  ? 7   DT  D O4    1 
ATOM   668 C  C5    . DT  D 4 7  ? -8.845  -8.283  2.187   1.00 83.02  ? 7   DT  D C5    1 
ATOM   669 C  C7    . DT  D 4 7  ? -10.098 -9.093  2.324   1.00 80.81  ? 7   DT  D C7    1 
ATOM   670 C  C6    . DT  D 4 7  ? -8.251  -7.728  3.250   1.00 84.25  ? 7   DT  D C6    1 
ATOM   671 P  P     . DG  D 4 8  ? -5.373  -3.624  7.423   1.00 104.00 ? 8   DG  D P     1 
ATOM   672 O  OP1   . DG  D 4 8  ? -4.515  -4.228  8.469   1.00 96.74  ? 8   DG  D OP1   1 
ATOM   673 O  OP2   . DG  D 4 8  ? -6.677  -3.021  7.794   1.00 99.88  ? 8   DG  D OP2   1 
ATOM   674 O  "O5'" . DG  D 4 8  ? -4.515  -2.551  6.613   1.00 83.05  ? 8   DG  D "O5'" 1 
ATOM   675 C  "C5'" . DG  D 4 8  ? -3.396  -2.982  5.862   1.00 72.92  ? 8   DG  D "C5'" 1 
ATOM   676 C  "C4'" . DG  D 4 8  ? -3.166  -2.100  4.644   1.00 84.26  ? 8   DG  D "C4'" 1 
ATOM   677 O  "O4'" . DG  D 4 8  ? -4.071  -2.469  3.577   1.00 87.81  ? 8   DG  D "O4'" 1 
ATOM   678 C  "C3'" . DG  D 4 8  ? -3.371  -0.612  4.849   1.00 79.92  ? 8   DG  D "C3'" 1 
ATOM   679 O  "O3'" . DG  D 4 8  ? -2.512  0.087   3.970   1.00 63.93  ? 8   DG  D "O3'" 1 
ATOM   680 C  "C2'" . DG  D 4 8  ? -4.847  -0.422  4.471   1.00 79.94  ? 8   DG  D "C2'" 1 
ATOM   681 C  "C1'" . DG  D 4 8  ? -5.015  -1.430  3.340   1.00 81.31  ? 8   DG  D "C1'" 1 
ATOM   682 N  N9    . DG  D 4 8  ? -6.320  -2.076  3.283   1.00 77.63  ? 8   DG  D N9    1 
ATOM   683 C  C8    . DG  D 4 8  ? -7.172  -2.335  4.323   1.00 83.53  ? 8   DG  D C8    1 
ATOM   684 N  N7    . DG  D 4 8  ? -8.245  -2.988  3.960   1.00 81.43  ? 8   DG  D N7    1 
ATOM   685 C  C5    . DG  D 4 8  ? -8.073  -3.193  2.601   1.00 75.18  ? 8   DG  D C5    1 
ATOM   686 C  C6    . DG  D 4 8  ? -8.902  -3.849  1.663   1.00 77.66  ? 8   DG  D C6    1 
ATOM   687 O  O6    . DG  D 4 8  ? -10.000 -4.398  1.862   1.00 77.63  ? 8   DG  D O6    1 
ATOM   688 N  N1    . DG  D 4 8  ? -8.353  -3.827  0.385   1.00 73.29  ? 8   DG  D N1    1 
ATOM   689 C  C2    . DG  D 4 8  ? -7.151  -3.246  0.058   1.00 74.86  ? 8   DG  D C2    1 
ATOM   690 N  N2    . DG  D 4 8  ? -6.782  -3.321  -1.226  1.00 77.96  ? 8   DG  D N2    1 
ATOM   691 N  N3    . DG  D 4 8  ? -6.366  -2.634  0.925   1.00 77.91  ? 8   DG  D N3    1 
ATOM   692 C  C4    . DG  D 4 8  ? -6.889  -2.645  2.170   1.00 73.84  ? 8   DG  D C4    1 
ATOM   693 P  P     . DG  D 4 9  ? -2.444  1.680   4.018   1.00 87.56  ? 9   DG  D P     1 
ATOM   694 O  OP1   . DG  D 4 9  ? -1.097  2.118   3.583   1.00 88.48  ? 9   DG  D OP1   1 
ATOM   695 O  OP2   . DG  D 4 9  ? -3.012  2.064   5.335   1.00 83.28  ? 9   DG  D OP2   1 
ATOM   696 O  "O5'" . DG  D 4 9  ? -3.464  2.139   2.886   1.00 79.52  ? 9   DG  D "O5'" 1 
ATOM   697 C  "C5'" . DG  D 4 9  ? -3.095  2.042   1.538   1.00 72.88  ? 9   DG  D "C5'" 1 
ATOM   698 C  "C4'" . DG  D 4 9  ? -4.299  2.265   0.649   1.00 74.66  ? 9   DG  D "C4'" 1 
ATOM   699 O  "O4'" . DG  D 4 9  ? -5.355  1.333   1.006   1.00 75.63  ? 9   DG  D "O4'" 1 
ATOM   700 C  "C3'" . DG  D 4 9  ? -4.929  3.668   0.747   1.00 70.05  ? 9   DG  D "C3'" 1 
ATOM   701 O  "O3'" . DG  D 4 9  ? -5.021  4.249   -0.536  1.00 68.72  ? 9   DG  D "O3'" 1 
ATOM   702 C  "C2'" . DG  D 4 9  ? -6.329  3.389   1.313   1.00 74.99  ? 9   DG  D "C2'" 1 
ATOM   703 C  "C1'" . DG  D 4 9  ? -6.567  1.990   0.783   1.00 71.05  ? 9   DG  D "C1'" 1 
ATOM   704 N  N9    . DG  D 4 9  ? -7.665  1.261   1.419   1.00 70.33  ? 9   DG  D N9    1 
ATOM   705 C  C8    . DG  D 4 9  ? -8.068  1.312   2.736   1.00 70.99  ? 9   DG  D C8    1 
ATOM   706 N  N7    . DG  D 4 9  ? -9.101  0.541   2.994   1.00 70.81  ? 9   DG  D N7    1 
ATOM   707 C  C5    . DG  D 4 9  ? -9.396  -0.050  1.771   1.00 63.44  ? 9   DG  D C5    1 
ATOM   708 C  C6    . DG  D 4 9  ? -10.414 -0.973  1.423   1.00 70.82  ? 9   DG  D C6    1 
ATOM   709 O  O6    . DG  D 4 9  ? -11.288 -1.478  2.151   1.00 70.54  ? 9   DG  D O6    1 
ATOM   710 N  N1    . DG  D 4 9  ? -10.357 -1.307  0.072   1.00 67.07  ? 9   DG  D N1    1 
ATOM   711 C  C2    . DG  D 4 9  ? -9.441  -0.813  -0.829  1.00 76.74  ? 9   DG  D C2    1 
ATOM   712 N  N2    . DG  D 4 9  ? -9.547  -1.259  -2.087  1.00 74.90  ? 9   DG  D N2    1 
ATOM   713 N  N3    . DG  D 4 9  ? -8.483  0.052   -0.516  1.00 75.75  ? 9   DG  D N3    1 
ATOM   714 C  C4    . DG  D 4 9  ? -8.521  0.388   0.795   1.00 70.45  ? 9   DG  D C4    1 
ATOM   715 P  P     . DC  D 4 10 ? -3.774  5.021   -1.186  1.00 81.42  ? 10  DC  D P     1 
ATOM   716 O  OP1   . DC  D 4 10 ? -4.131  5.294   -2.599  1.00 74.47  ? 10  DC  D OP1   1 
ATOM   717 O  OP2   . DC  D 4 10 ? -2.555  4.275   -0.815  1.00 82.40  ? 10  DC  D OP2   1 
ATOM   718 O  "O5'" . DC  D 4 10 ? -3.723  6.430   -0.429  1.00 83.40  ? 10  DC  D "O5'" 1 
ATOM   719 C  "C5'" . DC  D 4 10 ? -4.737  7.394   -0.664  1.00 78.81  ? 10  DC  D "C5'" 1 
ATOM   720 C  "C4'" . DC  D 4 10 ? -4.256  8.782   -0.289  1.00 80.70  ? 10  DC  D "C4'" 1 
ATOM   721 O  "O4'" . DC  D 4 10 ? -4.100  8.870   1.146   1.00 79.30  ? 10  DC  D "O4'" 1 
ATOM   722 C  "C3'" . DC  D 4 10 ? -2.908  9.152   -0.860  1.00 84.39  ? 10  DC  D "C3'" 1 
ATOM   723 O  "O3'" . DC  D 4 10 ? -3.082  9.728   -2.146  1.00 94.56  ? 10  DC  D "O3'" 1 
ATOM   724 C  "C2'" . DC  D 4 10 ? -2.390  10.179  0.145   1.00 77.88  ? 10  DC  D "C2'" 1 
ATOM   725 C  "C1'" . DC  D 4 10 ? -3.015  9.720   1.462   1.00 73.21  ? 10  DC  D "C1'" 1 
ATOM   726 N  N1    . DC  D 4 10 ? -2.080  8.976   2.352   1.00 67.85  ? 10  DC  D N1    1 
ATOM   727 C  C2    . DC  D 4 10 ? -1.104  9.669   3.068   1.00 72.74  ? 10  DC  D C2    1 
ATOM   728 O  O2    . DC  D 4 10 ? -1.020  10.893  2.940   1.00 77.17  ? 10  DC  D O2    1 
ATOM   729 N  N3    . DC  D 4 10 ? -0.267  8.975   3.881   1.00 71.86  ? 10  DC  D N3    1 
ATOM   730 C  C4    . DC  D 4 10 ? -0.385  7.654   3.986   1.00 66.60  ? 10  DC  D C4    1 
ATOM   731 N  N4    . DC  D 4 10 ? 0.457   7.009   4.798   1.00 69.79  ? 10  DC  D N4    1 
ATOM   732 C  C5    . DC  D 4 10 ? -1.380  6.936   3.270   1.00 70.68  ? 10  DC  D C5    1 
ATOM   733 C  C6    . DC  D 4 10 ? -2.198  7.630   2.474   1.00 72.62  ? 10  DC  D C6    1 
ATOM   734 P  P     . DG  D 4 11 ? -1.890  9.684   -3.222  1.00 91.85  ? 11  DG  D P     1 
ATOM   735 O  OP1   . DG  D 4 11 ? -2.399  10.368  -4.431  1.00 88.01  ? 11  DG  D OP1   1 
ATOM   736 O  OP2   . DG  D 4 11 ? -1.388  8.292   -3.292  1.00 89.05  ? 11  DG  D OP2   1 
ATOM   737 O  "O5'" . DG  D 4 11 ? -0.748  10.607  -2.584  1.00 81.82  ? 11  DG  D "O5'" 1 
ATOM   738 C  "C5'" . DG  D 4 11 ? -0.892  12.024  -2.614  1.00 86.52  ? 11  DG  D "C5'" 1 
ATOM   739 C  "C4'" . DG  D 4 11 ? 0.168   12.688  -1.761  1.00 86.29  ? 11  DG  D "C4'" 1 
ATOM   740 O  "O4'" . DG  D 4 11 ? 0.210   12.034  -0.481  1.00 89.44  ? 11  DG  D "O4'" 1 
ATOM   741 C  "C3'" . DG  D 4 11 ? 1.579   12.574  -2.299  1.00 93.27  ? 11  DG  D "C3'" 1 
ATOM   742 O  "O3'" . DG  D 4 11 ? 1.850   13.676  -3.155  1.00 99.90  ? 11  DG  D "O3'" 1 
ATOM   743 C  "C2'" . DG  D 4 11 ? 2.442   12.629  -1.034  1.00 96.29  ? 11  DG  D "C2'" 1 
ATOM   744 C  "C1'" . DG  D 4 11 ? 1.507   12.128  0.064   1.00 84.48  ? 11  DG  D "C1'" 1 
ATOM   745 N  N9    . DG  D 4 11 ? 1.867   10.821  0.600   1.00 78.51  ? 11  DG  D N9    1 
ATOM   746 C  C8    . DG  D 4 11 ? 1.282   9.616   0.300   1.00 75.87  ? 11  DG  D C8    1 
ATOM   747 N  N7    . DG  D 4 11 ? 1.801   8.612   0.950   1.00 73.16  ? 11  DG  D N7    1 
ATOM   748 C  C5    . DG  D 4 11 ? 2.789   9.188   1.731   1.00 72.84  ? 11  DG  D C5    1 
ATOM   749 C  C6    . DG  D 4 11 ? 3.690   8.595   2.646   1.00 74.65  ? 11  DG  D C6    1 
ATOM   750 O  O6    . DG  D 4 11 ? 3.788   7.399   2.958   1.00 81.10  ? 11  DG  D O6    1 
ATOM   751 N  N1    . DG  D 4 11 ? 4.533   9.537   3.224   1.00 76.91  ? 11  DG  D N1    1 
ATOM   752 C  C2    . DG  D 4 11 ? 4.509   10.886  2.956   1.00 80.65  ? 11  DG  D C2    1 
ATOM   753 N  N2    . DG  D 4 11 ? 5.398   11.633  3.618   1.00 88.16  ? 11  DG  D N2    1 
ATOM   754 N  N3    . DG  D 4 11 ? 3.667   11.459  2.100   1.00 69.99  ? 11  DG  D N3    1 
ATOM   755 C  C4    . DG  D 4 11 ? 2.844   10.553  1.528   1.00 73.54  ? 11  DG  D C4    1 
ATOM   756 P  P     . DT  D 4 12 ? 3.182   13.698  -4.053  1.00 112.47 ? 12  DT  D P     1 
ATOM   757 O  OP1   . DT  D 4 12 ? 3.053   14.825  -5.006  1.00 104.85 ? 12  DT  D OP1   1 
ATOM   758 O  OP2   . DT  D 4 12 ? 3.414   12.309  -4.527  1.00 99.49  ? 12  DT  D OP2   1 
ATOM   759 O  "O5'" . DT  D 4 12 ? 4.346   14.062  -3.020  1.00 86.63  ? 12  DT  D "O5'" 1 
ATOM   760 C  "C5'" . DT  D 4 12 ? 4.334   15.306  -2.349  1.00 83.00  ? 12  DT  D "C5'" 1 
ATOM   761 C  "C4'" . DT  D 4 12 ? 5.461   15.358  -1.341  1.00 94.88  ? 12  DT  D "C4'" 1 
ATOM   762 O  "O4'" . DT  D 4 12 ? 5.413   14.169  -0.508  1.00 89.61  ? 12  DT  D "O4'" 1 
ATOM   763 C  "C3'" . DT  D 4 12 ? 6.862   15.391  -1.955  1.00 98.86  ? 12  DT  D "C3'" 1 
ATOM   764 O  "O3'" . DT  D 4 12 ? 7.667   16.342  -1.274  1.00 106.26 ? 12  DT  D "O3'" 1 
ATOM   765 C  "C2'" . DT  D 4 12 ? 7.375   13.967  -1.755  1.00 93.83  ? 12  DT  D "C2'" 1 
ATOM   766 C  "C1'" . DT  D 4 12 ? 6.686   13.572  -0.461  1.00 89.51  ? 12  DT  D "C1'" 1 
ATOM   767 N  N1    . DT  D 4 12 ? 6.515   12.099  -0.302  1.00 80.25  ? 12  DT  D N1    1 
ATOM   768 C  C2    . DT  D 4 12 ? 7.216   11.448  0.685   1.00 81.79  ? 12  DT  D C2    1 
ATOM   769 O  O2    . DT  D 4 12 ? 7.978   12.014  1.447   1.00 95.29  ? 12  DT  D O2    1 
ATOM   770 N  N3    . DT  D 4 12 ? 6.996   10.102  0.752   1.00 81.76  ? 12  DT  D N3    1 
ATOM   771 C  C4    . DT  D 4 12 ? 6.162   9.348   -0.050  1.00 83.55  ? 12  DT  D C4    1 
ATOM   772 O  O4    . DT  D 4 12 ? 6.034   8.134   0.093   1.00 80.84  ? 12  DT  D O4    1 
ATOM   773 C  C5    . DT  D 4 12 ? 5.451   10.091  -1.067  1.00 78.71  ? 12  DT  D C5    1 
ATOM   774 C  C7    . DT  D 4 12 ? 4.515   9.383   -1.997  1.00 74.09  ? 12  DT  D C7    1 
ATOM   775 C  C6    . DT  D 4 12 ? 5.661   11.417  -1.145  1.00 82.53  ? 12  DT  D C6    1 
ATOM   776 P  P     . DC  D 4 13 ? 9.137   16.692  -1.813  1.00 110.28 ? 13  DC  D P     1 
ATOM   777 O  OP1   . DC  D 4 13 ? 9.396   18.107  -1.460  1.00 105.35 ? 13  DC  D OP1   1 
ATOM   778 O  OP2   . DC  D 4 13 ? 9.217   16.251  -3.226  1.00 93.00  ? 13  DC  D OP2   1 
ATOM   779 O  "O5'" . DC  D 4 13 ? 10.094  15.783  -0.910  1.00 94.16  ? 13  DC  D "O5'" 1 
ATOM   780 C  "C5'" . DC  D 4 13 ? 10.011  15.891  0.496   1.00 93.56  ? 13  DC  D "C5'" 1 
ATOM   781 C  "C4'" . DC  D 4 13 ? 11.039  15.014  1.185   1.00 96.78  ? 13  DC  D "C4'" 1 
ATOM   782 O  "O4'" . DC  D 4 13 ? 10.607  13.628  1.167   1.00 96.85  ? 13  DC  D "O4'" 1 
ATOM   783 C  "C3'" . DC  D 4 13 ? 12.433  15.021  0.574   1.00 100.22 ? 13  DC  D "C3'" 1 
ATOM   784 O  "O3'" . DC  D 4 13 ? 13.380  14.955  1.627   1.00 104.40 ? 13  DC  D "O3'" 1 
ATOM   785 C  "C2'" . DC  D 4 13 ? 12.435  13.745  -0.276  1.00 101.13 ? 13  DC  D "C2'" 1 
ATOM   786 C  "C1'" . DC  D 4 13 ? 11.633  12.820  0.621   1.00 101.67 ? 13  DC  D "C1'" 1 
ATOM   787 N  N1    . DC  D 4 13 ? 10.972  11.665  -0.065  1.00 95.00  ? 13  DC  D N1    1 
ATOM   788 C  C2    . DC  D 4 13 ? 11.111  10.378  0.469   1.00 88.81  ? 13  DC  D C2    1 
ATOM   789 O  O2    . DC  D 4 13 ? 11.821  10.215  1.466   1.00 91.50  ? 13  DC  D O2    1 
ATOM   790 N  N3    . DC  D 4 13 ? 10.472  9.345   -0.130  1.00 90.85  ? 13  DC  D N3    1 
ATOM   791 C  C4    . DC  D 4 13 ? 9.713   9.563   -1.205  1.00 91.48  ? 13  DC  D C4    1 
ATOM   792 N  N4    . DC  D 4 13 ? 9.103   8.512   -1.761  1.00 88.90  ? 13  DC  D N4    1 
ATOM   793 C  C5    . DC  D 4 13 ? 9.545   10.869  -1.756  1.00 87.81  ? 13  DC  D C5    1 
ATOM   794 C  C6    . DC  D 4 13 ? 10.180  11.883  -1.153  1.00 95.58  ? 13  DC  D C6    1 
ATOM   795 P  P     . DT  D 4 14 ? 14.938  15.206  1.349   1.00 110.56 ? 14  DT  D P     1 
ATOM   796 O  OP1   . DT  D 4 14 ? 15.506  15.853  2.554   1.00 99.61  ? 14  DT  D OP1   1 
ATOM   797 O  OP2   . DT  D 4 14 ? 15.062  15.864  0.024   1.00 100.61 ? 14  DT  D OP2   1 
ATOM   798 O  "O5'" . DT  D 4 14 ? 15.539  13.729  1.280   1.00 101.83 ? 14  DT  D "O5'" 1 
ATOM   799 C  "C5'" . DT  D 4 14 ? 15.694  12.974  2.474   1.00 87.96  ? 14  DT  D "C5'" 1 
ATOM   800 C  "C4'" . DT  D 4 14 ? 16.423  11.669  2.200   1.00 102.53 ? 14  DT  D "C4'" 1 
ATOM   801 O  "O4'" . DT  D 4 14 ? 15.520  10.728  1.557   1.00 102.85 ? 14  DT  D "O4'" 1 
ATOM   802 C  "C3'" . DT  D 4 14 ? 17.634  11.781  1.271   1.00 108.95 ? 14  DT  D "C3'" 1 
ATOM   803 O  "O3'" . DT  D 4 14 ? 18.650  10.878  1.694   1.00 113.70 ? 14  DT  D "O3'" 1 
ATOM   804 C  "C2'" . DT  D 4 14 ? 17.053  11.357  -0.076  1.00 107.41 ? 14  DT  D "C2'" 1 
ATOM   805 C  "C1'" . DT  D 4 14 ? 16.116  10.249  0.371   1.00 98.63  ? 14  DT  D "C1'" 1 
ATOM   806 N  N1    . DT  D 4 14 ? 15.043  9.930   -0.602  1.00 99.79  ? 14  DT  D N1    1 
ATOM   807 C  C2    . DT  D 4 14 ? 14.484  8.678   -0.584  1.00 93.92  ? 14  DT  D C2    1 
ATOM   808 O  O2    . DT  D 4 14 ? 14.833  7.803   0.187   1.00 92.29  ? 14  DT  D O2    1 
ATOM   809 N  N3    . DT  D 4 14 ? 13.495  8.480   -1.509  1.00 95.03  ? 14  DT  D N3    1 
ATOM   810 C  C4    . DT  D 4 14 ? 13.018  9.395   -2.431  1.00 103.46 ? 14  DT  D C4    1 
ATOM   811 O  O4    . DT  D 4 14 ? 12.123  9.121   -3.223  1.00 108.57 ? 14  DT  D O4    1 
ATOM   812 C  C5    . DT  D 4 14 ? 13.648  10.695  -2.396  1.00 101.64 ? 14  DT  D C5    1 
ATOM   813 C  C7    . DT  D 4 14 ? 13.213  11.770  -3.351  1.00 89.53  ? 14  DT  D C7    1 
ATOM   814 C  C6    . DT  D 4 14 ? 14.621  10.898  -1.494  1.00 99.43  ? 14  DT  D C6    1 
ATOM   815 P  P     . DG  D 4 15 ? 19.850  11.388  2.631   1.00 113.96 ? 15  DG  D P     1 
ATOM   816 O  OP1   . DG  D 4 15 ? 19.399  11.308  4.040   1.00 122.71 ? 15  DG  D OP1   1 
ATOM   817 O  OP2   . DG  D 4 15 ? 20.322  12.676  2.078   1.00 108.78 ? 15  DG  D OP2   1 
ATOM   818 O  "O5'" . DG  D 4 15 ? 20.982  10.279  2.439   1.00 119.95 ? 15  DG  D "O5'" 1 
ATOM   819 C  "C5'" . DG  D 4 15 ? 20.720  8.925   2.785   1.00 114.05 ? 15  DG  D "C5'" 1 
ATOM   820 C  "C4'" . DG  D 4 15 ? 20.878  8.028   1.576   1.00 111.24 ? 15  DG  D "C4'" 1 
ATOM   821 O  "O4'" . DG  D 4 15 ? 19.676  8.068   0.787   1.00 111.07 ? 15  DG  D "O4'" 1 
ATOM   822 C  "C3'" . DG  D 4 15 ? 21.963  8.457   0.596   1.00 119.73 ? 15  DG  D "C3'" 1 
ATOM   823 O  "O3'" . DG  D 4 15 ? 23.272  7.902   0.930   1.00 122.89 ? 15  DG  D "O3'" 1 
ATOM   824 C  "C2'" . DG  D 4 15 ? 21.449  7.963   -0.768  1.00 120.01 ? 15  DG  D "C2'" 1 
ATOM   825 C  "C1'" . DG  D 4 15 ? 19.993  7.563   -0.486  1.00 115.36 ? 15  DG  D "C1'" 1 
ATOM   826 N  N9    . DG  D 4 15 ? 19.043  8.073   -1.481  1.00 110.61 ? 15  DG  D N9    1 
ATOM   827 C  C8    . DG  D 4 15 ? 19.083  9.291   -2.118  1.00 111.91 ? 15  DG  D C8    1 
ATOM   828 N  N7    . DG  D 4 15 ? 18.114  9.463   -2.977  1.00 107.48 ? 15  DG  D N7    1 
ATOM   829 C  C5    . DG  D 4 15 ? 17.390  8.278   -2.917  1.00 102.90 ? 15  DG  D C5    1 
ATOM   830 C  C6    . DG  D 4 15 ? 16.231  7.882   -3.622  1.00 104.35 ? 15  DG  D C6    1 
ATOM   831 O  O6    . DG  D 4 15 ? 15.591  8.524   -4.469  1.00 103.47 ? 15  DG  D O6    1 
ATOM   832 N  N1    . DG  D 4 15 ? 15.823  6.603   -3.262  1.00 101.07 ? 15  DG  D N1    1 
ATOM   833 C  C2    . DG  D 4 15 ? 16.451  5.808   -2.340  1.00 96.47  ? 15  DG  D C2    1 
ATOM   834 N  N2    . DG  D 4 15 ? 15.907  4.603   -2.126  1.00 102.05 ? 15  DG  D N2    1 
ATOM   835 N  N3    . DG  D 4 15 ? 17.537  6.165   -1.671  1.00 105.77 ? 15  DG  D N3    1 
ATOM   836 C  C4    . DG  D 4 15 ? 17.952  7.409   -2.009  1.00 103.98 ? 15  DG  D C4    1 
ATOM   837 P  P     . DC  D 4 16 ? 23.483  6.410   1.508   1.00 132.44 ? 16  DC  D P     1 
ATOM   838 O  OP1   . DC  D 4 16 ? 23.177  6.416   2.957   1.00 129.12 ? 16  DC  D OP1   1 
ATOM   839 O  OP2   . DC  D 4 16 ? 24.828  5.984   1.057   1.00 121.25 ? 16  DC  D OP2   1 
ATOM   840 O  "O5'" . DC  D 4 16 ? 22.417  5.499   0.736   1.00 133.92 ? 16  DC  D "O5'" 1 
ATOM   841 C  "C5'" . DC  D 4 16 ? 22.861  4.428   -0.090  1.00 130.48 ? 16  DC  D "C5'" 1 
ATOM   842 C  "C4'" . DC  D 4 16 ? 21.687  3.592   -0.575  1.00 132.19 ? 16  DC  D "C4'" 1 
ATOM   843 O  "O4'" . DC  D 4 16 ? 20.745  4.439   -1.298  1.00 132.93 ? 16  DC  D "O4'" 1 
ATOM   844 C  "C3'" . DC  D 4 16 ? 22.052  2.469   -1.544  1.00 135.88 ? 16  DC  D "C3'" 1 
ATOM   845 O  "O3'" . DC  D 4 16 ? 21.186  1.354   -1.338  1.00 138.19 ? 16  DC  D "O3'" 1 
ATOM   846 C  "C2'" . DC  D 4 16 ? 21.809  3.123   -2.904  1.00 130.72 ? 16  DC  D "C2'" 1 
ATOM   847 C  "C1'" . DC  D 4 16 ? 20.550  3.914   -2.599  1.00 129.41 ? 16  DC  D "C1'" 1 
ATOM   848 N  N1    . DC  D 4 16 ? 20.274  5.043   -3.549  1.00 113.21 ? 16  DC  D N1    1 
ATOM   849 C  C2    . DC  D 4 16 ? 19.126  5.003   -4.346  1.00 114.86 ? 16  DC  D C2    1 
ATOM   850 O  O2    . DC  D 4 16 ? 18.367  4.028   -4.256  1.00 118.61 ? 16  DC  D O2    1 
ATOM   851 N  N3    . DC  D 4 16 ? 18.875  6.031   -5.194  1.00 114.45 ? 16  DC  D N3    1 
ATOM   852 C  C4    . DC  D 4 16 ? 19.716  7.063   -5.259  1.00 110.67 ? 16  DC  D C4    1 
ATOM   853 N  N4    . DC  D 4 16 ? 19.425  8.053   -6.113  1.00 102.17 ? 16  DC  D N4    1 
ATOM   854 C  C5    . DC  D 4 16 ? 20.892  7.124   -4.455  1.00 111.74 ? 16  DC  D C5    1 
ATOM   855 C  C6    . DC  D 4 16 ? 21.131  6.102   -3.623  1.00 115.11 ? 16  DC  D C6    1 
HETATM 856 AS AS    . CAC E 5 .  ? -13.984 6.588   2.665   1.00 103.02 ? 101 CAC C AS    1 
HETATM 857 AS AS    . CAC F 5 .  ? 2.591   4.469   0.193   1.00 195.62 ? 101 CAC D AS    1 
HETATM 858 AS AS    . CAC G 5 .  ? -9.896  -2.167  7.074   1.00 175.55 ? 102 CAC D AS    1 
# 
loop_
_pdbx_poly_seq_scheme.asym_id 
_pdbx_poly_seq_scheme.entity_id 
_pdbx_poly_seq_scheme.seq_id 
_pdbx_poly_seq_scheme.mon_id 
_pdbx_poly_seq_scheme.ndb_seq_num 
_pdbx_poly_seq_scheme.pdb_seq_num 
_pdbx_poly_seq_scheme.auth_seq_num 
_pdbx_poly_seq_scheme.pdb_mon_id 
_pdbx_poly_seq_scheme.auth_mon_id 
_pdbx_poly_seq_scheme.pdb_strand_id 
_pdbx_poly_seq_scheme.pdb_ins_code 
_pdbx_poly_seq_scheme.hetero 
A 1 1  DG 1  1  1  DG DG A . n 
A 1 2  DA 2  2  2  DA DA A . n 
A 1 3  DG 3  3  3  DG DG A . n 
A 1 4  DC 4  4  4  DC DC A . n 
A 1 5  DA 5  5  5  DA DA A . n 
A 1 6  DG 6  6  6  DG DG A . n 
A 1 7  DA 7  7  7  DA DA A . n 
A 1 8  DC 8  8  8  DC DC A . n 
A 1 9  DG 9  9  9  DG DG A . n 
A 1 10 DA 10 10 10 DA DA A . n 
A 1 11 DG 11 11 11 DG DG A . n 
B 2 1  DA 1  12 12 DA DA B . n 
B 2 2  DC 2  13 13 DC DC B . n 
B 2 3  DT 3  14 14 DT DT B . n 
B 2 4  DC 4  15 15 DC DC B . n 
B 2 5  DC 5  16 16 DC DC B . n 
B 2 6  DA 6  17 17 DA DA B . n 
B 2 7  DC 7  18 18 DC DC B . n 
B 2 8  DT 8  19 19 DT DT B . n 
B 2 9  DC 9  20 20 DC DC B . n 
B 2 10 DA 10 21 21 DA DA B . n 
C 3 1  DC 1  1  1  DC DC C . n 
C 3 2  DT 2  2  2  DT DT C . n 
C 3 3  DA 3  3  3  DA DA C . n 
C 3 4  DG 4  4  4  DG DG C . n 
C 3 5  DT 5  5  5  DT DT C . n 
D 4 1  DT 1  1  1  DT DT D . n 
D 4 2  DC 2  2  2  DC DC D . n 
D 4 3  DT 3  3  3  DT DT D . n 
D 4 4  DG 4  4  4  DG DG D . n 
D 4 5  DA 5  5  5  DA DA D . n 
D 4 6  DG 6  6  6  DG DG D . n 
D 4 7  DT 7  7  7  DT DT D . n 
D 4 8  DG 8  8  8  DG DG D . n 
D 4 9  DG 9  9  9  DG DG D . n 
D 4 10 DC 10 10 10 DC DC D . n 
D 4 11 DG 11 11 11 DG DG D . n 
D 4 12 DT 12 12 12 DT DT D . n 
D 4 13 DC 13 13 13 DC DC D . n 
D 4 14 DT 14 14 14 DT DT D . n 
D 4 15 DG 15 15 15 DG DG D . n 
D 4 16 DC 16 16 16 DC DC D . n 
# 
loop_
_pdbx_nonpoly_scheme.asym_id 
_pdbx_nonpoly_scheme.entity_id 
_pdbx_nonpoly_scheme.mon_id 
_pdbx_nonpoly_scheme.ndb_seq_num 
_pdbx_nonpoly_scheme.pdb_seq_num 
_pdbx_nonpoly_scheme.auth_seq_num 
_pdbx_nonpoly_scheme.pdb_mon_id 
_pdbx_nonpoly_scheme.auth_mon_id 
_pdbx_nonpoly_scheme.pdb_strand_id 
_pdbx_nonpoly_scheme.pdb_ins_code 
E 5 CAC 1 101 2 CAC AS C . 
F 5 CAC 1 101 1 CAC AS D . 
G 5 CAC 1 102 3 CAC AS D . 
# 
_pdbx_struct_assembly.id                   1 
_pdbx_struct_assembly.details              author_and_software_defined_assembly 
_pdbx_struct_assembly.method_details       PISA 
_pdbx_struct_assembly.oligomeric_details   tetrameric 
_pdbx_struct_assembly.oligomeric_count     4 
# 
_pdbx_struct_assembly_gen.assembly_id       1 
_pdbx_struct_assembly_gen.oper_expression   1 
_pdbx_struct_assembly_gen.asym_id_list      A,B,C,D,E,F,G 
# 
loop_
_pdbx_struct_assembly_prop.biol_id 
_pdbx_struct_assembly_prop.type 
_pdbx_struct_assembly_prop.value 
_pdbx_struct_assembly_prop.details 
1 'ABSA (A^2)' 2770 ? 
1 MORE         -19  ? 
1 'SSA (A^2)'  7900 ? 
# 
_pdbx_struct_oper_list.id                   1 
_pdbx_struct_oper_list.type                 'identity operation' 
_pdbx_struct_oper_list.name                 1_555 
_pdbx_struct_oper_list.symmetry_operation   x,y,z 
_pdbx_struct_oper_list.matrix[1][1]         1.0000000000 
_pdbx_struct_oper_list.matrix[1][2]         0.0000000000 
_pdbx_struct_oper_list.matrix[1][3]         0.0000000000 
_pdbx_struct_oper_list.vector[1]            0.0000000000 
_pdbx_struct_oper_list.matrix[2][1]         0.0000000000 
_pdbx_struct_oper_list.matrix[2][2]         1.0000000000 
_pdbx_struct_oper_list.matrix[2][3]         0.0000000000 
_pdbx_struct_oper_list.vector[2]            0.0000000000 
_pdbx_struct_oper_list.matrix[3][1]         0.0000000000 
_pdbx_struct_oper_list.matrix[3][2]         0.0000000000 
_pdbx_struct_oper_list.matrix[3][3]         1.0000000000 
_pdbx_struct_oper_list.vector[3]            0.0000000000 
# 
loop_
_pdbx_audit_revision_history.ordinal 
_pdbx_audit_revision_history.data_content_type 
_pdbx_audit_revision_history.major_revision 
_pdbx_audit_revision_history.minor_revision 
_pdbx_audit_revision_history.revision_date 
1 'Structure model' 1 0 2021-07-14 
2 'Structure model' 1 1 2022-07-06 
3 'Structure model' 1 2 2023-10-18 
# 
_pdbx_audit_revision_details.ordinal             1 
_pdbx_audit_revision_details.revision_ordinal    1 
_pdbx_audit_revision_details.data_content_type   'Structure model' 
_pdbx_audit_revision_details.provider            repository 
_pdbx_audit_revision_details.type                'Initial release' 
_pdbx_audit_revision_details.description         ? 
_pdbx_audit_revision_details.details             ? 
# 
loop_
_pdbx_audit_revision_group.ordinal 
_pdbx_audit_revision_group.revision_ordinal 
_pdbx_audit_revision_group.data_content_type 
_pdbx_audit_revision_group.group 
1 2 'Structure model' 'Database references'    
2 3 'Structure model' 'Data collection'        
3 3 'Structure model' 'Refinement description' 
# 
loop_
_pdbx_audit_revision_category.ordinal 
_pdbx_audit_revision_category.revision_ordinal 
_pdbx_audit_revision_category.data_content_type 
_pdbx_audit_revision_category.category 
1 2 'Structure model' citation                      
2 2 'Structure model' citation_author               
3 2 'Structure model' database_2                    
4 3 'Structure model' chem_comp_atom                
5 3 'Structure model' chem_comp_bond                
6 3 'Structure model' pdbx_initial_refinement_model 
# 
loop_
_pdbx_audit_revision_item.ordinal 
_pdbx_audit_revision_item.revision_ordinal 
_pdbx_audit_revision_item.data_content_type 
_pdbx_audit_revision_item.item 
1  2 'Structure model' '_citation.country'                   
2  2 'Structure model' '_citation.journal_abbrev'            
3  2 'Structure model' '_citation.journal_id_CSD'            
4  2 'Structure model' '_citation.journal_id_ISSN'           
5  2 'Structure model' '_citation.journal_volume'            
6  2 'Structure model' '_citation.page_first'                
7  2 'Structure model' '_citation.page_last'                 
8  2 'Structure model' '_citation.pdbx_database_id_DOI'      
9  2 'Structure model' '_citation.pdbx_database_id_PubMed'   
10 2 'Structure model' '_citation.title'                     
11 2 'Structure model' '_citation.year'                      
12 2 'Structure model' '_database_2.pdbx_DOI'                
13 2 'Structure model' '_database_2.pdbx_database_accession' 
# 
loop_
_software.citation_id 
_software.classification 
_software.compiler_name 
_software.compiler_version 
_software.contact_author 
_software.contact_author_email 
_software.date 
_software.description 
_software.dependencies 
_software.hardware 
_software.language 
_software.location 
_software.mods 
_software.name 
_software.os 
_software.os_version 
_software.type 
_software.version 
_software.pdbx_ordinal 
? 'data reduction'  ? ? ? ? ? ? ? ? ? ? ? HKL-2000    ? ? ? .           1 
? 'data scaling'    ? ? ? ? ? ? ? ? ? ? ? HKL-2000    ? ? ? .           2 
? refinement        ? ? ? ? ? ? ? ? ? ? ? PHENIX      ? ? ? 1.11.1_2575 3 
? 'data extraction' ? ? ? ? ? ? ? ? ? ? ? PDB_EXTRACT ? ? ? 3.25        4 
? phasing           ? ? ? ? ? ? ? ? ? ? ? PHASER      ? ? ? .           5 
# 
_pdbx_entry_details.entry_id                 6XFC 
_pdbx_entry_details.has_ligand_of_interest   N 
_pdbx_entry_details.compound_details         ? 
_pdbx_entry_details.source_details           ? 
_pdbx_entry_details.nonpolymer_details       ? 
_pdbx_entry_details.sequence_details         ? 
# 
loop_
_pdbx_validate_rmsd_angle.id 
_pdbx_validate_rmsd_angle.PDB_model_num 
_pdbx_validate_rmsd_angle.auth_atom_id_1 
_pdbx_validate_rmsd_angle.auth_asym_id_1 
_pdbx_validate_rmsd_angle.auth_comp_id_1 
_pdbx_validate_rmsd_angle.auth_seq_id_1 
_pdbx_validate_rmsd_angle.PDB_ins_code_1 
_pdbx_validate_rmsd_angle.label_alt_id_1 
_pdbx_validate_rmsd_angle.auth_atom_id_2 
_pdbx_validate_rmsd_angle.auth_asym_id_2 
_pdbx_validate_rmsd_angle.auth_comp_id_2 
_pdbx_validate_rmsd_angle.auth_seq_id_2 
_pdbx_validate_rmsd_angle.PDB_ins_code_2 
_pdbx_validate_rmsd_angle.label_alt_id_2 
_pdbx_validate_rmsd_angle.auth_atom_id_3 
_pdbx_validate_rmsd_angle.auth_asym_id_3 
_pdbx_validate_rmsd_angle.auth_comp_id_3 
_pdbx_validate_rmsd_angle.auth_seq_id_3 
_pdbx_validate_rmsd_angle.PDB_ins_code_3 
_pdbx_validate_rmsd_angle.label_alt_id_3 
_pdbx_validate_rmsd_angle.angle_value 
_pdbx_validate_rmsd_angle.angle_target_value 
_pdbx_validate_rmsd_angle.angle_deviation 
_pdbx_validate_rmsd_angle.angle_standard_deviation 
_pdbx_validate_rmsd_angle.linker_flag 
1 1 "O4'" B DA 12 ? ? "C1'" B DA 12 ? ? N9    B DA 12 ? ? 110.33 108.30 2.03  0.30 N 
2 1 "C3'" D DT 7  ? ? "C2'" D DT 7  ? ? "C1'" D DT 7  ? ? 97.40  102.40 -5.00 0.80 N 
3 1 "O4'" D DG 9  ? ? "C1'" D DG 9  ? ? N9    D DG 9  ? ? 110.31 108.30 2.01  0.30 N 
4 1 "O4'" D DG 15 ? ? "C1'" D DG 15 ? ? N9    D DG 15 ? ? 110.10 108.30 1.80  0.30 N 
# 
loop_
_pdbx_unobs_or_zero_occ_atoms.id 
_pdbx_unobs_or_zero_occ_atoms.PDB_model_num 
_pdbx_unobs_or_zero_occ_atoms.polymer_flag 
_pdbx_unobs_or_zero_occ_atoms.occupancy_flag 
_pdbx_unobs_or_zero_occ_atoms.auth_asym_id 
_pdbx_unobs_or_zero_occ_atoms.auth_comp_id 
_pdbx_unobs_or_zero_occ_atoms.auth_seq_id 
_pdbx_unobs_or_zero_occ_atoms.PDB_ins_code 
_pdbx_unobs_or_zero_occ_atoms.auth_atom_id 
_pdbx_unobs_or_zero_occ_atoms.label_alt_id 
_pdbx_unobs_or_zero_occ_atoms.label_asym_id 
_pdbx_unobs_or_zero_occ_atoms.label_comp_id 
_pdbx_unobs_or_zero_occ_atoms.label_seq_id 
_pdbx_unobs_or_zero_occ_atoms.label_atom_id 
1  1 N 1 C CAC 101 ? O1 ? E CAC 1 O1 
2  1 N 1 C CAC 101 ? O2 ? E CAC 1 O2 
3  1 N 1 C CAC 101 ? C1 ? E CAC 1 C1 
4  1 N 1 C CAC 101 ? C2 ? E CAC 1 C2 
5  1 N 1 D CAC 101 ? O1 ? F CAC 1 O1 
6  1 N 1 D CAC 101 ? O2 ? F CAC 1 O2 
7  1 N 1 D CAC 101 ? C1 ? F CAC 1 C1 
8  1 N 1 D CAC 101 ? C2 ? F CAC 1 C2 
9  1 N 1 D CAC 102 ? O1 ? G CAC 1 O1 
10 1 N 1 D CAC 102 ? O2 ? G CAC 1 O2 
11 1 N 1 D CAC 102 ? C1 ? G CAC 1 C1 
12 1 N 1 D CAC 102 ? C2 ? G CAC 1 C2 
# 
loop_
_chem_comp_atom.comp_id 
_chem_comp_atom.atom_id 
_chem_comp_atom.type_symbol 
_chem_comp_atom.pdbx_aromatic_flag 
_chem_comp_atom.pdbx_stereo_config 
_chem_comp_atom.pdbx_ordinal 
CAC AS     AS N N 1   
CAC O1     O  N N 2   
CAC O2     O  N N 3   
CAC C1     C  N N 4   
CAC C2     C  N N 5   
CAC H11    H  N N 6   
CAC H12    H  N N 7   
CAC H13    H  N N 8   
CAC H21    H  N N 9   
CAC H22    H  N N 10  
CAC H23    H  N N 11  
DA  OP3    O  N N 12  
DA  P      P  N N 13  
DA  OP1    O  N N 14  
DA  OP2    O  N N 15  
DA  "O5'"  O  N N 16  
DA  "C5'"  C  N N 17  
DA  "C4'"  C  N R 18  
DA  "O4'"  O  N N 19  
DA  "C3'"  C  N S 20  
DA  "O3'"  O  N N 21  
DA  "C2'"  C  N N 22  
DA  "C1'"  C  N R 23  
DA  N9     N  Y N 24  
DA  C8     C  Y N 25  
DA  N7     N  Y N 26  
DA  C5     C  Y N 27  
DA  C6     C  Y N 28  
DA  N6     N  N N 29  
DA  N1     N  Y N 30  
DA  C2     C  Y N 31  
DA  N3     N  Y N 32  
DA  C4     C  Y N 33  
DA  HOP3   H  N N 34  
DA  HOP2   H  N N 35  
DA  "H5'"  H  N N 36  
DA  "H5''" H  N N 37  
DA  "H4'"  H  N N 38  
DA  "H3'"  H  N N 39  
DA  "HO3'" H  N N 40  
DA  "H2'"  H  N N 41  
DA  "H2''" H  N N 42  
DA  "H1'"  H  N N 43  
DA  H8     H  N N 44  
DA  H61    H  N N 45  
DA  H62    H  N N 46  
DA  H2     H  N N 47  
DC  OP3    O  N N 48  
DC  P      P  N N 49  
DC  OP1    O  N N 50  
DC  OP2    O  N N 51  
DC  "O5'"  O  N N 52  
DC  "C5'"  C  N N 53  
DC  "C4'"  C  N R 54  
DC  "O4'"  O  N N 55  
DC  "C3'"  C  N S 56  
DC  "O3'"  O  N N 57  
DC  "C2'"  C  N N 58  
DC  "C1'"  C  N R 59  
DC  N1     N  N N 60  
DC  C2     C  N N 61  
DC  O2     O  N N 62  
DC  N3     N  N N 63  
DC  C4     C  N N 64  
DC  N4     N  N N 65  
DC  C5     C  N N 66  
DC  C6     C  N N 67  
DC  HOP3   H  N N 68  
DC  HOP2   H  N N 69  
DC  "H5'"  H  N N 70  
DC  "H5''" H  N N 71  
DC  "H4'"  H  N N 72  
DC  "H3'"  H  N N 73  
DC  "HO3'" H  N N 74  
DC  "H2'"  H  N N 75  
DC  "H2''" H  N N 76  
DC  "H1'"  H  N N 77  
DC  H41    H  N N 78  
DC  H42    H  N N 79  
DC  H5     H  N N 80  
DC  H6     H  N N 81  
DG  OP3    O  N N 82  
DG  P      P  N N 83  
DG  OP1    O  N N 84  
DG  OP2    O  N N 85  
DG  "O5'"  O  N N 86  
DG  "C5'"  C  N N 87  
DG  "C4'"  C  N R 88  
DG  "O4'"  O  N N 89  
DG  "C3'"  C  N S 90  
DG  "O3'"  O  N N 91  
DG  "C2'"  C  N N 92  
DG  "C1'"  C  N R 93  
DG  N9     N  Y N 94  
DG  C8     C  Y N 95  
DG  N7     N  Y N 96  
DG  C5     C  Y N 97  
DG  C6     C  N N 98  
DG  O6     O  N N 99  
DG  N1     N  N N 100 
DG  C2     C  N N 101 
DG  N2     N  N N 102 
DG  N3     N  N N 103 
DG  C4     C  Y N 104 
DG  HOP3   H  N N 105 
DG  HOP2   H  N N 106 
DG  "H5'"  H  N N 107 
DG  "H5''" H  N N 108 
DG  "H4'"  H  N N 109 
DG  "H3'"  H  N N 110 
DG  "HO3'" H  N N 111 
DG  "H2'"  H  N N 112 
DG  "H2''" H  N N 113 
DG  "H1'"  H  N N 114 
DG  H8     H  N N 115 
DG  H1     H  N N 116 
DG  H21    H  N N 117 
DG  H22    H  N N 118 
DT  OP3    O  N N 119 
DT  P      P  N N 120 
DT  OP1    O  N N 121 
DT  OP2    O  N N 122 
DT  "O5'"  O  N N 123 
DT  "C5'"  C  N N 124 
DT  "C4'"  C  N R 125 
DT  "O4'"  O  N N 126 
DT  "C3'"  C  N S 127 
DT  "O3'"  O  N N 128 
DT  "C2'"  C  N N 129 
DT  "C1'"  C  N R 130 
DT  N1     N  N N 131 
DT  C2     C  N N 132 
DT  O2     O  N N 133 
DT  N3     N  N N 134 
DT  C4     C  N N 135 
DT  O4     O  N N 136 
DT  C5     C  N N 137 
DT  C7     C  N N 138 
DT  C6     C  N N 139 
DT  HOP3   H  N N 140 
DT  HOP2   H  N N 141 
DT  "H5'"  H  N N 142 
DT  "H5''" H  N N 143 
DT  "H4'"  H  N N 144 
DT  "H3'"  H  N N 145 
DT  "HO3'" H  N N 146 
DT  "H2'"  H  N N 147 
DT  "H2''" H  N N 148 
DT  "H1'"  H  N N 149 
DT  H3     H  N N 150 
DT  H71    H  N N 151 
DT  H72    H  N N 152 
DT  H73    H  N N 153 
DT  H6     H  N N 154 
# 
loop_
_chem_comp_bond.comp_id 
_chem_comp_bond.atom_id_1 
_chem_comp_bond.atom_id_2 
_chem_comp_bond.value_order 
_chem_comp_bond.pdbx_aromatic_flag 
_chem_comp_bond.pdbx_stereo_config 
_chem_comp_bond.pdbx_ordinal 
CAC AS    O1     doub N N 1   
CAC AS    O2     sing N N 2   
CAC AS    C1     sing N N 3   
CAC AS    C2     sing N N 4   
CAC C1    H11    sing N N 5   
CAC C1    H12    sing N N 6   
CAC C1    H13    sing N N 7   
CAC C2    H21    sing N N 8   
CAC C2    H22    sing N N 9   
CAC C2    H23    sing N N 10  
DA  OP3   P      sing N N 11  
DA  OP3   HOP3   sing N N 12  
DA  P     OP1    doub N N 13  
DA  P     OP2    sing N N 14  
DA  P     "O5'"  sing N N 15  
DA  OP2   HOP2   sing N N 16  
DA  "O5'" "C5'"  sing N N 17  
DA  "C5'" "C4'"  sing N N 18  
DA  "C5'" "H5'"  sing N N 19  
DA  "C5'" "H5''" sing N N 20  
DA  "C4'" "O4'"  sing N N 21  
DA  "C4'" "C3'"  sing N N 22  
DA  "C4'" "H4'"  sing N N 23  
DA  "O4'" "C1'"  sing N N 24  
DA  "C3'" "O3'"  sing N N 25  
DA  "C3'" "C2'"  sing N N 26  
DA  "C3'" "H3'"  sing N N 27  
DA  "O3'" "HO3'" sing N N 28  
DA  "C2'" "C1'"  sing N N 29  
DA  "C2'" "H2'"  sing N N 30  
DA  "C2'" "H2''" sing N N 31  
DA  "C1'" N9     sing N N 32  
DA  "C1'" "H1'"  sing N N 33  
DA  N9    C8     sing Y N 34  
DA  N9    C4     sing Y N 35  
DA  C8    N7     doub Y N 36  
DA  C8    H8     sing N N 37  
DA  N7    C5     sing Y N 38  
DA  C5    C6     sing Y N 39  
DA  C5    C4     doub Y N 40  
DA  C6    N6     sing N N 41  
DA  C6    N1     doub Y N 42  
DA  N6    H61    sing N N 43  
DA  N6    H62    sing N N 44  
DA  N1    C2     sing Y N 45  
DA  C2    N3     doub Y N 46  
DA  C2    H2     sing N N 47  
DA  N3    C4     sing Y N 48  
DC  OP3   P      sing N N 49  
DC  OP3   HOP3   sing N N 50  
DC  P     OP1    doub N N 51  
DC  P     OP2    sing N N 52  
DC  P     "O5'"  sing N N 53  
DC  OP2   HOP2   sing N N 54  
DC  "O5'" "C5'"  sing N N 55  
DC  "C5'" "C4'"  sing N N 56  
DC  "C5'" "H5'"  sing N N 57  
DC  "C5'" "H5''" sing N N 58  
DC  "C4'" "O4'"  sing N N 59  
DC  "C4'" "C3'"  sing N N 60  
DC  "C4'" "H4'"  sing N N 61  
DC  "O4'" "C1'"  sing N N 62  
DC  "C3'" "O3'"  sing N N 63  
DC  "C3'" "C2'"  sing N N 64  
DC  "C3'" "H3'"  sing N N 65  
DC  "O3'" "HO3'" sing N N 66  
DC  "C2'" "C1'"  sing N N 67  
DC  "C2'" "H2'"  sing N N 68  
DC  "C2'" "H2''" sing N N 69  
DC  "C1'" N1     sing N N 70  
DC  "C1'" "H1'"  sing N N 71  
DC  N1    C2     sing N N 72  
DC  N1    C6     sing N N 73  
DC  C2    O2     doub N N 74  
DC  C2    N3     sing N N 75  
DC  N3    C4     doub N N 76  
DC  C4    N4     sing N N 77  
DC  C4    C5     sing N N 78  
DC  N4    H41    sing N N 79  
DC  N4    H42    sing N N 80  
DC  C5    C6     doub N N 81  
DC  C5    H5     sing N N 82  
DC  C6    H6     sing N N 83  
DG  OP3   P      sing N N 84  
DG  OP3   HOP3   sing N N 85  
DG  P     OP1    doub N N 86  
DG  P     OP2    sing N N 87  
DG  P     "O5'"  sing N N 88  
DG  OP2   HOP2   sing N N 89  
DG  "O5'" "C5'"  sing N N 90  
DG  "C5'" "C4'"  sing N N 91  
DG  "C5'" "H5'"  sing N N 92  
DG  "C5'" "H5''" sing N N 93  
DG  "C4'" "O4'"  sing N N 94  
DG  "C4'" "C3'"  sing N N 95  
DG  "C4'" "H4'"  sing N N 96  
DG  "O4'" "C1'"  sing N N 97  
DG  "C3'" "O3'"  sing N N 98  
DG  "C3'" "C2'"  sing N N 99  
DG  "C3'" "H3'"  sing N N 100 
DG  "O3'" "HO3'" sing N N 101 
DG  "C2'" "C1'"  sing N N 102 
DG  "C2'" "H2'"  sing N N 103 
DG  "C2'" "H2''" sing N N 104 
DG  "C1'" N9     sing N N 105 
DG  "C1'" "H1'"  sing N N 106 
DG  N9    C8     sing Y N 107 
DG  N9    C4     sing Y N 108 
DG  C8    N7     doub Y N 109 
DG  C8    H8     sing N N 110 
DG  N7    C5     sing Y N 111 
DG  C5    C6     sing N N 112 
DG  C5    C4     doub Y N 113 
DG  C6    O6     doub N N 114 
DG  C6    N1     sing N N 115 
DG  N1    C2     sing N N 116 
DG  N1    H1     sing N N 117 
DG  C2    N2     sing N N 118 
DG  C2    N3     doub N N 119 
DG  N2    H21    sing N N 120 
DG  N2    H22    sing N N 121 
DG  N3    C4     sing N N 122 
DT  OP3   P      sing N N 123 
DT  OP3   HOP3   sing N N 124 
DT  P     OP1    doub N N 125 
DT  P     OP2    sing N N 126 
DT  P     "O5'"  sing N N 127 
DT  OP2   HOP2   sing N N 128 
DT  "O5'" "C5'"  sing N N 129 
DT  "C5'" "C4'"  sing N N 130 
DT  "C5'" "H5'"  sing N N 131 
DT  "C5'" "H5''" sing N N 132 
DT  "C4'" "O4'"  sing N N 133 
DT  "C4'" "C3'"  sing N N 134 
DT  "C4'" "H4'"  sing N N 135 
DT  "O4'" "C1'"  sing N N 136 
DT  "C3'" "O3'"  sing N N 137 
DT  "C3'" "C2'"  sing N N 138 
DT  "C3'" "H3'"  sing N N 139 
DT  "O3'" "HO3'" sing N N 140 
DT  "C2'" "C1'"  sing N N 141 
DT  "C2'" "H2'"  sing N N 142 
DT  "C2'" "H2''" sing N N 143 
DT  "C1'" N1     sing N N 144 
DT  "C1'" "H1'"  sing N N 145 
DT  N1    C2     sing N N 146 
DT  N1    C6     sing N N 147 
DT  C2    O2     doub N N 148 
DT  C2    N3     sing N N 149 
DT  N3    C4     sing N N 150 
DT  N3    H3     sing N N 151 
DT  C4    O4     doub N N 152 
DT  C4    C5     sing N N 153 
DT  C5    C7     sing N N 154 
DT  C5    C6     doub N N 155 
DT  C7    H71    sing N N 156 
DT  C7    H72    sing N N 157 
DT  C7    H73    sing N N 158 
DT  C6    H6     sing N N 159 
# 
loop_
_ndb_struct_conf_na.entry_id 
_ndb_struct_conf_na.feature 
6XFC 'double helix'        
6XFC 'a-form double helix' 
6XFC 'b-form double helix' 
# 
loop_
_ndb_struct_na_base_pair.model_number 
_ndb_struct_na_base_pair.i_label_asym_id 
_ndb_struct_na_base_pair.i_label_comp_id 
_ndb_struct_na_base_pair.i_label_seq_id 
_ndb_struct_na_base_pair.i_symmetry 
_ndb_struct_na_base_pair.j_label_asym_id 
_ndb_struct_na_base_pair.j_label_comp_id 
_ndb_struct_na_base_pair.j_label_seq_id 
_ndb_struct_na_base_pair.j_symmetry 
_ndb_struct_na_base_pair.shear 
_ndb_struct_na_base_pair.stretch 
_ndb_struct_na_base_pair.stagger 
_ndb_struct_na_base_pair.buckle 
_ndb_struct_na_base_pair.propeller 
_ndb_struct_na_base_pair.opening 
_ndb_struct_na_base_pair.pair_number 
_ndb_struct_na_base_pair.pair_name 
_ndb_struct_na_base_pair.i_auth_asym_id 
_ndb_struct_na_base_pair.i_auth_seq_id 
_ndb_struct_na_base_pair.i_PDB_ins_code 
_ndb_struct_na_base_pair.j_auth_asym_id 
_ndb_struct_na_base_pair.j_auth_seq_id 
_ndb_struct_na_base_pair.j_PDB_ins_code 
_ndb_struct_na_base_pair.hbond_type_28 
_ndb_struct_na_base_pair.hbond_type_12 
1 A DG 3  1_555 D DC 16 1_555 -0.405 0.728  0.323  -7.638  -23.043 11.380  1  A_DG3:DC16_D A 3  ? D 16 ? ?  1 
1 A DC 4  1_555 D DG 15 1_555 0.128  0.296  0.202  -13.065 -11.146 2.142   2  A_DC4:DG15_D A 4  ? D 15 ? 19 1 
1 A DA 5  1_555 D DT 14 1_555 -0.600 0.113  -0.040 -0.514  -5.315  0.412   3  A_DA5:DT14_D A 5  ? D 14 ? 20 1 
1 A DG 6  1_555 D DC 13 1_555 0.119  -0.095 0.318  8.151   -13.100 0.692   4  A_DG6:DC13_D A 6  ? D 13 ? 19 1 
1 A DA 7  1_555 D DT 12 1_555 0.048  -0.166 0.231  2.152   -12.007 -8.529  5  A_DA7:DT12_D A 7  ? D 12 ? 20 1 
1 A DC 8  1_555 D DG 11 1_555 0.048  -0.295 0.174  10.001  -12.200 1.546   6  A_DC8:DG11_D A 8  ? D 11 ? 19 1 
1 A DG 9  1_555 D DC 10 1_555 -0.179 0.059  -0.012 1.705   -5.504  2.059   7  A_DG9:DC10_D A 9  ? D 10 ? 19 1 
1 A DA 10 1_555 C DT 2  1_555 -0.090 -0.251 0.565  3.917   -4.813  0.129   8  A_DA10:DT2_C A 10 ? C 2  ? 20 1 
1 A DG 11 1_555 C DC 1  1_555 0.121  -0.402 0.436  4.604   -9.212  0.848   9  A_DG11:DC1_C A 11 ? C 1  ? 19 1 
1 B DA 1  1_555 C DT 5  1_555 0.692  -0.256 0.180  6.310   -7.572  -10.140 10 B_DA12:DT5_C B 12 ? C 5  ? 20 1 
1 B DC 2  1_555 C DG 4  1_555 -0.003 -0.541 0.472  3.048   -14.861 -3.810  11 B_DC13:DG4_C B 13 ? C 4  ? 19 1 
1 B DT 3  1_555 C DA 3  1_555 -0.624 -0.413 0.290  -0.109  -11.555 -12.105 12 B_DT14:DA3_C B 14 ? C 3  ? 20 1 
1 B DC 4  1_555 D DG 9  1_555 0.056  -0.057 0.428  -6.966  -11.770 1.517   13 B_DC15:DG9_D B 15 ? D 9  ? 19 1 
1 B DC 5  1_555 D DG 8  1_555 0.002  0.075  0.292  7.700   -13.959 4.700   14 B_DC16:DG8_D B 16 ? D 8  ? 19 1 
1 B DA 6  1_555 D DT 7  1_555 0.605  -0.232 0.243  -2.500  -14.670 -5.528  15 B_DA17:DT7_D B 17 ? D 7  ? 20 1 
1 B DC 7  1_555 D DG 6  1_555 -0.195 -0.236 0.046  5.379   -12.610 3.429   16 B_DC18:DG6_D B 18 ? D 6  ? 19 1 
1 B DT 8  1_555 D DA 5  1_555 0.392  0.988  -0.048 12.228  -12.827 15.085  17 B_DT19:DA5_D B 19 ? D 5  ? ?  ? 
1 B DC 9  1_555 D DG 4  1_555 0.832  0.661  0.202  8.728   -17.478 13.330  18 B_DC20:DG4_D B 20 ? D 4  ? ?  1 
1 B DA 10 1_555 D DT 3  1_555 0.426  0.164  0.948  9.459   -20.298 13.053  19 B_DA21:DT3_D B 21 ? D 3  ? ?  1 
# 
loop_
_ndb_struct_na_base_pair_step.model_number 
_ndb_struct_na_base_pair_step.i_label_asym_id_1 
_ndb_struct_na_base_pair_step.i_label_comp_id_1 
_ndb_struct_na_base_pair_step.i_label_seq_id_1 
_ndb_struct_na_base_pair_step.i_symmetry_1 
_ndb_struct_na_base_pair_step.j_label_asym_id_1 
_ndb_struct_na_base_pair_step.j_label_comp_id_1 
_ndb_struct_na_base_pair_step.j_label_seq_id_1 
_ndb_struct_na_base_pair_step.j_symmetry_1 
_ndb_struct_na_base_pair_step.i_label_asym_id_2 
_ndb_struct_na_base_pair_step.i_label_comp_id_2 
_ndb_struct_na_base_pair_step.i_label_seq_id_2 
_ndb_struct_na_base_pair_step.i_symmetry_2 
_ndb_struct_na_base_pair_step.j_label_asym_id_2 
_ndb_struct_na_base_pair_step.j_label_comp_id_2 
_ndb_struct_na_base_pair_step.j_label_seq_id_2 
_ndb_struct_na_base_pair_step.j_symmetry_2 
_ndb_struct_na_base_pair_step.shift 
_ndb_struct_na_base_pair_step.slide 
_ndb_struct_na_base_pair_step.rise 
_ndb_struct_na_base_pair_step.tilt 
_ndb_struct_na_base_pair_step.roll 
_ndb_struct_na_base_pair_step.twist 
_ndb_struct_na_base_pair_step.x_displacement 
_ndb_struct_na_base_pair_step.y_displacement 
_ndb_struct_na_base_pair_step.helical_rise 
_ndb_struct_na_base_pair_step.inclination 
_ndb_struct_na_base_pair_step.tip 
_ndb_struct_na_base_pair_step.helical_twist 
_ndb_struct_na_base_pair_step.step_number 
_ndb_struct_na_base_pair_step.step_name 
_ndb_struct_na_base_pair_step.i_auth_asym_id_1 
_ndb_struct_na_base_pair_step.i_auth_seq_id_1 
_ndb_struct_na_base_pair_step.i_PDB_ins_code_1 
_ndb_struct_na_base_pair_step.j_auth_asym_id_1 
_ndb_struct_na_base_pair_step.j_auth_seq_id_1 
_ndb_struct_na_base_pair_step.j_PDB_ins_code_1 
_ndb_struct_na_base_pair_step.i_auth_asym_id_2 
_ndb_struct_na_base_pair_step.i_auth_seq_id_2 
_ndb_struct_na_base_pair_step.i_PDB_ins_code_2 
_ndb_struct_na_base_pair_step.j_auth_asym_id_2 
_ndb_struct_na_base_pair_step.j_auth_seq_id_2 
_ndb_struct_na_base_pair_step.j_PDB_ins_code_2 
1 A DG 3  1_555 D DC 16 1_555 A DC 4  1_555 D DG 15 1_555 -0.641 -0.328 3.356 -1.719 -1.275 32.528 -0.355 0.833  3.394 -2.273 
3.064  32.596 1  AA_DG3DC4:DG15DC16_DD A 3  ? D 16 ? A 4  ? D 15 ? 
1 A DC 4  1_555 D DG 15 1_555 A DA 5  1_555 D DT 14 1_555 -0.524 1.396  3.139 0.391  3.341  31.325 1.960  1.037  3.260 6.165  
-0.721 31.501 2  AA_DC4DA5:DT14DG15_DD A 4  ? D 15 ? A 5  ? D 14 ? 
1 A DA 5  1_555 D DT 14 1_555 A DG 6  1_555 D DC 13 1_555 0.099  0.082  3.063 -3.208 3.843  35.536 -0.382 -0.591 3.035 6.258  
5.224  35.876 3  AA_DA5DG6:DC13DT14_DD A 5  ? D 14 ? A 6  ? D 13 ? 
1 A DG 6  1_555 D DC 13 1_555 A DA 7  1_555 D DT 12 1_555 -0.259 -0.615 3.337 -0.427 -0.921 36.689 -0.848 0.351  3.353 -1.463 
0.678  36.702 4  AA_DG6DA7:DT12DC13_DD A 6  ? D 13 ? A 7  ? D 12 ? 
1 A DA 7  1_555 D DT 12 1_555 A DC 8  1_555 D DG 11 1_555 1.030  -0.883 3.136 -0.460 -0.670 32.008 -1.484 -1.948 3.139 -1.216 
0.834  32.018 5  AA_DA7DC8:DG11DT12_DD A 7  ? D 12 ? A 8  ? D 11 ? 
1 A DC 8  1_555 D DG 11 1_555 A DG 9  1_555 D DC 10 1_555 -0.237 -1.039 3.482 -3.175 5.944  33.137 -2.788 -0.127 3.260 10.289 
5.497  33.797 6  AA_DC8DG9:DC10DG11_DD A 8  ? D 11 ? A 9  ? D 10 ? 
1 A DG 9  1_555 D DC 10 1_555 A DA 10 1_555 C DT 2  1_555 -1.353 -0.764 3.090 -5.900 -1.896 33.369 -1.009 1.384  3.311 -3.268 
10.166 33.924 7  AA_DG9DA10:DT2DC10_CD A 9  ? D 10 ? A 10 ? C 2  ? 
1 A DA 10 1_555 C DT 2  1_555 A DG 11 1_555 C DC 1  1_555 -0.017 -0.287 3.371 0.359  0.737  30.058 -0.708 0.109  3.362 1.421  
-0.692 30.069 8  AA_DA10DG11:DC1DT2_CC A 10 ? C 2  ? A 11 ? C 1  ? 
1 B DA 1  1_555 C DT 5  1_555 B DC 2  1_555 C DG 4  1_555 1.084  -1.210 3.309 -3.987 -0.243 27.740 -2.442 -3.171 3.135 -0.504 
8.262  28.020 9  BB_DA12DC13:DG4DT5_CC B 12 ? C 5  ? B 13 ? C 4  ? 
1 B DC 2  1_555 C DG 4  1_555 B DT 3  1_555 C DA 3  1_555 -0.625 -1.616 3.290 -0.102 0.186  36.503 -2.605 0.984  3.284 0.297  
0.163  36.504 10 BB_DC13DT14:DA3DG4_CC B 13 ? C 4  ? B 14 ? C 3  ? 
1 B DT 3  1_555 C DA 3  1_555 B DC 4  1_555 D DG 9  1_555 -0.232 -1.224 3.319 -0.148 0.694  32.775 -2.290 0.386  3.294 1.230  
0.262  32.783 11 BB_DT14DC15:DG9DA3_DC B 14 ? C 3  ? B 15 ? D 9  ? 
1 B DC 4  1_555 D DG 9  1_555 B DC 5  1_555 D DG 8  1_555 -0.428 0.456  3.026 1.762  5.214  27.629 -0.203 1.265  3.026 10.782 
-3.643 28.161 12 BB_DC15DC16:DG8DG9_DD B 15 ? D 9  ? B 16 ? D 8  ? 
1 B DC 5  1_555 D DG 8  1_555 B DA 6  1_555 D DT 7  1_555 -0.260 2.259  3.653 -1.736 -4.529 49.559 3.045  0.170  3.453 -5.388 
2.065  49.781 13 BB_DC16DA17:DT7DG8_DD B 16 ? D 8  ? B 17 ? D 7  ? 
1 B DA 6  1_555 D DT 7  1_555 B DC 7  1_555 D DG 6  1_555 0.519  -0.782 3.029 -0.131 3.270  25.729 -2.565 -1.190 2.906 7.306  
0.293  25.933 14 BB_DA17DC18:DG6DT7_DD B 17 ? D 7  ? B 18 ? D 6  ? 
1 B DC 7  1_555 D DG 6  1_555 B DT 8  1_555 D DA 5  1_555 0.319  -0.409 3.197 0.347  1.938  33.789 -1.007 -0.493 3.172 3.331  
-0.596 33.844 15 BB_DC18DT19:DA5DG6_DD B 18 ? D 6  ? B 19 ? D 5  ? 
1 B DT 8  1_555 D DA 5  1_555 B DC 9  1_555 D DG 4  1_555 0.571  1.642  3.521 4.070  3.002  38.103 2.083  -0.309 3.674 4.574  
-6.201 38.425 16 BB_DT19DC20:DG4DA5_DD B 19 ? D 5  ? B 20 ? D 4  ? 
1 B DC 9  1_555 D DG 4  1_555 B DA 10 1_555 D DT 3  1_555 0.282  1.609  3.317 -3.081 -1.968 40.146 2.557  -0.757 3.208 -2.860 
4.478  40.305 17 BB_DC20DA21:DT3DG4_DD B 20 ? D 4  ? B 21 ? D 3  ? 
# 
loop_
_pdbx_audit_support.funding_organization 
_pdbx_audit_support.country 
_pdbx_audit_support.grant_number 
_pdbx_audit_support.ordinal 
'National Science Foundation (NSF, United States)'                                         'United States' 1360635     1 
'National Institutes of Health/National Institute of General Medical Sciences (NIH/NIGMS)' 'United States' R01GM104960 2 
'National Science Foundation (NSF, United States)'                                         'United States' NSF2004250  3 
# 
_pdbx_entity_nonpoly.entity_id   5 
_pdbx_entity_nonpoly.name        'CACODYLATE ION' 
_pdbx_entity_nonpoly.comp_id     CAC 
# 
_pdbx_initial_refinement_model.id               1 
_pdbx_initial_refinement_model.entity_id_list   ? 
_pdbx_initial_refinement_model.type             'experimental model' 
_pdbx_initial_refinement_model.source_name      PDB 
_pdbx_initial_refinement_model.accession_code   6X8C 
_pdbx_initial_refinement_model.details          ? 
# 
_pdbx_struct_assembly_auth_evidence.id                     1 
_pdbx_struct_assembly_auth_evidence.assembly_id            1 
_pdbx_struct_assembly_auth_evidence.experimental_support   none 
_pdbx_struct_assembly_auth_evidence.details                ? 
# 
